data_1I4K
#
_entry.id   1I4K
#
_cell.length_a   110.397
_cell.length_b   64.563
_cell.length_c   129.862
_cell.angle_alpha   90
_cell.angle_beta   92.09
_cell.angle_gamma   90
#
_symmetry.space_group_name_H-M   'P 1 21 1'
#
loop_
_entity.id
_entity.type
_entity.pdbx_description
1 polymer 'PUTATIVE SNRNP SM-LIKE PROTEIN'
2 non-polymer 'CITRIC ACID'
3 water water
#
_entity_poly.entity_id   1
_entity_poly.type   'polypeptide(L)'
_entity_poly.pdbx_seq_one_letter_code
;MPPRPLDVLNRSLKSPVIVRLKGGREFRGTLDGYDIHMNLVLLDAEEIQNGEVVRKVGSVVIRGDTVVFVSPAPGGE
;
_entity_poly.pdbx_strand_id   A,B,C,D,E,F,G,H,I,J,K,L,M,N,O,P,Q,R,S,T,U,V,W,X,Y,Z,1,2
#
loop_
_chem_comp.id
_chem_comp.type
_chem_comp.name
_chem_comp.formula
CIT non-polymer 'CITRIC ACID' 'C6 H8 O7'
#
# COMPACT_ATOMS: atom_id res chain seq x y z
N PRO A 3 15.40 0.96 14.91
CA PRO A 3 14.50 -0.13 15.36
C PRO A 3 13.08 0.02 14.80
N ARG A 4 12.30 0.95 15.36
CA ARG A 4 10.95 1.16 14.87
C ARG A 4 10.88 2.33 13.92
N PRO A 5 10.13 2.17 12.81
CA PRO A 5 9.94 3.18 11.78
C PRO A 5 9.55 4.57 12.24
N LEU A 6 8.53 4.66 13.08
CA LEU A 6 8.08 5.95 13.57
C LEU A 6 9.20 6.72 14.28
N ASP A 7 10.07 6.00 14.99
CA ASP A 7 11.17 6.65 15.71
C ASP A 7 12.04 7.48 14.77
N VAL A 8 12.33 6.93 13.60
CA VAL A 8 13.14 7.61 12.59
C VAL A 8 12.38 8.79 12.00
N LEU A 9 11.07 8.80 12.20
CA LEU A 9 10.21 9.87 11.71
C LEU A 9 10.28 10.99 12.75
N ASN A 10 10.44 10.59 14.01
CA ASN A 10 10.55 11.52 15.13
C ASN A 10 11.82 12.35 14.95
N ARG A 11 12.89 11.69 14.50
CA ARG A 11 14.16 12.36 14.26
C ARG A 11 14.00 13.60 13.36
N SER A 12 12.93 13.62 12.56
CA SER A 12 12.67 14.72 11.62
C SER A 12 11.77 15.86 12.07
N LEU A 13 11.24 15.80 13.30
CA LEU A 13 10.38 16.87 13.80
C LEU A 13 11.03 18.25 13.60
N LYS A 14 10.30 19.16 12.95
CA LYS A 14 10.76 20.53 12.68
C LYS A 14 11.75 20.66 11.52
N SER A 15 11.98 19.55 10.82
CA SER A 15 12.88 19.53 9.67
C SER A 15 12.08 19.19 8.42
N PRO A 16 12.45 19.75 7.26
CA PRO A 16 11.69 19.45 6.04
C PRO A 16 11.78 17.99 5.58
N VAL A 17 10.67 17.49 5.04
CA VAL A 17 10.61 16.12 4.57
C VAL A 17 9.93 16.07 3.23
N ILE A 18 9.89 14.86 2.67
CA ILE A 18 9.23 14.63 1.39
C ILE A 18 8.22 13.53 1.66
N VAL A 19 6.98 13.75 1.25
CA VAL A 19 5.95 12.77 1.45
C VAL A 19 5.36 12.38 0.11
N ARG A 20 5.56 11.14 -0.29
CA ARG A 20 5.03 10.63 -1.55
C ARG A 20 3.63 10.03 -1.26
N LEU A 21 2.63 10.51 -1.98
CA LEU A 21 1.25 10.04 -1.81
C LEU A 21 0.89 9.02 -2.87
N LYS A 22 -0.21 8.28 -2.64
CA LYS A 22 -0.71 7.31 -3.62
C LYS A 22 -1.31 8.17 -4.76
N GLY A 23 -0.98 7.82 -5.99
CA GLY A 23 -1.46 8.57 -7.13
C GLY A 23 -0.28 9.19 -7.82
N GLY A 24 0.80 9.36 -7.07
CA GLY A 24 2.01 9.92 -7.62
C GLY A 24 2.36 11.32 -7.13
N ARG A 25 1.44 11.99 -6.46
CA ARG A 25 1.73 13.33 -5.96
C ARG A 25 2.64 13.35 -4.75
N GLU A 26 3.21 14.51 -4.49
CA GLU A 26 4.12 14.70 -3.37
C GLU A 26 3.81 15.96 -2.58
N PHE A 27 4.29 15.96 -1.35
CA PHE A 27 4.16 17.09 -0.47
C PHE A 27 5.54 17.30 0.09
N ARG A 28 5.99 18.55 0.07
CA ARG A 28 7.30 18.91 0.60
C ARG A 28 6.99 19.94 1.66
N GLY A 29 7.50 19.74 2.87
CA GLY A 29 7.22 20.70 3.92
C GLY A 29 7.90 20.40 5.24
N THR A 30 7.57 21.19 6.25
CA THR A 30 8.18 20.99 7.55
C THR A 30 7.34 20.00 8.35
N LEU A 31 7.97 18.92 8.79
CA LEU A 31 7.27 17.91 9.57
C LEU A 31 7.08 18.43 11.00
N ASP A 32 5.85 18.76 11.35
CA ASP A 32 5.57 19.28 12.69
C ASP A 32 4.98 18.24 13.64
N GLY A 33 4.40 17.18 13.09
CA GLY A 33 3.83 16.14 13.94
C GLY A 33 3.40 14.92 13.17
N TYR A 34 3.01 13.87 13.91
CA TYR A 34 2.55 12.63 13.31
C TYR A 34 2.03 11.70 14.42
N ASP A 35 1.32 10.65 14.03
CA ASP A 35 0.82 9.64 14.97
C ASP A 35 1.05 8.20 14.45
N ILE A 36 0.46 7.22 15.13
CA ILE A 36 0.61 5.79 14.79
C ILE A 36 -0.02 5.38 13.45
N HIS A 37 -1.13 6.04 13.09
CA HIS A 37 -1.83 5.77 11.83
C HIS A 37 -0.96 6.31 10.73
N MET A 38 0.10 6.99 11.14
CA MET A 38 1.04 7.63 10.24
C MET A 38 0.43 8.88 9.59
N ASN A 39 -0.53 9.50 10.26
CA ASN A 39 -1.09 10.76 9.75
C ASN A 39 0.05 11.77 9.99
N LEU A 40 0.16 12.78 9.13
CA LEU A 40 1.22 13.78 9.23
C LEU A 40 0.73 15.21 9.25
N VAL A 41 1.55 16.04 9.89
CA VAL A 41 1.29 17.46 9.97
C VAL A 41 2.50 18.15 9.35
N LEU A 42 2.26 18.93 8.30
CA LEU A 42 3.34 19.65 7.65
C LEU A 42 3.02 21.14 7.64
N LEU A 43 4.04 21.97 7.86
CA LEU A 43 3.88 23.41 7.85
C LEU A 43 4.57 23.97 6.60
N ASP A 44 4.08 25.13 6.13
CA ASP A 44 4.63 25.78 4.95
C ASP A 44 5.03 24.74 3.92
N ALA A 45 4.02 24.10 3.34
CA ALA A 45 4.25 23.04 2.38
C ALA A 45 3.73 23.30 0.99
N GLU A 46 4.27 22.52 0.05
CA GLU A 46 3.93 22.59 -1.37
C GLU A 46 3.52 21.21 -1.91
N GLU A 47 2.48 21.18 -2.71
CA GLU A 47 2.05 19.91 -3.30
C GLU A 47 2.72 19.88 -4.67
N ILE A 48 3.32 18.75 -5.02
CA ILE A 48 4.03 18.68 -6.29
C ILE A 48 3.54 17.63 -7.26
N GLN A 49 3.43 18.05 -8.52
CA GLN A 49 2.98 17.19 -9.61
C GLN A 49 3.91 17.36 -10.82
N ASN A 50 4.66 16.32 -11.13
CA ASN A 50 5.60 16.30 -12.26
C ASN A 50 6.51 17.53 -12.41
N GLY A 51 7.34 17.74 -11.39
CA GLY A 51 8.29 18.85 -11.42
C GLY A 51 7.76 20.26 -11.17
N GLU A 52 6.46 20.38 -10.93
CA GLU A 52 5.88 21.70 -10.69
C GLU A 52 5.07 21.78 -9.39
N VAL A 53 5.14 22.94 -8.75
CA VAL A 53 4.42 23.21 -7.52
C VAL A 53 3.00 23.53 -7.93
N VAL A 54 2.05 22.66 -7.58
CA VAL A 54 0.65 22.83 -7.96
C VAL A 54 -0.21 23.44 -6.87
N ARG A 55 0.33 23.51 -5.66
CA ARG A 55 -0.41 24.07 -4.54
C ARG A 55 0.46 24.40 -3.34
N LYS A 56 0.06 25.47 -2.65
CA LYS A 56 0.74 25.93 -1.44
C LYS A 56 -0.30 26.00 -0.32
N VAL A 57 0.09 25.53 0.85
CA VAL A 57 -0.79 25.53 2.01
C VAL A 57 0.08 25.87 3.23
N GLY A 58 -0.44 26.69 4.14
CA GLY A 58 0.32 27.08 5.31
C GLY A 58 0.55 25.95 6.29
N SER A 59 -0.28 24.92 6.18
CA SER A 59 -0.18 23.75 7.02
C SER A 59 -1.16 22.73 6.48
N VAL A 60 -0.82 21.46 6.65
CA VAL A 60 -1.70 20.41 6.16
C VAL A 60 -1.58 19.14 6.99
N VAL A 61 -2.71 18.46 7.18
CA VAL A 61 -2.76 17.18 7.91
C VAL A 61 -3.03 16.12 6.86
N ILE A 62 -2.07 15.21 6.67
CA ILE A 62 -2.23 14.14 5.68
C ILE A 62 -2.62 12.81 6.32
N ARG A 63 -3.62 12.13 5.74
CA ARG A 63 -4.08 10.83 6.23
C ARG A 63 -2.98 9.80 5.93
N GLY A 64 -2.57 9.07 6.96
CA GLY A 64 -1.52 8.08 6.81
C GLY A 64 -1.80 7.14 5.67
N ASP A 65 -3.06 6.73 5.57
CA ASP A 65 -3.52 5.82 4.55
C ASP A 65 -3.04 6.17 3.13
N THR A 66 -3.05 7.44 2.76
CA THR A 66 -2.65 7.85 1.41
C THR A 66 -1.14 7.98 1.18
N VAL A 67 -0.36 7.76 2.23
CA VAL A 67 1.09 7.89 2.15
C VAL A 67 1.82 6.63 1.71
N VAL A 68 2.83 6.79 0.86
CA VAL A 68 3.64 5.65 0.42
C VAL A 68 4.93 5.70 1.26
N PHE A 69 5.55 6.88 1.32
CA PHE A 69 6.76 7.05 2.11
C PHE A 69 7.06 8.51 2.49
N VAL A 70 7.92 8.65 3.50
CA VAL A 70 8.34 9.95 4.02
C VAL A 70 9.86 9.96 4.15
N SER A 71 10.50 11.00 3.60
CA SER A 71 11.95 11.10 3.73
C SER A 71 12.42 12.53 3.98
N PRO A 72 13.61 12.70 4.58
CA PRO A 72 14.11 14.06 4.81
C PRO A 72 14.44 14.69 3.45
N ALA A 73 14.73 15.99 3.43
CA ALA A 73 15.09 16.66 2.18
C ALA A 73 16.25 15.87 1.57
N PRO A 74 16.27 15.70 0.23
CA PRO A 74 17.27 14.97 -0.54
C PRO A 74 18.74 15.19 -0.17
N PRO B 2 6.84 -23.33 12.10
CA PRO B 2 7.12 -22.80 10.75
C PRO B 2 7.96 -21.54 10.84
N PRO B 3 9.12 -21.50 10.15
CA PRO B 3 9.98 -20.32 10.18
C PRO B 3 9.11 -19.09 9.93
N ARG B 4 9.41 -17.99 10.58
CA ARG B 4 8.59 -16.80 10.42
C ARG B 4 9.16 -15.69 9.54
N PRO B 5 8.39 -15.30 8.51
CA PRO B 5 8.82 -14.24 7.57
C PRO B 5 9.52 -13.08 8.28
N LEU B 6 8.90 -12.54 9.33
CA LEU B 6 9.51 -11.41 10.06
C LEU B 6 10.92 -11.71 10.63
N ASP B 7 11.20 -12.96 11.00
CA ASP B 7 12.51 -13.32 11.52
C ASP B 7 13.57 -13.34 10.42
N VAL B 8 13.14 -13.73 9.24
CA VAL B 8 14.04 -13.76 8.10
C VAL B 8 14.35 -12.30 7.78
N LEU B 9 13.34 -11.45 7.97
CA LEU B 9 13.44 -10.04 7.72
C LEU B 9 14.43 -9.46 8.73
N ASN B 10 14.40 -9.98 9.97
CA ASN B 10 15.32 -9.50 11.00
C ASN B 10 16.78 -9.83 10.67
N ARG B 11 17.00 -11.03 10.12
CA ARG B 11 18.34 -11.49 9.73
C ARG B 11 18.94 -10.64 8.62
N SER B 12 18.17 -9.64 8.17
CA SER B 12 18.58 -8.74 7.10
C SER B 12 18.84 -7.31 7.57
N LEU B 13 18.62 -7.06 8.86
CA LEU B 13 18.91 -5.75 9.43
C LEU B 13 20.36 -5.36 9.09
N LYS B 14 20.58 -4.07 8.89
CA LYS B 14 21.89 -3.50 8.53
C LYS B 14 22.51 -4.08 7.25
N SER B 15 21.66 -4.67 6.41
CA SER B 15 22.11 -5.26 5.15
C SER B 15 21.28 -4.72 3.98
N PRO B 16 21.88 -4.64 2.80
CA PRO B 16 21.16 -4.13 1.62
C PRO B 16 20.00 -5.00 1.12
N VAL B 17 18.82 -4.39 0.97
CA VAL B 17 17.64 -5.11 0.48
C VAL B 17 17.04 -4.40 -0.72
N ILE B 18 16.12 -5.10 -1.37
CA ILE B 18 15.39 -4.57 -2.51
C ILE B 18 13.93 -4.60 -2.07
N VAL B 19 13.27 -3.45 -2.12
CA VAL B 19 11.88 -3.39 -1.73
C VAL B 19 10.98 -3.00 -2.90
N ARG B 20 10.08 -3.91 -3.25
CA ARG B 20 9.13 -3.68 -4.34
C ARG B 20 7.85 -3.10 -3.77
N LEU B 21 7.40 -1.96 -4.29
CA LEU B 21 6.14 -1.35 -3.82
C LEU B 21 5.05 -1.48 -4.86
N LYS B 22 3.81 -1.18 -4.48
CA LYS B 22 2.68 -1.23 -5.42
C LYS B 22 2.90 -0.24 -6.56
N GLY B 23 2.58 -0.65 -7.79
CA GLY B 23 2.75 0.24 -8.93
C GLY B 23 4.11 0.35 -9.57
N GLY B 24 4.91 -0.71 -9.45
CA GLY B 24 6.23 -0.70 -10.06
C GLY B 24 7.29 0.16 -9.39
N ARG B 25 6.95 0.85 -8.30
CA ARG B 25 7.96 1.66 -7.63
C ARG B 25 8.90 0.71 -6.85
N GLU B 26 10.12 1.16 -6.62
CA GLU B 26 11.09 0.32 -5.95
C GLU B 26 12.04 1.11 -5.04
N PHE B 27 12.70 0.42 -4.13
CA PHE B 27 13.67 1.05 -3.24
C PHE B 27 14.82 0.08 -3.02
N ARG B 28 16.04 0.62 -3.10
CA ARG B 28 17.23 -0.18 -2.85
C ARG B 28 17.98 0.61 -1.78
N GLY B 29 18.13 -0.01 -0.61
CA GLY B 29 18.80 0.66 0.48
C GLY B 29 19.12 -0.34 1.57
N THR B 30 19.63 0.13 2.69
CA THR B 30 19.98 -0.77 3.78
C THR B 30 18.84 -0.87 4.80
N LEU B 31 18.46 -2.09 5.16
CA LEU B 31 17.36 -2.30 6.10
C LEU B 31 17.73 -1.91 7.52
N ASP B 32 16.97 -0.98 8.09
CA ASP B 32 17.27 -0.53 9.44
C ASP B 32 16.18 -0.81 10.47
N GLY B 33 14.98 -1.13 10.01
CA GLY B 33 13.91 -1.39 10.95
C GLY B 33 12.63 -1.81 10.27
N TYR B 34 11.66 -2.23 11.06
CA TYR B 34 10.39 -2.68 10.53
C TYR B 34 9.45 -3.06 11.66
N ASP B 35 8.17 -3.18 11.36
CA ASP B 35 7.22 -3.60 12.37
C ASP B 35 6.43 -4.81 11.82
N ILE B 36 5.46 -5.28 12.60
CA ILE B 36 4.63 -6.44 12.22
C ILE B 36 3.83 -6.24 10.94
N HIS B 37 3.45 -5.00 10.65
CA HIS B 37 2.69 -4.67 9.44
C HIS B 37 3.61 -4.49 8.24
N MET B 38 4.90 -4.61 8.50
CA MET B 38 5.92 -4.47 7.48
C MET B 38 6.14 -3.02 7.05
N ASN B 39 6.01 -2.10 8.00
CA ASN B 39 6.31 -0.70 7.72
C ASN B 39 7.85 -0.80 7.81
N LEU B 40 8.55 -0.14 6.89
CA LEU B 40 10.00 -0.24 6.86
C LEU B 40 10.78 1.06 6.99
N VAL B 41 12.05 0.89 7.34
CA VAL B 41 12.95 2.01 7.44
C VAL B 41 14.21 1.63 6.67
N LEU B 42 14.61 2.46 5.72
CA LEU B 42 15.82 2.17 4.96
C LEU B 42 16.78 3.34 5.11
N LEU B 43 18.06 3.03 5.25
CA LEU B 43 19.09 4.06 5.36
C LEU B 43 19.87 3.99 4.06
N ASP B 44 20.34 5.14 3.58
CA ASP B 44 21.09 5.21 2.33
C ASP B 44 20.34 4.42 1.26
N ALA B 45 19.17 4.97 0.88
CA ALA B 45 18.30 4.32 -0.11
C ALA B 45 18.08 5.13 -1.38
N GLU B 46 17.43 4.52 -2.35
CA GLU B 46 17.13 5.18 -3.60
C GLU B 46 15.81 4.70 -4.19
N GLU B 47 15.05 5.65 -4.71
CA GLU B 47 13.77 5.34 -5.32
C GLU B 47 13.97 5.04 -6.80
N ILE B 48 13.19 4.11 -7.32
CA ILE B 48 13.24 3.69 -8.70
C ILE B 48 11.83 3.52 -9.24
N GLN B 49 11.56 4.30 -10.30
CA GLN B 49 10.28 4.26 -11.03
C GLN B 49 10.49 3.91 -12.48
N ASN B 50 9.75 2.94 -12.97
CA ASN B 50 9.87 2.57 -14.39
C ASN B 50 11.30 2.25 -14.81
N GLY B 51 12.08 1.61 -13.93
CA GLY B 51 13.41 1.21 -14.31
C GLY B 51 14.48 2.32 -14.18
N GLU B 52 14.10 3.51 -13.76
CA GLU B 52 15.13 4.56 -13.62
C GLU B 52 15.17 5.13 -12.21
N VAL B 53 16.37 5.50 -11.75
CA VAL B 53 16.46 6.15 -10.46
C VAL B 53 15.72 7.48 -10.52
N VAL B 54 15.08 7.87 -9.42
CA VAL B 54 14.33 9.12 -9.40
C VAL B 54 14.70 10.01 -8.21
N ARG B 55 15.41 9.43 -7.25
CA ARG B 55 15.81 10.17 -6.06
C ARG B 55 16.66 9.31 -5.14
N LYS B 56 17.41 9.97 -4.27
CA LYS B 56 18.27 9.30 -3.30
C LYS B 56 18.02 9.96 -1.96
N VAL B 57 17.68 9.15 -0.96
CA VAL B 57 17.40 9.63 0.37
C VAL B 57 18.35 9.01 1.38
N GLY B 58 18.62 9.73 2.47
CA GLY B 58 19.51 9.23 3.50
C GLY B 58 18.77 8.24 4.35
N SER B 59 17.46 8.45 4.46
CA SER B 59 16.58 7.57 5.22
C SER B 59 15.20 7.74 4.63
N VAL B 60 14.38 6.69 4.74
CA VAL B 60 13.02 6.72 4.23
C VAL B 60 12.15 5.76 5.03
N VAL B 61 10.92 6.17 5.35
CA VAL B 61 10.00 5.28 6.05
C VAL B 61 8.95 4.95 4.99
N ILE B 62 8.72 3.65 4.83
CA ILE B 62 7.80 3.11 3.84
C ILE B 62 6.59 2.46 4.49
N ARG B 63 5.40 2.89 4.09
CA ARG B 63 4.18 2.32 4.64
C ARG B 63 4.04 0.86 4.22
N GLY B 64 3.77 0.00 5.20
CA GLY B 64 3.61 -1.41 4.92
C GLY B 64 2.62 -1.81 3.84
N ASP B 65 1.41 -1.25 3.85
CA ASP B 65 0.40 -1.62 2.86
C ASP B 65 0.82 -1.41 1.40
N THR B 66 1.89 -0.66 1.17
CA THR B 66 2.37 -0.42 -0.18
C THR B 66 3.41 -1.49 -0.59
N VAL B 67 4.02 -2.16 0.38
CA VAL B 67 5.06 -3.16 0.09
C VAL B 67 4.56 -4.47 -0.52
N VAL B 68 5.28 -4.96 -1.52
CA VAL B 68 4.93 -6.22 -2.16
C VAL B 68 5.88 -7.30 -1.64
N PHE B 69 7.18 -7.00 -1.63
CA PHE B 69 8.14 -7.95 -1.12
C PHE B 69 9.47 -7.31 -0.77
N VAL B 70 10.25 -8.01 0.03
CA VAL B 70 11.57 -7.54 0.41
C VAL B 70 12.58 -8.68 0.22
N SER B 71 13.68 -8.38 -0.46
CA SER B 71 14.71 -9.42 -0.65
C SER B 71 16.14 -8.88 -0.64
N PRO B 72 17.08 -9.68 -0.12
CA PRO B 72 18.49 -9.27 -0.06
C PRO B 72 18.96 -8.90 -1.47
N ALA B 73 19.78 -7.85 -1.56
CA ALA B 73 20.31 -7.38 -2.84
C ALA B 73 21.35 -8.32 -3.45
N PRO C 3 -9.09 -28.65 7.37
CA PRO C 3 -7.81 -28.60 6.66
C PRO C 3 -7.60 -27.26 6.22
N ARG C 4 -7.81 -26.35 7.11
CA ARG C 4 -7.75 -25.01 6.63
C ARG C 4 -6.47 -24.67 5.84
N PRO C 5 -6.58 -23.43 5.38
CA PRO C 5 -5.54 -22.82 4.54
C PRO C 5 -4.14 -22.94 5.03
N LEU C 6 -3.96 -22.58 6.25
CA LEU C 6 -2.62 -22.61 6.84
C LEU C 6 -2.08 -24.04 6.93
N ASP C 7 -2.98 -25.01 7.09
CA ASP C 7 -2.55 -26.40 7.18
C ASP C 7 -1.92 -26.81 5.83
N VAL C 8 -2.55 -26.39 4.74
CA VAL C 8 -2.04 -26.70 3.40
C VAL C 8 -0.66 -26.09 3.19
N LEU C 9 -0.47 -24.84 3.65
CA LEU C 9 0.83 -24.17 3.52
C LEU C 9 1.95 -24.91 4.29
N ASN C 10 1.62 -25.49 5.43
CA ASN C 10 2.62 -26.21 6.24
C ASN C 10 3.10 -27.46 5.51
N ARG C 11 2.16 -28.16 4.88
CA ARG C 11 2.47 -29.36 4.14
C ARG C 11 3.44 -29.07 3.01
N SER C 12 3.51 -27.79 2.61
CA SER C 12 4.39 -27.39 1.53
C SER C 12 5.74 -26.82 1.91
N LEU C 13 6.04 -26.79 3.22
CA LEU C 13 7.35 -26.30 3.64
C LEU C 13 8.43 -27.20 3.01
N LYS C 14 9.53 -26.57 2.59
CA LYS C 14 10.66 -27.26 1.97
C LYS C 14 10.32 -27.79 0.57
N SER C 15 9.13 -27.46 0.10
CA SER C 15 8.66 -27.88 -1.22
C SER C 15 8.48 -26.67 -2.11
N PRO C 16 8.53 -26.89 -3.42
CA PRO C 16 8.37 -25.78 -4.38
C PRO C 16 6.91 -25.37 -4.57
N VAL C 17 6.69 -24.05 -4.67
CA VAL C 17 5.35 -23.52 -4.86
C VAL C 17 5.24 -22.43 -5.94
N ILE C 18 4.00 -22.15 -6.34
CA ILE C 18 3.69 -21.09 -7.29
C ILE C 18 2.97 -20.01 -6.47
N VAL C 19 3.44 -18.78 -6.55
CA VAL C 19 2.82 -17.69 -5.82
C VAL C 19 2.41 -16.55 -6.73
N ARG C 20 1.10 -16.40 -6.92
CA ARG C 20 0.54 -15.36 -7.76
C ARG C 20 0.24 -14.10 -6.93
N LEU C 21 0.71 -12.96 -7.40
CA LEU C 21 0.49 -11.71 -6.69
C LEU C 21 -0.47 -10.79 -7.44
N LYS C 22 -1.02 -9.82 -6.71
CA LYS C 22 -1.91 -8.84 -7.32
C LYS C 22 -1.03 -7.98 -8.23
N GLY C 23 -1.45 -7.80 -9.47
CA GLY C 23 -0.66 -6.99 -10.39
C GLY C 23 0.06 -7.79 -11.45
N GLY C 24 -0.29 -9.07 -11.56
CA GLY C 24 0.34 -9.93 -12.54
C GLY C 24 1.60 -10.68 -12.12
N ARG C 25 2.41 -10.08 -11.25
CA ARG C 25 3.67 -10.72 -10.81
C ARG C 25 3.45 -12.12 -10.25
N GLU C 26 4.43 -12.98 -10.47
CA GLU C 26 4.39 -14.35 -10.00
C GLU C 26 5.76 -14.75 -9.44
N PHE C 27 5.74 -15.54 -8.37
CA PHE C 27 6.98 -16.02 -7.80
C PHE C 27 6.91 -17.53 -7.76
N ARG C 28 8.06 -18.17 -8.01
CA ARG C 28 8.16 -19.62 -7.99
C ARG C 28 9.39 -19.97 -7.19
N GLY C 29 9.20 -20.80 -6.16
CA GLY C 29 10.34 -21.16 -5.34
C GLY C 29 10.02 -22.12 -4.21
N THR C 30 11.00 -22.37 -3.37
CA THR C 30 10.80 -23.28 -2.26
C THR C 30 10.16 -22.46 -1.16
N LEU C 31 9.13 -23.04 -0.53
CA LEU C 31 8.44 -22.36 0.55
C LEU C 31 9.15 -22.59 1.87
N ASP C 32 9.79 -21.55 2.39
CA ASP C 32 10.52 -21.68 3.65
C ASP C 32 9.77 -21.19 4.89
N GLY C 33 8.75 -20.37 4.70
CA GLY C 33 8.02 -19.87 5.85
C GLY C 33 6.75 -19.10 5.57
N TYR C 34 5.91 -19.02 6.59
CA TYR C 34 4.65 -18.33 6.49
C TYR C 34 4.10 -18.03 7.87
N ASP C 35 3.12 -17.15 7.93
CA ASP C 35 2.45 -16.82 9.16
C ASP C 35 0.96 -16.61 8.86
N ILE C 36 0.18 -16.37 9.90
CA ILE C 36 -1.28 -16.18 9.79
C ILE C 36 -1.69 -15.10 8.82
N HIS C 37 -0.87 -14.04 8.76
CA HIS C 37 -1.11 -12.90 7.84
C HIS C 37 -0.91 -13.36 6.41
N MET C 38 -0.38 -14.57 6.28
CA MET C 38 -0.08 -15.18 5.00
C MET C 38 1.15 -14.53 4.33
N ASN C 39 2.05 -13.96 5.12
CA ASN C 39 3.27 -13.39 4.58
C ASN C 39 4.05 -14.64 4.22
N LEU C 40 4.89 -14.54 3.19
CA LEU C 40 5.60 -15.72 2.78
C LEU C 40 7.07 -15.50 2.61
N VAL C 41 7.81 -16.59 2.77
CA VAL C 41 9.25 -16.56 2.59
C VAL C 41 9.55 -17.66 1.58
N LEU C 42 10.19 -17.27 0.49
CA LEU C 42 10.56 -18.20 -0.55
C LEU C 42 12.07 -18.21 -0.69
N LEU C 43 12.61 -19.34 -1.11
CA LEU C 43 14.06 -19.51 -1.31
C LEU C 43 14.26 -19.86 -2.78
N ASP C 44 15.43 -19.51 -3.33
CA ASP C 44 15.73 -19.78 -4.73
C ASP C 44 14.47 -19.60 -5.57
N ALA C 45 14.03 -18.36 -5.64
CA ALA C 45 12.82 -18.03 -6.38
C ALA C 45 13.07 -17.15 -7.57
N GLU C 46 12.13 -17.24 -8.53
CA GLU C 46 12.17 -16.46 -9.75
C GLU C 46 10.94 -15.56 -9.77
N GLU C 47 11.12 -14.31 -10.13
CA GLU C 47 10.00 -13.40 -10.25
C GLU C 47 9.66 -13.54 -11.72
N ILE C 48 8.41 -13.86 -12.02
CA ILE C 48 7.97 -14.05 -13.39
C ILE C 48 6.91 -13.03 -13.75
N GLN C 49 7.04 -12.46 -14.94
CA GLN C 49 6.09 -11.46 -15.42
C GLN C 49 5.98 -11.51 -16.95
N ASN C 50 4.83 -12.00 -17.42
CA ASN C 50 4.53 -12.16 -18.84
C ASN C 50 5.17 -13.45 -19.38
N GLY C 51 5.48 -14.37 -18.46
CA GLY C 51 6.08 -15.64 -18.85
C GLY C 51 7.59 -15.59 -18.97
N GLU C 52 8.18 -14.47 -18.55
CA GLU C 52 9.63 -14.30 -18.62
C GLU C 52 10.24 -14.02 -17.26
N VAL C 53 11.30 -14.76 -16.92
CA VAL C 53 11.98 -14.57 -15.64
C VAL C 53 12.61 -13.17 -15.63
N VAL C 54 12.23 -12.37 -14.64
CA VAL C 54 12.75 -11.00 -14.52
C VAL C 54 13.63 -10.79 -13.29
N ARG C 55 13.86 -11.87 -12.54
CA ARG C 55 14.69 -11.78 -11.34
C ARG C 55 14.84 -13.14 -10.65
N LYS C 56 16.05 -13.42 -10.18
CA LYS C 56 16.36 -14.67 -9.48
C LYS C 56 16.87 -14.29 -8.10
N VAL C 57 16.15 -14.69 -7.05
CA VAL C 57 16.55 -14.33 -5.69
C VAL C 57 16.79 -15.52 -4.76
N GLY C 58 17.82 -15.41 -3.92
CA GLY C 58 18.13 -16.48 -2.99
C GLY C 58 17.04 -16.63 -1.96
N SER C 59 16.40 -15.50 -1.62
CA SER C 59 15.33 -15.48 -0.64
C SER C 59 14.46 -14.24 -0.80
N VAL C 60 13.15 -14.39 -0.62
CA VAL C 60 12.27 -13.24 -0.71
C VAL C 60 11.12 -13.33 0.30
N VAL C 61 10.82 -12.18 0.91
CA VAL C 61 9.71 -12.09 1.85
C VAL C 61 8.63 -11.32 1.12
N ILE C 62 7.45 -11.93 1.04
CA ILE C 62 6.27 -11.39 0.38
C ILE C 62 5.15 -11.01 1.38
N ARG C 63 4.63 -9.78 1.31
CA ARG C 63 3.53 -9.36 2.21
C ARG C 63 2.30 -10.14 1.83
N GLY C 64 1.66 -10.78 2.81
CA GLY C 64 0.47 -11.57 2.56
C GLY C 64 -0.66 -10.87 1.81
N ASP C 65 -0.85 -9.59 2.10
CA ASP C 65 -1.91 -8.78 1.49
C ASP C 65 -1.74 -8.66 -0.02
N THR C 66 -0.58 -9.02 -0.53
CA THR C 66 -0.30 -8.90 -1.95
C THR C 66 -0.49 -10.22 -2.72
N VAL C 67 -0.65 -11.29 -1.96
CA VAL C 67 -0.84 -12.63 -2.53
C VAL C 67 -2.27 -12.91 -2.93
N VAL C 68 -2.44 -13.51 -4.10
CA VAL C 68 -3.78 -13.90 -4.55
C VAL C 68 -3.96 -15.35 -4.13
N PHE C 69 -3.01 -16.19 -4.52
CA PHE C 69 -3.08 -17.60 -4.20
C PHE C 69 -1.71 -18.28 -4.18
N VAL C 70 -1.64 -19.38 -3.44
CA VAL C 70 -0.42 -20.16 -3.33
C VAL C 70 -0.71 -21.58 -3.77
N SER C 71 0.15 -22.14 -4.59
CA SER C 71 -0.08 -23.49 -5.07
C SER C 71 1.14 -24.39 -5.10
N PRO C 72 1.01 -25.63 -4.59
CA PRO C 72 2.12 -26.60 -4.59
C PRO C 72 2.40 -26.96 -6.04
N ALA C 73 3.67 -26.90 -6.42
CA ALA C 73 4.06 -27.21 -7.77
C ALA C 73 5.00 -28.40 -7.85
N PRO D 2 -30.09 -15.38 12.30
CA PRO D 2 -29.67 -15.19 10.91
C PRO D 2 -28.74 -16.25 10.35
N PRO D 3 -29.15 -17.16 9.54
CA PRO D 3 -28.07 -18.12 9.12
C PRO D 3 -26.78 -17.46 8.83
N ARG D 4 -25.71 -18.15 9.22
CA ARG D 4 -24.38 -17.60 8.96
C ARG D 4 -23.83 -18.01 7.59
N PRO D 5 -23.27 -17.03 6.85
CA PRO D 5 -22.70 -17.27 5.52
C PRO D 5 -21.58 -18.31 5.48
N LEU D 6 -20.75 -18.34 6.53
CA LEU D 6 -19.65 -19.31 6.60
C LEU D 6 -20.16 -20.76 6.71
N ASP D 7 -21.30 -20.94 7.37
CA ASP D 7 -21.85 -22.27 7.52
C ASP D 7 -22.23 -22.81 6.15
N VAL D 8 -22.35 -21.92 5.17
CA VAL D 8 -22.71 -22.38 3.83
C VAL D 8 -21.47 -22.93 3.12
N LEU D 9 -20.29 -22.49 3.54
CA LEU D 9 -19.05 -23.02 2.96
C LEU D 9 -18.87 -24.38 3.62
N ASN D 10 -19.10 -24.41 4.92
CA ASN D 10 -18.98 -25.63 5.73
C ASN D 10 -19.85 -26.74 5.14
N ARG D 11 -21.02 -26.37 4.64
CA ARG D 11 -21.95 -27.34 4.09
C ARG D 11 -21.51 -27.72 2.69
N SER D 12 -20.54 -26.97 2.16
CA SER D 12 -20.02 -27.23 0.83
C SER D 12 -18.72 -28.02 0.80
N LEU D 13 -18.18 -28.35 1.98
CA LEU D 13 -16.95 -29.14 2.07
C LEU D 13 -16.99 -30.45 1.28
N LYS D 14 -15.95 -30.69 0.47
CA LYS D 14 -15.81 -31.89 -0.34
C LYS D 14 -16.66 -31.88 -1.62
N SER D 15 -17.14 -30.71 -2.01
CA SER D 15 -17.95 -30.60 -3.22
C SER D 15 -17.45 -29.54 -4.21
N PRO D 16 -17.72 -29.73 -5.51
CA PRO D 16 -17.27 -28.76 -6.52
C PRO D 16 -17.92 -27.40 -6.35
N VAL D 17 -17.11 -26.35 -6.51
CA VAL D 17 -17.62 -24.99 -6.38
C VAL D 17 -16.96 -24.07 -7.40
N ILE D 18 -17.62 -22.95 -7.65
CA ILE D 18 -17.11 -21.92 -8.53
C ILE D 18 -16.76 -20.79 -7.59
N VAL D 19 -15.56 -20.23 -7.74
CA VAL D 19 -15.16 -19.13 -6.88
C VAL D 19 -14.79 -17.93 -7.77
N ARG D 20 -15.48 -16.81 -7.59
CA ARG D 20 -15.19 -15.60 -8.36
C ARG D 20 -14.20 -14.74 -7.58
N LEU D 21 -13.09 -14.37 -8.21
CA LEU D 21 -12.12 -13.51 -7.53
C LEU D 21 -12.14 -12.12 -8.16
N LYS D 22 -11.46 -11.17 -7.56
CA LYS D 22 -11.40 -9.83 -8.12
C LYS D 22 -10.48 -9.84 -9.35
N GLY D 23 -10.85 -9.04 -10.35
CA GLY D 23 -10.04 -8.92 -11.55
C GLY D 23 -10.37 -9.79 -12.76
N GLY D 24 -11.53 -10.42 -12.76
CA GLY D 24 -11.88 -11.28 -13.87
C GLY D 24 -11.33 -12.69 -13.74
N ARG D 25 -10.66 -12.96 -12.61
CA ARG D 25 -10.12 -14.30 -12.39
C ARG D 25 -11.19 -15.12 -11.67
N GLU D 26 -11.20 -16.41 -11.96
CA GLU D 26 -12.17 -17.33 -11.38
C GLU D 26 -11.53 -18.70 -11.17
N PHE D 27 -12.01 -19.42 -10.16
CA PHE D 27 -11.49 -20.77 -9.88
C PHE D 27 -12.65 -21.75 -9.78
N ARG D 28 -12.41 -22.93 -10.33
CA ARG D 28 -13.36 -24.04 -10.30
C ARG D 28 -12.56 -25.19 -9.69
N GLY D 29 -13.09 -25.81 -8.65
CA GLY D 29 -12.38 -26.91 -8.04
C GLY D 29 -13.26 -27.49 -6.95
N THR D 30 -12.66 -28.26 -6.04
CA THR D 30 -13.39 -28.88 -4.95
C THR D 30 -12.95 -28.21 -3.66
N LEU D 31 -13.90 -27.70 -2.89
CA LEU D 31 -13.56 -27.02 -1.65
C LEU D 31 -13.16 -28.00 -0.54
N ASP D 32 -11.95 -27.85 -0.02
CA ASP D 32 -11.50 -28.74 1.03
C ASP D 32 -11.13 -28.03 2.31
N GLY D 33 -11.37 -26.72 2.38
CA GLY D 33 -11.04 -25.98 3.57
C GLY D 33 -11.29 -24.50 3.45
N TYR D 34 -11.44 -23.83 4.58
CA TYR D 34 -11.69 -22.41 4.63
C TYR D 34 -11.49 -21.93 6.05
N ASP D 35 -11.43 -20.62 6.24
CA ASP D 35 -11.27 -20.03 7.57
C ASP D 35 -12.12 -18.78 7.69
N ILE D 36 -11.92 -18.03 8.78
CA ILE D 36 -12.68 -16.81 9.06
C ILE D 36 -12.54 -15.74 7.97
N HIS D 37 -11.29 -15.49 7.59
CA HIS D 37 -10.96 -14.50 6.58
C HIS D 37 -11.51 -14.94 5.23
N MET D 38 -12.07 -16.14 5.22
CA MET D 38 -12.62 -16.71 4.00
C MET D 38 -11.52 -17.12 3.01
N ASN D 39 -10.38 -17.51 3.56
CA ASN D 39 -9.30 -18.00 2.73
C ASN D 39 -9.80 -19.39 2.36
N LEU D 40 -9.55 -19.80 1.11
CA LEU D 40 -10.01 -21.08 0.62
C LEU D 40 -8.91 -22.01 0.15
N VAL D 41 -9.24 -23.29 0.13
CA VAL D 41 -8.33 -24.30 -0.35
C VAL D 41 -9.18 -25.13 -1.29
N LEU D 42 -8.72 -25.30 -2.52
CA LEU D 42 -9.43 -26.10 -3.50
C LEU D 42 -8.53 -27.22 -3.98
N LEU D 43 -9.10 -28.41 -4.17
CA LEU D 43 -8.33 -29.53 -4.68
C LEU D 43 -8.81 -29.68 -6.13
N ASP D 44 -7.99 -30.28 -6.99
CA ASP D 44 -8.32 -30.48 -8.40
C ASP D 44 -9.03 -29.25 -8.94
N ALA D 45 -8.27 -28.17 -9.15
CA ALA D 45 -8.87 -26.94 -9.64
C ALA D 45 -8.24 -26.32 -10.87
N GLU D 46 -9.02 -25.47 -11.53
CA GLU D 46 -8.55 -24.77 -12.70
C GLU D 46 -8.75 -23.28 -12.51
N GLU D 47 -7.79 -22.50 -13.01
CA GLU D 47 -7.84 -21.07 -12.92
C GLU D 47 -8.29 -20.53 -14.27
N ILE D 48 -9.38 -19.78 -14.27
CA ILE D 48 -9.90 -19.18 -15.49
C ILE D 48 -9.59 -17.68 -15.45
N GLN D 49 -9.16 -17.14 -16.58
CA GLN D 49 -8.85 -15.72 -16.69
C GLN D 49 -9.62 -15.19 -17.89
N ASN D 50 -10.70 -14.49 -17.62
CA ASN D 50 -11.54 -13.93 -18.67
C ASN D 50 -12.11 -15.03 -19.57
N GLY D 51 -12.85 -15.94 -18.94
CA GLY D 51 -13.49 -17.04 -19.65
C GLY D 51 -12.56 -18.07 -20.28
N GLU D 52 -11.27 -17.97 -19.96
CA GLU D 52 -10.30 -18.90 -20.53
C GLU D 52 -9.45 -19.62 -19.47
N VAL D 53 -9.27 -20.92 -19.64
CA VAL D 53 -8.45 -21.68 -18.70
C VAL D 53 -6.98 -21.33 -18.86
N VAL D 54 -6.31 -21.08 -17.74
CA VAL D 54 -4.91 -20.70 -17.75
C VAL D 54 -4.04 -21.64 -16.94
N ARG D 55 -4.66 -22.60 -16.25
CA ARG D 55 -3.89 -23.53 -15.44
C ARG D 55 -4.72 -24.47 -14.58
N LYS D 56 -4.19 -25.68 -14.41
CA LYS D 56 -4.80 -26.71 -13.58
C LYS D 56 -3.77 -27.13 -12.54
N VAL D 57 -4.25 -27.20 -11.29
CA VAL D 57 -3.42 -27.52 -10.17
C VAL D 57 -4.15 -28.46 -9.25
N GLY D 58 -3.43 -29.36 -8.59
CA GLY D 58 -4.07 -30.30 -7.69
C GLY D 58 -4.54 -29.63 -6.42
N SER D 59 -3.90 -28.52 -6.06
CA SER D 59 -4.26 -27.82 -4.83
C SER D 59 -3.93 -26.34 -4.87
N VAL D 60 -4.84 -25.53 -4.36
CA VAL D 60 -4.62 -24.11 -4.31
C VAL D 60 -5.18 -23.51 -3.03
N VAL D 61 -4.40 -22.58 -2.45
CA VAL D 61 -4.78 -21.85 -1.26
C VAL D 61 -5.05 -20.42 -1.75
N ILE D 62 -6.30 -19.98 -1.62
CA ILE D 62 -6.71 -18.66 -2.07
C ILE D 62 -6.89 -17.66 -0.93
N ARG D 63 -6.34 -16.45 -1.07
CA ARG D 63 -6.51 -15.43 -0.05
C ARG D 63 -7.93 -14.88 -0.13
N GLY D 64 -8.60 -14.89 1.03
CA GLY D 64 -9.97 -14.41 1.13
C GLY D 64 -10.16 -13.00 0.63
N ASP D 65 -9.12 -12.19 0.76
CA ASP D 65 -9.11 -10.79 0.35
C ASP D 65 -9.58 -10.61 -1.11
N THR D 66 -9.26 -11.55 -1.99
CA THR D 66 -9.62 -11.44 -3.39
C THR D 66 -10.90 -12.17 -3.77
N VAL D 67 -11.60 -12.74 -2.79
CA VAL D 67 -12.81 -13.47 -3.11
C VAL D 67 -14.04 -12.60 -3.23
N VAL D 68 -14.74 -12.74 -4.35
CA VAL D 68 -15.97 -11.99 -4.58
C VAL D 68 -17.10 -12.88 -4.08
N PHE D 69 -17.21 -14.09 -4.61
CA PHE D 69 -18.24 -15.00 -4.16
C PHE D 69 -17.91 -16.48 -4.39
N VAL D 70 -18.58 -17.34 -3.64
CA VAL D 70 -18.39 -18.77 -3.77
C VAL D 70 -19.75 -19.42 -3.84
N SER D 71 -19.96 -20.26 -4.85
CA SER D 71 -21.22 -20.98 -4.97
C SER D 71 -20.96 -22.42 -5.42
N PRO D 72 -21.67 -23.38 -4.80
CA PRO D 72 -21.47 -24.78 -5.18
C PRO D 72 -21.92 -24.96 -6.63
N ALA D 73 -21.20 -25.81 -7.37
CA ALA D 73 -21.52 -26.07 -8.77
C ALA D 73 -22.66 -27.07 -8.91
N PRO E 3 -32.09 3.52 14.19
CA PRO E 3 -32.47 2.29 13.47
C PRO E 3 -31.25 1.66 12.77
N ARG E 4 -31.12 0.34 12.91
CA ARG E 4 -30.00 -0.42 12.33
C ARG E 4 -30.28 -1.07 10.97
N PRO E 5 -29.30 -0.96 10.04
CA PRO E 5 -29.34 -1.50 8.68
C PRO E 5 -29.49 -3.00 8.58
N LEU E 6 -28.80 -3.73 9.44
CA LEU E 6 -28.87 -5.18 9.47
C LEU E 6 -30.26 -5.67 9.84
N ASP E 7 -30.96 -4.88 10.64
CA ASP E 7 -32.34 -5.23 11.02
C ASP E 7 -33.18 -5.26 9.75
N VAL E 8 -32.83 -4.43 8.77
CA VAL E 8 -33.55 -4.38 7.52
C VAL E 8 -33.27 -5.66 6.75
N LEU E 9 -32.01 -6.07 6.71
CA LEU E 9 -31.67 -7.30 6.02
C LEU E 9 -32.44 -8.43 6.67
N ASN E 10 -32.65 -8.34 7.97
CA ASN E 10 -33.36 -9.37 8.70
C ASN E 10 -34.78 -9.56 8.22
N ARG E 11 -35.52 -8.48 8.04
CA ARG E 11 -36.90 -8.64 7.56
C ARG E 11 -36.97 -8.94 6.06
N SER E 12 -35.80 -9.13 5.45
CA SER E 12 -35.73 -9.45 4.04
C SER E 12 -35.38 -10.93 3.86
N LEU E 13 -35.13 -11.62 4.98
CA LEU E 13 -34.82 -13.06 4.96
C LEU E 13 -35.95 -13.90 4.34
N LYS E 14 -35.58 -14.77 3.39
CA LYS E 14 -36.49 -15.66 2.68
C LYS E 14 -37.40 -14.85 1.75
N SER E 15 -36.84 -13.73 1.33
CA SER E 15 -37.51 -12.80 0.45
C SER E 15 -36.50 -12.36 -0.62
N PRO E 16 -36.97 -12.02 -1.83
CA PRO E 16 -36.13 -11.58 -2.96
C PRO E 16 -35.42 -10.23 -2.75
N VAL E 17 -34.14 -10.17 -3.10
CA VAL E 17 -33.39 -8.93 -2.97
C VAL E 17 -32.50 -8.74 -4.16
N ILE E 18 -32.01 -7.53 -4.32
CA ILE E 18 -31.08 -7.22 -5.39
C ILE E 18 -29.79 -6.82 -4.69
N VAL E 19 -28.69 -7.41 -5.13
CA VAL E 19 -27.38 -7.12 -4.57
C VAL E 19 -26.42 -6.61 -5.62
N ARG E 20 -26.04 -5.34 -5.52
CA ARG E 20 -25.08 -4.80 -6.47
C ARG E 20 -23.69 -4.97 -5.86
N LEU E 21 -22.72 -5.36 -6.69
CA LEU E 21 -21.34 -5.56 -6.25
C LEU E 21 -20.43 -4.54 -6.90
N LYS E 22 -19.17 -4.47 -6.45
CA LYS E 22 -18.22 -3.56 -7.06
C LYS E 22 -17.97 -4.06 -8.49
N GLY E 23 -17.85 -3.13 -9.44
CA GLY E 23 -17.60 -3.52 -10.82
C GLY E 23 -18.83 -3.47 -11.70
N GLY E 24 -19.99 -3.52 -11.07
CA GLY E 24 -21.23 -3.47 -11.83
C GLY E 24 -21.99 -4.77 -11.84
N ARG E 25 -21.38 -5.83 -11.31
CA ARG E 25 -22.01 -7.14 -11.26
C ARG E 25 -23.22 -7.08 -10.34
N GLU E 26 -24.30 -7.75 -10.72
CA GLU E 26 -25.51 -7.75 -9.92
C GLU E 26 -26.03 -9.18 -9.66
N PHE E 27 -26.73 -9.35 -8.56
CA PHE E 27 -27.30 -10.62 -8.17
C PHE E 27 -28.74 -10.37 -7.71
N ARG E 28 -29.64 -11.24 -8.13
CA ARG E 28 -31.04 -11.19 -7.75
C ARG E 28 -31.34 -12.58 -7.22
N GLY E 29 -31.62 -12.67 -5.93
CA GLY E 29 -31.91 -13.96 -5.34
C GLY E 29 -32.63 -13.82 -4.03
N THR E 30 -32.91 -14.96 -3.40
CA THR E 30 -33.60 -14.96 -2.13
C THR E 30 -32.53 -14.86 -1.03
N LEU E 31 -32.72 -13.94 -0.09
CA LEU E 31 -31.79 -13.77 1.00
C LEU E 31 -31.98 -14.89 2.03
N ASP E 32 -30.88 -15.56 2.36
CA ASP E 32 -30.92 -16.66 3.30
C ASP E 32 -30.06 -16.41 4.53
N GLY E 33 -29.10 -15.50 4.42
CA GLY E 33 -28.26 -15.22 5.57
C GLY E 33 -27.31 -14.07 5.44
N TYR E 34 -26.81 -13.60 6.58
CA TYR E 34 -25.88 -12.49 6.61
C TYR E 34 -25.22 -12.41 7.99
N ASP E 35 -24.09 -11.71 8.06
CA ASP E 35 -23.40 -11.49 9.34
C ASP E 35 -23.12 -9.99 9.51
N ILE E 36 -22.46 -9.63 10.60
CA ILE E 36 -22.13 -8.22 10.86
C ILE E 36 -21.32 -7.56 9.72
N HIS E 37 -20.39 -8.31 9.12
CA HIS E 37 -19.54 -7.83 8.03
C HIS E 37 -20.33 -7.68 6.74
N MET E 38 -21.57 -8.16 6.78
CA MET E 38 -22.47 -8.12 5.64
C MET E 38 -22.11 -9.11 4.53
N ASN E 39 -21.59 -10.27 4.91
CA ASN E 39 -21.33 -11.29 3.95
C ASN E 39 -22.74 -11.79 3.76
N LEU E 40 -23.07 -12.27 2.57
CA LEU E 40 -24.43 -12.70 2.34
C LEU E 40 -24.56 -14.05 1.72
N VAL E 41 -25.76 -14.64 1.88
CA VAL E 41 -26.08 -15.91 1.27
C VAL E 41 -27.39 -15.73 0.51
N LEU E 42 -27.38 -16.07 -0.77
CA LEU E 42 -28.57 -15.97 -1.60
C LEU E 42 -28.92 -17.34 -2.20
N LEU E 43 -30.21 -17.61 -2.32
CA LEU E 43 -30.66 -18.86 -2.92
C LEU E 43 -31.43 -18.56 -4.21
N ASP E 44 -31.36 -19.47 -5.18
CA ASP E 44 -32.07 -19.30 -6.45
C ASP E 44 -31.78 -17.91 -7.02
N ALA E 45 -30.49 -17.61 -7.19
CA ALA E 45 -30.09 -16.32 -7.69
C ALA E 45 -29.57 -16.34 -9.12
N GLU E 46 -29.72 -15.19 -9.78
CA GLU E 46 -29.28 -14.98 -11.16
C GLU E 46 -28.13 -13.97 -11.18
N GLU E 47 -26.98 -14.39 -11.67
CA GLU E 47 -25.84 -13.49 -11.78
C GLU E 47 -26.12 -12.62 -13.01
N ILE E 48 -26.07 -11.31 -12.85
CA ILE E 48 -26.36 -10.42 -13.95
C ILE E 48 -25.26 -9.40 -14.29
N GLN E 49 -24.57 -9.63 -15.40
CA GLN E 49 -23.50 -8.73 -15.86
C GLN E 49 -23.97 -7.81 -16.98
N ASN E 50 -23.62 -6.52 -16.87
CA ASN E 50 -23.98 -5.54 -17.88
C ASN E 50 -25.50 -5.45 -18.12
N GLY E 51 -26.26 -6.33 -17.47
CA GLY E 51 -27.70 -6.32 -17.64
C GLY E 51 -28.22 -7.58 -18.31
N GLU E 52 -27.42 -8.64 -18.27
CA GLU E 52 -27.79 -9.91 -18.87
C GLU E 52 -27.47 -11.11 -17.96
N VAL E 53 -28.46 -12.00 -17.81
CA VAL E 53 -28.32 -13.17 -16.97
C VAL E 53 -27.19 -14.09 -17.46
N VAL E 54 -26.04 -13.98 -16.81
CA VAL E 54 -24.87 -14.75 -17.18
C VAL E 54 -24.72 -16.07 -16.43
N ARG E 55 -25.71 -16.41 -15.62
CA ARG E 55 -25.66 -17.65 -14.85
C ARG E 55 -26.87 -17.75 -13.92
N LYS E 56 -27.09 -18.94 -13.40
CA LYS E 56 -28.23 -19.20 -12.53
C LYS E 56 -27.78 -20.21 -11.47
N VAL E 57 -27.45 -19.72 -10.28
CA VAL E 57 -27.01 -20.59 -9.20
C VAL E 57 -28.05 -20.66 -8.10
N GLY E 58 -28.20 -21.82 -7.48
CA GLY E 58 -29.19 -21.98 -6.43
C GLY E 58 -28.65 -21.67 -5.04
N SER E 59 -27.40 -21.20 -4.99
CA SER E 59 -26.78 -20.89 -3.71
C SER E 59 -25.48 -20.14 -3.95
N VAL E 60 -25.24 -19.09 -3.16
CA VAL E 60 -24.02 -18.30 -3.31
C VAL E 60 -23.63 -17.59 -2.02
N VAL E 61 -22.36 -17.68 -1.67
CA VAL E 61 -21.89 -16.95 -0.50
C VAL E 61 -21.16 -15.73 -1.08
N ILE E 62 -21.56 -14.54 -0.67
CA ILE E 62 -20.94 -13.31 -1.16
C ILE E 62 -20.14 -12.59 -0.08
N ARG E 63 -18.90 -12.22 -0.41
CA ARG E 63 -18.03 -11.50 0.52
C ARG E 63 -18.48 -10.04 0.68
N GLY E 64 -18.67 -9.65 1.94
CA GLY E 64 -19.11 -8.29 2.26
C GLY E 64 -18.34 -7.19 1.57
N ASP E 65 -17.01 -7.27 1.58
CA ASP E 65 -16.18 -6.24 0.96
C ASP E 65 -16.60 -5.85 -0.45
N THR E 66 -17.18 -6.80 -1.17
CA THR E 66 -17.60 -6.58 -2.54
C THR E 66 -19.00 -5.94 -2.71
N VAL E 67 -19.78 -5.93 -1.65
CA VAL E 67 -21.12 -5.38 -1.75
C VAL E 67 -21.16 -3.87 -1.72
N VAL E 68 -21.98 -3.30 -2.57
CA VAL E 68 -22.15 -1.86 -2.56
C VAL E 68 -23.50 -1.64 -1.87
N PHE E 69 -24.53 -2.36 -2.32
CA PHE E 69 -25.85 -2.26 -1.68
C PHE E 69 -26.74 -3.49 -1.85
N VAL E 70 -27.77 -3.57 -1.00
CA VAL E 70 -28.74 -4.65 -0.99
C VAL E 70 -30.12 -4.00 -0.86
N SER E 71 -31.00 -4.31 -1.81
CA SER E 71 -32.34 -3.72 -1.83
C SER E 71 -33.44 -4.76 -2.00
N PRO E 72 -34.51 -4.66 -1.21
CA PRO E 72 -35.59 -5.65 -1.37
C PRO E 72 -36.20 -5.56 -2.76
N ALA E 73 -36.77 -6.67 -3.23
CA ALA E 73 -37.39 -6.76 -4.55
C ALA E 73 -38.66 -5.91 -4.63
N PRO E 74 -38.83 -5.20 -5.76
CA PRO E 74 -40.01 -4.35 -5.98
C PRO E 74 -41.28 -5.08 -5.57
N PRO F 3 -18.92 17.68 18.77
CA PRO F 3 -19.82 16.96 17.84
C PRO F 3 -19.05 15.87 17.11
N ARG F 4 -19.63 14.68 17.02
CA ARG F 4 -18.98 13.56 16.33
C ARG F 4 -19.72 13.19 15.06
N PRO F 5 -19.01 12.72 14.04
CA PRO F 5 -19.63 12.33 12.75
C PRO F 5 -20.94 11.55 12.84
N LEU F 6 -20.96 10.49 13.63
CA LEU F 6 -22.16 9.66 13.78
C LEU F 6 -23.32 10.45 14.35
N ASP F 7 -23.03 11.47 15.14
CA ASP F 7 -24.10 12.27 15.72
C ASP F 7 -24.74 13.18 14.67
N VAL F 8 -23.95 13.62 13.70
CA VAL F 8 -24.51 14.47 12.68
C VAL F 8 -25.43 13.64 11.78
N LEU F 9 -25.20 12.33 11.74
CA LEU F 9 -26.05 11.46 10.95
C LEU F 9 -27.41 11.39 11.62
N ASN F 10 -27.40 11.10 12.93
CA ASN F 10 -28.62 11.01 13.73
C ASN F 10 -29.57 12.20 13.49
N ARG F 11 -28.99 13.38 13.33
CA ARG F 11 -29.77 14.60 13.10
C ARG F 11 -30.49 14.58 11.75
N SER F 12 -30.01 13.72 10.86
CA SER F 12 -30.56 13.60 9.51
C SER F 12 -31.61 12.52 9.32
N LEU F 13 -31.92 11.77 10.38
CA LEU F 13 -32.95 10.73 10.31
C LEU F 13 -34.32 11.33 9.90
N LYS F 14 -35.07 10.57 9.10
CA LYS F 14 -36.40 10.95 8.62
C LYS F 14 -36.40 12.15 7.67
N SER F 15 -35.21 12.49 7.22
CA SER F 15 -35.01 13.58 6.28
C SER F 15 -34.29 13.05 5.05
N PRO F 16 -34.43 13.73 3.90
CA PRO F 16 -33.78 13.32 2.64
C PRO F 16 -32.30 13.64 2.59
N VAL F 17 -31.51 12.71 2.06
CA VAL F 17 -30.06 12.90 1.97
C VAL F 17 -29.48 12.49 0.63
N ILE F 18 -28.28 12.97 0.35
CA ILE F 18 -27.57 12.61 -0.88
C ILE F 18 -26.38 11.78 -0.40
N VAL F 19 -26.18 10.61 -1.01
CA VAL F 19 -25.07 9.74 -0.63
C VAL F 19 -24.23 9.47 -1.85
N ARG F 20 -22.98 9.92 -1.84
CA ARG F 20 -22.12 9.65 -2.99
C ARG F 20 -21.38 8.39 -2.65
N LEU F 21 -21.10 7.59 -3.67
CA LEU F 21 -20.40 6.33 -3.46
C LEU F 21 -19.11 6.35 -4.23
N LYS F 22 -18.24 5.38 -3.96
CA LYS F 22 -17.00 5.25 -4.70
C LYS F 22 -17.45 4.89 -6.12
N GLY F 23 -16.78 5.45 -7.12
CA GLY F 23 -17.14 5.16 -8.49
C GLY F 23 -17.79 6.39 -9.06
N GLY F 24 -18.67 7.00 -8.27
CA GLY F 24 -19.34 8.20 -8.71
C GLY F 24 -20.86 8.17 -8.64
N ARG F 25 -21.42 7.00 -8.38
CA ARG F 25 -22.87 6.91 -8.30
C ARG F 25 -23.41 7.53 -7.02
N GLU F 26 -24.69 7.89 -7.04
CA GLU F 26 -25.34 8.53 -5.92
C GLU F 26 -26.71 7.95 -5.61
N PHE F 27 -27.16 8.20 -4.40
CA PHE F 27 -28.45 7.75 -3.95
C PHE F 27 -29.10 8.93 -3.28
N ARG F 28 -30.38 9.13 -3.59
CA ARG F 28 -31.14 10.20 -3.00
C ARG F 28 -32.31 9.49 -2.33
N GLY F 29 -32.48 9.74 -1.04
CA GLY F 29 -33.55 9.09 -0.31
C GLY F 29 -33.64 9.53 1.13
N THR F 30 -34.60 8.93 1.85
CA THR F 30 -34.85 9.25 3.24
C THR F 30 -33.98 8.39 4.14
N LEU F 31 -33.20 9.05 4.98
CA LEU F 31 -32.33 8.33 5.90
C LEU F 31 -33.17 7.71 7.00
N ASP F 32 -33.22 6.39 7.04
CA ASP F 32 -34.01 5.71 8.05
C ASP F 32 -33.19 5.04 9.13
N GLY F 33 -31.89 4.88 8.88
CA GLY F 33 -31.01 4.24 9.86
C GLY F 33 -29.55 4.16 9.45
N TYR F 34 -28.72 3.73 10.39
CA TYR F 34 -27.28 3.59 10.16
C TYR F 34 -26.61 2.96 11.40
N ASP F 35 -25.36 2.54 11.24
CA ASP F 35 -24.59 1.95 12.34
C ASP F 35 -23.18 2.55 12.42
N ILE F 36 -22.34 2.01 13.30
CA ILE F 36 -20.96 2.50 13.49
C ILE F 36 -20.11 2.42 12.23
N HIS F 37 -20.36 1.37 11.43
CA HIS F 37 -19.63 1.13 10.19
C HIS F 37 -19.98 2.10 9.09
N MET F 38 -20.99 2.94 9.34
CA MET F 38 -21.47 3.90 8.35
C MET F 38 -22.37 3.19 7.32
N ASN F 39 -22.93 2.03 7.67
CA ASN F 39 -23.86 1.40 6.73
C ASN F 39 -25.08 2.28 6.89
N LEU F 40 -25.91 2.36 5.85
CA LEU F 40 -27.07 3.22 5.92
C LEU F 40 -28.28 2.55 5.33
N VAL F 41 -29.45 3.08 5.63
CA VAL F 41 -30.70 2.58 5.08
C VAL F 41 -31.43 3.78 4.51
N LEU F 42 -31.87 3.69 3.26
CA LEU F 42 -32.61 4.79 2.65
C LEU F 42 -33.96 4.24 2.19
N LEU F 43 -35.04 4.97 2.49
CA LEU F 43 -36.39 4.59 2.08
C LEU F 43 -36.64 5.45 0.86
N ASP F 44 -37.50 4.98 -0.06
CA ASP F 44 -37.85 5.72 -1.27
C ASP F 44 -36.63 6.40 -1.85
N ALA F 45 -35.71 5.59 -2.38
CA ALA F 45 -34.49 6.14 -2.93
C ALA F 45 -34.34 5.93 -4.43
N GLU F 46 -33.47 6.73 -5.02
CA GLU F 46 -33.17 6.66 -6.44
C GLU F 46 -31.66 6.57 -6.58
N GLU F 47 -31.21 5.75 -7.54
CA GLU F 47 -29.78 5.63 -7.80
C GLU F 47 -29.59 6.64 -8.91
N ILE F 48 -28.47 7.35 -8.89
CA ILE F 48 -28.21 8.38 -9.88
C ILE F 48 -26.81 8.27 -10.46
N GLN F 49 -26.74 8.21 -11.79
CA GLN F 49 -25.48 8.12 -12.50
C GLN F 49 -25.52 9.23 -13.55
N ASN F 50 -24.47 10.05 -13.60
CA ASN F 50 -24.40 11.17 -14.56
C ASN F 50 -25.52 12.19 -14.39
N GLY F 51 -26.11 12.27 -13.21
CA GLY F 51 -27.18 13.22 -12.97
C GLY F 51 -28.55 12.79 -13.48
N GLU F 52 -28.71 11.50 -13.73
CA GLU F 52 -29.98 10.96 -14.20
C GLU F 52 -30.31 9.67 -13.44
N VAL F 53 -31.60 9.50 -13.16
CA VAL F 53 -32.08 8.33 -12.44
C VAL F 53 -31.93 7.04 -13.26
N VAL F 54 -31.41 6.01 -12.61
CA VAL F 54 -31.20 4.71 -13.25
C VAL F 54 -31.99 3.62 -12.54
N ARG F 55 -32.32 3.86 -11.26
CA ARG F 55 -33.09 2.90 -10.48
C ARG F 55 -33.88 3.56 -9.34
N LYS F 56 -35.07 3.01 -9.07
CA LYS F 56 -35.94 3.48 -7.98
C LYS F 56 -36.16 2.24 -7.11
N VAL F 57 -35.95 2.38 -5.80
CA VAL F 57 -36.15 1.25 -4.91
C VAL F 57 -36.90 1.69 -3.66
N GLY F 58 -37.75 0.81 -3.15
CA GLY F 58 -38.51 1.14 -1.96
C GLY F 58 -37.60 1.33 -0.76
N SER F 59 -36.42 0.70 -0.79
CA SER F 59 -35.46 0.81 0.29
C SER F 59 -34.13 0.15 -0.05
N VAL F 60 -33.07 0.62 0.59
CA VAL F 60 -31.76 0.07 0.35
C VAL F 60 -30.82 0.15 1.53
N VAL F 61 -29.93 -0.83 1.59
CA VAL F 61 -28.92 -0.88 2.63
C VAL F 61 -27.62 -0.67 1.87
N ILE F 62 -26.91 0.37 2.27
CA ILE F 62 -25.67 0.73 1.61
C ILE F 62 -24.50 0.41 2.57
N ARG F 63 -23.53 -0.38 2.08
CA ARG F 63 -22.35 -0.78 2.86
C ARG F 63 -21.46 0.44 3.13
N GLY F 64 -21.23 0.72 4.41
CA GLY F 64 -20.42 1.87 4.77
C GLY F 64 -19.16 2.03 3.94
N ASP F 65 -18.46 0.92 3.74
CA ASP F 65 -17.23 0.89 2.96
C ASP F 65 -17.32 1.55 1.57
N THR F 66 -18.48 1.50 0.93
CA THR F 66 -18.57 2.10 -0.40
C THR F 66 -18.92 3.59 -0.37
N VAL F 67 -19.24 4.10 0.81
CA VAL F 67 -19.64 5.49 0.96
C VAL F 67 -18.50 6.52 0.91
N VAL F 68 -18.76 7.63 0.24
CA VAL F 68 -17.80 8.72 0.15
C VAL F 68 -18.28 9.79 1.12
N PHE F 69 -19.54 10.21 0.96
CA PHE F 69 -20.10 11.19 1.87
C PHE F 69 -21.65 11.15 1.93
N VAL F 70 -22.22 11.69 3.01
CA VAL F 70 -23.67 11.77 3.19
C VAL F 70 -23.96 13.22 3.63
N SER F 71 -24.98 13.85 3.05
CA SER F 71 -25.34 15.22 3.42
C SER F 71 -26.83 15.36 3.19
N PRO F 72 -27.49 16.22 3.99
CA PRO F 72 -28.93 16.42 3.83
C PRO F 72 -29.18 17.06 2.46
N ALA F 73 -30.20 16.60 1.75
CA ALA F 73 -30.51 17.13 0.41
C ALA F 73 -30.88 18.61 0.37
N PRO G 3 4.01 16.88 18.49
CA PRO G 3 2.61 17.29 18.20
C PRO G 3 1.75 16.25 17.49
N ARG G 4 0.46 16.23 17.80
CA ARG G 4 -0.46 15.26 17.23
C ARG G 4 -1.34 15.79 16.11
N PRO G 5 -1.36 15.08 14.97
CA PRO G 5 -2.15 15.46 13.80
C PRO G 5 -3.61 15.75 14.16
N LEU G 6 -4.23 14.89 14.95
CA LEU G 6 -5.62 15.11 15.33
C LEU G 6 -5.83 16.31 16.27
N ASP G 7 -4.76 16.75 16.93
CA ASP G 7 -4.83 17.89 17.83
C ASP G 7 -4.84 19.16 16.99
N VAL G 8 -4.24 19.08 15.81
CA VAL G 8 -4.22 20.21 14.89
C VAL G 8 -5.66 20.36 14.37
N LEU G 9 -6.32 19.22 14.18
CA LEU G 9 -7.69 19.21 13.71
C LEU G 9 -8.55 19.85 14.78
N ASN G 10 -8.24 19.55 16.03
CA ASN G 10 -9.02 20.09 17.14
C ASN G 10 -9.02 21.61 17.16
N ARG G 11 -7.84 22.22 17.05
CA ARG G 11 -7.77 23.68 17.09
C ARG G 11 -8.30 24.34 15.83
N SER G 12 -8.71 23.51 14.86
CA SER G 12 -9.25 24.04 13.62
C SER G 12 -10.76 23.93 13.60
N LEU G 13 -11.32 23.46 14.70
CA LEU G 13 -12.78 23.35 14.82
C LEU G 13 -13.42 24.75 14.71
N LYS G 14 -14.52 24.81 13.94
CA LYS G 14 -15.28 26.04 13.68
C LYS G 14 -14.59 26.97 12.71
N SER G 15 -13.40 26.56 12.30
CA SER G 15 -12.60 27.31 11.33
C SER G 15 -12.78 26.75 9.93
N PRO G 16 -12.54 27.57 8.91
CA PRO G 16 -12.70 27.05 7.55
C PRO G 16 -11.52 26.16 7.14
N VAL G 17 -11.80 25.13 6.36
CA VAL G 17 -10.76 24.23 5.91
C VAL G 17 -11.07 23.68 4.55
N ILE G 18 -10.06 23.14 3.94
CA ILE G 18 -10.21 22.51 2.65
C ILE G 18 -9.92 21.05 2.92
N VAL G 19 -10.81 20.17 2.46
CA VAL G 19 -10.58 18.76 2.63
C VAL G 19 -10.55 18.15 1.25
N ARG G 20 -9.38 17.64 0.86
CA ARG G 20 -9.22 17.01 -0.44
C ARG G 20 -9.48 15.51 -0.33
N LEU G 21 -10.28 15.00 -1.27
CA LEU G 21 -10.61 13.59 -1.29
C LEU G 21 -9.97 12.93 -2.50
N LYS G 22 -10.04 11.60 -2.57
CA LYS G 22 -9.49 10.88 -3.70
C LYS G 22 -10.38 11.12 -4.92
N GLY G 23 -9.76 11.23 -6.10
CA GLY G 23 -10.53 11.46 -7.30
C GLY G 23 -10.50 12.93 -7.63
N GLY G 24 -9.67 13.69 -6.92
CA GLY G 24 -9.52 15.12 -7.14
C GLY G 24 -10.67 15.96 -6.62
N ARG G 25 -11.55 15.36 -5.83
CA ARG G 25 -12.69 16.09 -5.29
C ARG G 25 -12.26 16.81 -4.03
N GLU G 26 -12.86 17.97 -3.79
CA GLU G 26 -12.55 18.75 -2.60
C GLU G 26 -13.82 19.24 -1.92
N PHE G 27 -13.67 19.62 -0.65
CA PHE G 27 -14.78 20.19 0.10
C PHE G 27 -14.27 21.43 0.86
N ARG G 28 -15.03 22.52 0.75
CA ARG G 28 -14.69 23.77 1.43
C ARG G 28 -15.81 24.10 2.40
N GLY G 29 -15.48 24.07 3.69
CA GLY G 29 -16.48 24.35 4.70
C GLY G 29 -15.85 24.52 6.06
N THR G 30 -16.70 24.55 7.07
CA THR G 30 -16.28 24.70 8.44
C THR G 30 -16.17 23.35 9.11
N LEU G 31 -15.01 23.05 9.65
CA LEU G 31 -14.77 21.79 10.34
C LEU G 31 -15.59 21.74 11.62
N ASP G 32 -16.51 20.79 11.75
CA ASP G 32 -17.34 20.69 12.95
C ASP G 32 -17.07 19.45 13.79
N GLY G 33 -16.49 18.42 13.18
CA GLY G 33 -16.20 17.21 13.92
C GLY G 33 -15.31 16.25 13.18
N TYR G 34 -14.81 15.25 13.89
CA TYR G 34 -13.93 14.23 13.32
C TYR G 34 -13.72 13.15 14.38
N ASP G 35 -13.11 12.04 14.02
CA ASP G 35 -12.82 10.99 14.98
C ASP G 35 -11.47 10.34 14.70
N ILE G 36 -11.16 9.26 15.39
CA ILE G 36 -9.88 8.61 15.19
C ILE G 36 -9.60 8.30 13.72
N HIS G 37 -10.57 7.69 13.05
CA HIS G 37 -10.45 7.29 11.66
C HIS G 37 -10.40 8.44 10.68
N MET G 38 -10.61 9.64 11.22
CA MET G 38 -10.60 10.86 10.44
C MET G 38 -11.86 11.03 9.58
N ASN G 39 -12.99 10.57 10.09
CA ASN G 39 -14.25 10.81 9.41
C ASN G 39 -14.45 12.29 9.77
N LEU G 40 -15.01 13.07 8.86
CA LEU G 40 -15.19 14.48 9.15
C LEU G 40 -16.62 14.96 9.02
N VAL G 41 -16.87 16.12 9.63
CA VAL G 41 -18.16 16.75 9.56
C VAL G 41 -17.84 18.19 9.16
N LEU G 42 -18.46 18.66 8.08
CA LEU G 42 -18.27 20.03 7.64
C LEU G 42 -19.65 20.67 7.56
N LEU G 43 -19.72 21.95 7.90
CA LEU G 43 -20.97 22.71 7.85
C LEU G 43 -20.77 23.70 6.74
N ASP G 44 -21.88 24.19 6.18
CA ASP G 44 -21.83 25.16 5.08
C ASP G 44 -20.61 24.93 4.20
N ALA G 45 -20.60 23.76 3.57
CA ALA G 45 -19.51 23.31 2.71
C ALA G 45 -19.80 23.37 1.23
N GLU G 46 -18.78 23.66 0.44
CA GLU G 46 -18.90 23.72 -1.00
C GLU G 46 -18.18 22.54 -1.64
N GLU G 47 -18.91 21.73 -2.40
CA GLU G 47 -18.32 20.59 -3.08
C GLU G 47 -17.73 21.08 -4.38
N ILE G 48 -16.40 21.01 -4.49
CA ILE G 48 -15.66 21.47 -5.65
C ILE G 48 -15.09 20.33 -6.49
N GLN G 49 -15.19 20.49 -7.81
CA GLN G 49 -14.67 19.53 -8.78
C GLN G 49 -14.07 20.32 -9.96
N ASN G 50 -12.75 20.41 -9.96
CA ASN G 50 -12.05 21.14 -11.01
C ASN G 50 -12.54 22.61 -11.05
N GLY G 51 -12.66 23.22 -9.87
CA GLY G 51 -13.08 24.62 -9.80
C GLY G 51 -14.56 24.91 -9.63
N GLU G 52 -15.40 24.30 -10.47
CA GLU G 52 -16.84 24.54 -10.41
C GLU G 52 -17.53 23.81 -9.26
N VAL G 53 -18.51 24.47 -8.65
CA VAL G 53 -19.26 23.91 -7.54
C VAL G 53 -20.34 22.93 -7.98
N VAL G 54 -20.26 21.72 -7.46
CA VAL G 54 -21.23 20.67 -7.78
C VAL G 54 -22.52 20.93 -6.99
N ARG G 55 -22.36 21.30 -5.73
CA ARG G 55 -23.49 21.60 -4.87
C ARG G 55 -22.97 22.17 -3.56
N LYS G 56 -23.88 22.68 -2.74
CA LYS G 56 -23.51 23.23 -1.45
C LYS G 56 -24.44 22.56 -0.45
N VAL G 57 -23.92 22.26 0.73
CA VAL G 57 -24.70 21.59 1.74
C VAL G 57 -24.61 22.23 3.11
N GLY G 58 -25.67 22.09 3.90
CA GLY G 58 -25.69 22.66 5.23
C GLY G 58 -24.65 21.91 6.05
N SER G 59 -24.62 20.61 5.84
CA SER G 59 -23.65 19.75 6.53
C SER G 59 -23.36 18.55 5.66
N VAL G 60 -22.25 17.89 5.95
CA VAL G 60 -21.84 16.72 5.20
C VAL G 60 -20.95 15.84 6.06
N VAL G 61 -21.18 14.54 6.01
CA VAL G 61 -20.38 13.60 6.74
C VAL G 61 -19.50 12.95 5.68
N ILE G 62 -18.19 13.06 5.87
CA ILE G 62 -17.22 12.52 4.94
C ILE G 62 -16.46 11.34 5.57
N ARG G 63 -16.39 10.23 4.83
CA ARG G 63 -15.68 9.03 5.29
C ARG G 63 -14.14 9.18 5.26
N GLY G 64 -13.51 8.94 6.41
CA GLY G 64 -12.07 9.02 6.54
C GLY G 64 -11.30 8.34 5.43
N ASP G 65 -11.80 7.20 4.99
CA ASP G 65 -11.19 6.42 3.93
C ASP G 65 -10.93 7.24 2.63
N THR G 66 -11.88 8.07 2.23
CA THR G 66 -11.73 8.85 1.00
C THR G 66 -10.92 10.14 1.18
N VAL G 67 -10.52 10.45 2.41
CA VAL G 67 -9.75 11.65 2.72
C VAL G 67 -8.26 11.60 2.42
N VAL G 68 -7.77 12.55 1.63
CA VAL G 68 -6.36 12.64 1.31
C VAL G 68 -5.69 13.57 2.33
N PHE G 69 -6.28 14.73 2.54
CA PHE G 69 -5.74 15.66 3.52
C PHE G 69 -6.70 16.77 3.88
N VAL G 70 -6.33 17.52 4.91
CA VAL G 70 -7.11 18.65 5.42
C VAL G 70 -6.16 19.82 5.68
N SER G 71 -6.56 21.00 5.23
CA SER G 71 -5.74 22.17 5.49
C SER G 71 -6.56 23.42 5.71
N PRO G 72 -6.11 24.29 6.62
CA PRO G 72 -6.87 25.50 6.82
C PRO G 72 -7.10 26.13 5.48
N ALA G 73 -7.52 27.38 5.46
CA ALA G 73 -7.68 28.08 4.19
C ALA G 73 -8.06 29.51 4.59
N PRO G 74 -7.48 30.06 5.70
CA PRO G 74 -8.13 31.27 6.34
C PRO G 74 -8.82 32.30 5.48
N PRO H 3 -42.27 -3.52 -49.22
CA PRO H 3 -42.34 -2.12 -48.82
C PRO H 3 -41.07 -1.61 -48.13
N ARG H 4 -40.16 -0.92 -48.81
CA ARG H 4 -38.93 -0.55 -48.06
C ARG H 4 -39.12 0.18 -46.70
N PRO H 5 -38.20 -0.22 -45.76
CA PRO H 5 -38.05 0.42 -44.44
C PRO H 5 -37.81 1.92 -44.51
N LEU H 6 -36.89 2.25 -45.42
CA LEU H 6 -36.49 3.63 -45.60
C LEU H 6 -37.59 4.51 -46.19
N ASP H 7 -38.31 3.96 -47.17
CA ASP H 7 -39.41 4.70 -47.79
C ASP H 7 -40.41 5.05 -46.69
N VAL H 8 -40.65 4.09 -45.80
CA VAL H 8 -41.57 4.30 -44.70
C VAL H 8 -41.04 5.36 -43.76
N LEU H 9 -39.73 5.39 -43.58
CA LEU H 9 -39.14 6.39 -42.68
C LEU H 9 -39.40 7.77 -43.28
N ASN H 10 -39.41 7.83 -44.62
CA ASN H 10 -39.63 9.08 -45.33
C ASN H 10 -41.01 9.67 -45.11
N ARG H 11 -41.98 8.82 -44.76
CA ARG H 11 -43.33 9.28 -44.50
C ARG H 11 -43.42 10.16 -43.26
N SER H 12 -42.64 9.81 -42.24
CA SER H 12 -42.65 10.55 -40.98
C SER H 12 -41.95 11.90 -41.03
N LEU H 13 -41.45 12.30 -42.19
CA LEU H 13 -40.78 13.59 -42.32
C LEU H 13 -41.67 14.71 -41.82
N LYS H 14 -41.08 15.63 -41.05
CA LYS H 14 -41.76 16.78 -40.47
C LYS H 14 -42.76 16.41 -39.39
N SER H 15 -42.79 15.13 -39.04
CA SER H 15 -43.70 14.64 -38.02
C SER H 15 -42.91 14.21 -36.79
N PRO H 16 -43.52 14.31 -35.60
CA PRO H 16 -42.83 13.91 -34.37
C PRO H 16 -42.64 12.41 -34.31
N VAL H 17 -41.50 11.97 -33.77
CA VAL H 17 -41.22 10.55 -33.67
C VAL H 17 -40.50 10.21 -32.39
N ILE H 18 -40.30 8.91 -32.21
CA ILE H 18 -39.59 8.37 -31.07
C ILE H 18 -38.41 7.60 -31.65
N VAL H 19 -37.20 7.89 -31.16
CA VAL H 19 -36.01 7.21 -31.61
C VAL H 19 -35.36 6.51 -30.42
N ARG H 20 -35.26 5.19 -30.51
CA ARG H 20 -34.67 4.38 -29.45
C ARG H 20 -33.23 4.05 -29.80
N LEU H 21 -32.29 4.40 -28.92
CA LEU H 21 -30.88 4.11 -29.18
C LEU H 21 -30.47 2.96 -28.27
N LYS H 22 -29.52 2.14 -28.71
CA LYS H 22 -29.09 1.01 -27.89
C LYS H 22 -28.36 1.49 -26.64
N GLY H 23 -28.81 0.99 -25.49
CA GLY H 23 -28.24 1.36 -24.22
C GLY H 23 -29.37 1.84 -23.34
N GLY H 24 -30.51 2.12 -23.97
CA GLY H 24 -31.68 2.58 -23.24
C GLY H 24 -32.07 4.01 -23.61
N ARG H 25 -31.08 4.80 -24.01
CA ARG H 25 -31.30 6.20 -24.38
C ARG H 25 -32.37 6.32 -25.45
N GLU H 26 -33.09 7.43 -25.39
CA GLU H 26 -34.16 7.70 -26.33
C GLU H 26 -34.32 9.19 -26.57
N PHE H 27 -34.76 9.55 -27.78
CA PHE H 27 -34.96 10.93 -28.16
C PHE H 27 -36.36 11.09 -28.75
N ARG H 28 -37.01 12.19 -28.41
CA ARG H 28 -38.34 12.51 -28.93
C ARG H 28 -38.23 13.88 -29.59
N GLY H 29 -38.49 13.93 -30.89
CA GLY H 29 -38.41 15.20 -31.60
C GLY H 29 -38.92 15.08 -33.02
N THR H 30 -39.18 16.22 -33.64
CA THR H 30 -39.66 16.25 -35.01
C THR H 30 -38.56 15.75 -35.91
N LEU H 31 -38.86 14.71 -36.68
CA LEU H 31 -37.88 14.11 -37.59
C LEU H 31 -37.66 15.02 -38.79
N ASP H 32 -36.50 15.69 -38.84
CA ASP H 32 -36.22 16.59 -39.95
C ASP H 32 -35.45 15.98 -41.11
N GLY H 33 -34.64 14.95 -40.86
CA GLY H 33 -33.89 14.37 -41.95
C GLY H 33 -33.25 13.04 -41.63
N TYR H 34 -32.72 12.38 -42.65
CA TYR H 34 -32.06 11.10 -42.48
C TYR H 34 -31.37 10.74 -43.78
N ASP H 35 -30.34 9.90 -43.74
CA ASP H 35 -29.65 9.51 -44.97
C ASP H 35 -29.48 8.01 -45.07
N ILE H 36 -28.58 7.59 -45.95
CA ILE H 36 -28.29 6.18 -46.21
C ILE H 36 -27.97 5.39 -44.94
N HIS H 37 -26.88 5.76 -44.28
CA HIS H 37 -26.43 5.10 -43.05
C HIS H 37 -27.52 5.17 -41.98
N MET H 38 -28.59 5.88 -42.31
CA MET H 38 -29.75 6.07 -41.45
C MET H 38 -29.47 7.01 -40.30
N ASN H 39 -28.53 7.95 -40.49
CA ASN H 39 -28.22 8.96 -39.49
C ASN H 39 -29.50 9.78 -39.46
N LEU H 40 -29.76 10.45 -38.36
CA LEU H 40 -31.00 11.21 -38.24
C LEU H 40 -30.85 12.66 -37.80
N VAL H 41 -31.89 13.44 -38.06
CA VAL H 41 -31.95 14.83 -37.66
C VAL H 41 -33.26 15.05 -36.91
N LEU H 42 -33.20 15.66 -35.74
CA LEU H 42 -34.40 15.93 -34.97
C LEU H 42 -34.44 17.41 -34.60
N LEU H 43 -35.64 17.99 -34.66
CA LEU H 43 -35.84 19.40 -34.32
C LEU H 43 -36.68 19.42 -33.03
N ASP H 44 -36.35 20.32 -32.11
CA ASP H 44 -37.08 20.43 -30.85
C ASP H 44 -37.26 19.04 -30.26
N ALA H 45 -36.13 18.45 -29.90
CA ALA H 45 -36.08 17.12 -29.35
C ALA H 45 -35.71 17.12 -27.88
N GLU H 46 -36.18 16.11 -27.17
CA GLU H 46 -35.92 15.98 -25.76
C GLU H 46 -35.32 14.60 -25.48
N GLU H 47 -34.23 14.56 -24.73
CA GLU H 47 -33.59 13.30 -24.40
C GLU H 47 -34.31 12.63 -23.23
N ILE H 48 -34.41 11.31 -23.28
CA ILE H 48 -35.11 10.54 -22.27
C ILE H 48 -34.33 9.34 -21.76
N GLN H 49 -34.35 9.16 -20.45
CA GLN H 49 -33.65 8.06 -19.80
C GLN H 49 -34.55 7.52 -18.69
N ASN H 50 -34.93 6.24 -18.78
CA ASN H 50 -35.81 5.63 -17.80
C ASN H 50 -37.20 6.26 -17.81
N GLY H 51 -37.69 6.58 -19.02
CA GLY H 51 -39.00 7.19 -19.16
C GLY H 51 -39.07 8.66 -18.76
N GLU H 52 -38.03 9.13 -18.07
CA GLU H 52 -37.97 10.51 -17.62
C GLU H 52 -37.02 11.38 -18.44
N VAL H 53 -37.45 12.60 -18.76
CA VAL H 53 -36.67 13.54 -19.55
C VAL H 53 -35.40 14.03 -18.84
N VAL H 54 -34.33 14.27 -19.61
CA VAL H 54 -33.08 14.75 -19.04
C VAL H 54 -32.45 15.92 -19.78
N ARG H 55 -33.07 16.38 -20.86
CA ARG H 55 -32.53 17.51 -21.61
C ARG H 55 -33.29 17.83 -22.88
N LYS H 56 -33.36 19.12 -23.21
CA LYS H 56 -34.01 19.59 -24.44
C LYS H 56 -32.91 20.12 -25.33
N VAL H 57 -33.01 19.89 -26.64
CA VAL H 57 -31.96 20.33 -27.55
C VAL H 57 -32.33 21.18 -28.76
N GLY H 58 -33.54 21.00 -29.31
CA GLY H 58 -33.92 21.82 -30.45
C GLY H 58 -33.44 21.33 -31.80
N SER H 59 -32.39 20.51 -31.77
CA SER H 59 -31.82 19.90 -32.95
C SER H 59 -30.71 18.98 -32.48
N VAL H 60 -30.51 17.88 -33.20
CA VAL H 60 -29.48 16.93 -32.84
C VAL H 60 -29.35 15.90 -33.95
N VAL H 61 -28.12 15.67 -34.40
CA VAL H 61 -27.86 14.69 -35.44
C VAL H 61 -27.45 13.39 -34.77
N ILE H 62 -28.21 12.33 -35.03
CA ILE H 62 -27.92 11.02 -34.43
C ILE H 62 -27.35 10.04 -35.44
N ARG H 63 -26.25 9.39 -35.07
CA ARG H 63 -25.59 8.38 -35.91
C ARG H 63 -26.48 7.13 -36.03
N GLY H 64 -26.68 6.65 -37.25
CA GLY H 64 -27.51 5.47 -37.46
C GLY H 64 -27.05 4.22 -36.74
N ASP H 65 -25.75 4.10 -36.52
CA ASP H 65 -25.18 2.94 -35.84
C ASP H 65 -25.78 2.73 -34.43
N THR H 66 -26.16 3.82 -33.76
CA THR H 66 -26.71 3.73 -32.41
C THR H 66 -28.22 3.58 -32.40
N VAL H 67 -28.86 3.67 -33.56
CA VAL H 67 -30.31 3.55 -33.62
C VAL H 67 -30.89 2.13 -33.52
N VAL H 68 -31.87 1.95 -32.64
CA VAL H 68 -32.53 0.66 -32.48
C VAL H 68 -33.80 0.66 -33.32
N PHE H 69 -34.64 1.68 -33.13
CA PHE H 69 -35.87 1.82 -33.91
C PHE H 69 -36.44 3.23 -33.91
N VAL H 70 -37.30 3.50 -34.88
CA VAL H 70 -37.94 4.79 -35.01
C VAL H 70 -39.46 4.60 -35.23
N SER H 71 -40.24 5.32 -34.45
CA SER H 71 -41.70 5.26 -34.56
C SER H 71 -42.33 6.61 -34.21
N PRO H 72 -43.36 7.01 -34.94
CA PRO H 72 -44.04 8.28 -34.70
C PRO H 72 -44.76 8.28 -33.35
N ALA H 73 -44.71 9.41 -32.66
CA ALA H 73 -45.35 9.55 -31.35
C ALA H 73 -46.85 9.79 -31.47
N PRO I 2 -31.52 -24.67 -52.34
CA PRO I 2 -31.13 -23.78 -51.23
C PRO I 2 -32.15 -22.66 -51.02
N PRO I 3 -33.28 -22.96 -50.34
CA PRO I 3 -34.31 -21.93 -50.11
C PRO I 3 -33.71 -20.70 -49.44
N ARG I 4 -34.19 -19.52 -49.84
CA ARG I 4 -33.65 -18.27 -49.35
C ARG I 4 -34.38 -17.62 -48.18
N PRO I 5 -33.68 -17.51 -47.03
CA PRO I 5 -34.22 -16.92 -45.80
C PRO I 5 -35.05 -15.66 -46.02
N LEU I 6 -34.68 -14.83 -46.99
CA LEU I 6 -35.44 -13.61 -47.24
C LEU I 6 -36.76 -13.91 -47.97
N ASP I 7 -36.82 -15.04 -48.65
CA ASP I 7 -38.05 -15.42 -49.33
C ASP I 7 -39.06 -15.83 -48.26
N VAL I 8 -38.58 -16.42 -47.17
CA VAL I 8 -39.43 -16.85 -46.08
C VAL I 8 -39.93 -15.61 -45.35
N LEU I 9 -39.12 -14.56 -45.35
CA LEU I 9 -39.52 -13.34 -44.71
C LEU I 9 -40.61 -12.67 -45.56
N ASN I 10 -40.50 -12.81 -46.89
CA ASN I 10 -41.50 -12.22 -47.77
C ASN I 10 -42.88 -12.86 -47.57
N ARG I 11 -42.90 -14.19 -47.54
CA ARG I 11 -44.15 -14.94 -47.35
C ARG I 11 -44.93 -14.58 -46.09
N SER I 12 -44.31 -13.76 -45.23
CA SER I 12 -44.95 -13.35 -43.99
C SER I 12 -45.45 -11.91 -44.00
N LEU I 13 -45.22 -11.20 -45.10
CA LEU I 13 -45.71 -9.82 -45.22
C LEU I 13 -47.22 -9.79 -44.97
N LYS I 14 -47.69 -8.72 -44.33
CA LYS I 14 -49.11 -8.53 -44.02
C LYS I 14 -49.61 -9.52 -42.96
N SER I 15 -48.67 -10.21 -42.32
CA SER I 15 -48.98 -11.18 -41.27
C SER I 15 -48.27 -10.81 -39.97
N PRO I 16 -48.76 -11.35 -38.85
CA PRO I 16 -48.13 -11.06 -37.56
C PRO I 16 -46.83 -11.85 -37.35
N VAL I 17 -45.81 -11.16 -36.83
CA VAL I 17 -44.52 -11.78 -36.57
C VAL I 17 -43.93 -11.31 -35.24
N ILE I 18 -42.93 -12.04 -34.78
CA ILE I 18 -42.20 -11.73 -33.54
C ILE I 18 -40.74 -11.42 -33.88
N VAL I 19 -40.23 -10.30 -33.41
CA VAL I 19 -38.86 -9.92 -33.70
C VAL I 19 -38.08 -9.80 -32.40
N ARG I 20 -37.06 -10.63 -32.24
CA ARG I 20 -36.25 -10.52 -31.04
C ARG I 20 -35.08 -9.61 -31.37
N LEU I 21 -34.78 -8.71 -30.45
CA LEU I 21 -33.69 -7.76 -30.65
C LEU I 21 -32.57 -8.09 -29.68
N LYS I 22 -31.37 -7.61 -29.98
CA LYS I 22 -30.23 -7.84 -29.10
C LYS I 22 -30.56 -7.13 -27.80
N GLY I 23 -30.51 -7.86 -26.70
CA GLY I 23 -30.82 -7.27 -25.40
C GLY I 23 -32.01 -7.97 -24.77
N GLY I 24 -32.70 -8.80 -25.56
CA GLY I 24 -33.84 -9.52 -25.04
C GLY I 24 -35.17 -8.87 -25.39
N ARG I 25 -35.14 -7.59 -25.79
CA ARG I 25 -36.36 -6.89 -26.15
C ARG I 25 -37.08 -7.61 -27.31
N GLU I 26 -38.40 -7.47 -27.36
CA GLU I 26 -39.16 -8.13 -28.39
C GLU I 26 -40.20 -7.17 -28.99
N PHE I 27 -40.62 -7.48 -30.21
CA PHE I 27 -41.65 -6.68 -30.89
C PHE I 27 -42.60 -7.64 -31.60
N ARG I 28 -43.90 -7.46 -31.34
CA ARG I 28 -44.97 -8.27 -31.94
C ARG I 28 -45.78 -7.32 -32.81
N GLY I 29 -45.95 -7.64 -34.09
CA GLY I 29 -46.72 -6.78 -34.96
C GLY I 29 -46.85 -7.36 -36.36
N THR I 30 -47.39 -6.57 -37.28
CA THR I 30 -47.56 -7.05 -38.64
C THR I 30 -46.34 -6.61 -39.45
N LEU I 31 -45.75 -7.56 -40.19
CA LEU I 31 -44.58 -7.27 -41.01
C LEU I 31 -45.01 -6.54 -42.28
N ASP I 32 -44.71 -5.25 -42.34
CA ASP I 32 -45.09 -4.43 -43.49
C ASP I 32 -43.95 -4.25 -44.48
N GLY I 33 -42.74 -4.60 -44.07
CA GLY I 33 -41.61 -4.45 -44.98
C GLY I 33 -40.27 -4.84 -44.41
N TYR I 34 -39.30 -5.03 -45.31
CA TYR I 34 -37.95 -5.43 -44.93
C TYR I 34 -37.04 -5.27 -46.15
N ASP I 35 -35.75 -5.00 -45.91
CA ASP I 35 -34.81 -4.91 -47.01
C ASP I 35 -33.81 -6.05 -46.82
N ILE I 36 -32.73 -6.03 -47.58
CA ILE I 36 -31.73 -7.10 -47.52
C ILE I 36 -30.93 -7.16 -46.21
N HIS I 37 -30.70 -6.00 -45.60
CA HIS I 37 -29.94 -5.93 -44.34
C HIS I 37 -30.82 -6.39 -43.18
N MET I 38 -32.05 -6.75 -43.53
CA MET I 38 -33.05 -7.19 -42.60
C MET I 38 -33.57 -6.07 -41.71
N ASN I 39 -33.62 -4.85 -42.25
CA ASN I 39 -34.18 -3.74 -41.52
C ASN I 39 -35.69 -4.06 -41.65
N LEU I 40 -36.51 -3.66 -40.68
CA LEU I 40 -37.92 -4.00 -40.72
C LEU I 40 -38.93 -2.93 -40.40
N VAL I 41 -40.14 -3.15 -40.90
CA VAL I 41 -41.25 -2.25 -40.63
C VAL I 41 -42.41 -3.06 -40.05
N LEU I 42 -42.92 -2.63 -38.90
CA LEU I 42 -44.06 -3.33 -38.30
C LEU I 42 -45.17 -2.34 -38.05
N LEU I 43 -46.41 -2.79 -38.25
CA LEU I 43 -47.59 -1.98 -38.02
C LEU I 43 -48.33 -2.59 -36.82
N ASP I 44 -49.00 -1.76 -36.04
CA ASP I 44 -49.74 -2.20 -34.85
C ASP I 44 -48.95 -3.23 -34.04
N ALA I 45 -47.76 -2.83 -33.61
CA ALA I 45 -46.88 -3.71 -32.86
C ALA I 45 -46.73 -3.41 -31.37
N GLU I 46 -46.20 -4.38 -30.63
CA GLU I 46 -46.00 -4.25 -29.19
C GLU I 46 -44.60 -4.64 -28.77
N GLU I 47 -43.99 -3.80 -27.94
CA GLU I 47 -42.67 -4.06 -27.42
C GLU I 47 -42.87 -4.91 -26.14
N ILE I 48 -42.34 -6.13 -26.15
CA ILE I 48 -42.46 -7.02 -25.00
C ILE I 48 -41.19 -7.07 -24.16
N GLN I 49 -41.38 -7.15 -22.86
CA GLN I 49 -40.28 -7.21 -21.92
C GLN I 49 -40.71 -8.12 -20.77
N ASN I 50 -40.15 -9.33 -20.74
CA ASN I 50 -40.46 -10.31 -19.67
C ASN I 50 -41.94 -10.57 -19.47
N GLY I 51 -42.58 -11.19 -20.46
CA GLY I 51 -43.99 -11.52 -20.37
C GLY I 51 -44.91 -10.31 -20.28
N GLU I 52 -44.34 -9.11 -20.38
CA GLU I 52 -45.16 -7.90 -20.30
C GLU I 52 -45.05 -6.93 -21.47
N VAL I 53 -46.17 -6.32 -21.82
CA VAL I 53 -46.21 -5.33 -22.89
C VAL I 53 -45.80 -3.99 -22.26
N VAL I 54 -44.66 -3.45 -22.69
CA VAL I 54 -44.13 -2.19 -22.13
C VAL I 54 -44.32 -0.95 -23.00
N ARG I 55 -44.63 -1.16 -24.27
CA ARG I 55 -44.80 -0.06 -25.21
C ARG I 55 -45.68 -0.51 -26.37
N LYS I 56 -46.44 0.42 -26.92
CA LYS I 56 -47.29 0.14 -28.07
C LYS I 56 -47.04 1.22 -29.11
N VAL I 57 -46.90 0.81 -30.38
CA VAL I 57 -46.65 1.77 -31.46
C VAL I 57 -47.48 1.37 -32.67
N GLY I 58 -47.98 2.37 -33.40
CA GLY I 58 -48.78 2.11 -34.58
C GLY I 58 -47.94 1.67 -35.74
N SER I 59 -46.65 2.01 -35.69
CA SER I 59 -45.71 1.65 -36.73
C SER I 59 -44.30 1.79 -36.16
N VAL I 60 -43.36 1.05 -36.73
CA VAL I 60 -42.01 1.12 -36.25
C VAL I 60 -41.04 0.61 -37.28
N VAL I 61 -39.95 1.34 -37.45
CA VAL I 61 -38.89 0.93 -38.36
C VAL I 61 -37.79 0.46 -37.43
N ILE I 62 -37.35 -0.77 -37.64
CA ILE I 62 -36.33 -1.40 -36.83
C ILE I 62 -35.08 -1.65 -37.65
N ARG I 63 -33.94 -1.31 -37.07
CA ARG I 63 -32.67 -1.48 -37.73
C ARG I 63 -32.22 -2.92 -37.69
N GLY I 64 -32.08 -3.51 -38.87
CA GLY I 64 -31.67 -4.90 -38.98
C GLY I 64 -30.47 -5.21 -38.13
N ASP I 65 -29.63 -4.21 -37.92
CA ASP I 65 -28.43 -4.34 -37.11
C ASP I 65 -28.74 -4.85 -35.69
N THR I 66 -29.93 -4.52 -35.20
CA THR I 66 -30.34 -4.93 -33.85
C THR I 66 -31.07 -6.27 -33.78
N VAL I 67 -31.54 -6.76 -34.92
CA VAL I 67 -32.32 -8.01 -34.97
C VAL I 67 -31.56 -9.32 -34.86
N VAL I 68 -32.09 -10.22 -34.02
CA VAL I 68 -31.50 -11.55 -33.81
C VAL I 68 -32.26 -12.54 -34.71
N PHE I 69 -33.58 -12.52 -34.64
CA PHE I 69 -34.41 -13.39 -35.46
C PHE I 69 -35.82 -12.84 -35.61
N VAL I 70 -36.54 -13.41 -36.58
CA VAL I 70 -37.91 -13.03 -36.86
C VAL I 70 -38.68 -14.31 -37.09
N SER I 71 -39.86 -14.42 -36.50
CA SER I 71 -40.67 -15.60 -36.69
C SER I 71 -42.15 -15.24 -36.58
N PRO I 72 -42.93 -15.91 -37.41
CA PRO I 72 -44.42 -15.74 -37.46
C PRO I 72 -45.03 -15.94 -36.04
N ALA I 73 -46.04 -15.13 -35.69
CA ALA I 73 -46.76 -15.25 -34.38
C ALA I 73 -46.93 -16.72 -34.16
N PRO I 74 -47.24 -17.17 -32.97
CA PRO I 74 -46.95 -18.58 -32.74
C PRO I 74 -47.05 -19.51 -33.95
N PRO J 3 -13.97 -28.67 -48.00
CA PRO J 3 -13.61 -27.49 -48.81
C PRO J 3 -14.25 -26.19 -48.30
N ARG J 4 -15.48 -25.94 -48.74
CA ARG J 4 -16.22 -24.74 -48.35
C ARG J 4 -17.07 -24.91 -47.09
N PRO J 5 -16.97 -23.95 -46.16
CA PRO J 5 -17.73 -23.98 -44.89
C PRO J 5 -19.24 -23.99 -45.13
N LEU J 6 -19.69 -23.36 -46.21
CA LEU J 6 -21.11 -23.31 -46.55
C LEU J 6 -21.65 -24.65 -47.04
N ASP J 7 -20.77 -25.50 -47.55
CA ASP J 7 -21.18 -26.82 -48.05
C ASP J 7 -21.63 -27.69 -46.90
N VAL J 8 -21.13 -27.40 -45.70
CA VAL J 8 -21.52 -28.18 -44.54
C VAL J 8 -22.96 -27.80 -44.22
N LEU J 9 -23.34 -26.59 -44.58
CA LEU J 9 -24.70 -26.14 -44.35
C LEU J 9 -25.63 -26.79 -45.36
N ASN J 10 -25.08 -27.07 -46.55
CA ASN J 10 -25.83 -27.68 -47.64
C ASN J 10 -26.16 -29.14 -47.36
N ARG J 11 -25.23 -29.85 -46.72
CA ARG J 11 -25.42 -31.26 -46.40
C ARG J 11 -26.39 -31.48 -45.24
N SER J 12 -26.52 -30.44 -44.41
CA SER J 12 -27.41 -30.51 -43.25
C SER J 12 -28.82 -30.02 -43.57
N LEU J 13 -29.04 -29.63 -44.83
CA LEU J 13 -30.37 -29.18 -45.22
C LEU J 13 -31.39 -30.30 -45.00
N LYS J 14 -32.56 -29.93 -44.46
CA LYS J 14 -33.63 -30.88 -44.18
C LYS J 14 -33.23 -31.85 -43.06
N SER J 15 -32.32 -31.39 -42.21
CA SER J 15 -31.82 -32.17 -41.09
C SER J 15 -31.70 -31.30 -39.83
N PRO J 16 -31.68 -31.92 -38.66
CA PRO J 16 -31.58 -31.13 -37.42
C PRO J 16 -30.17 -30.54 -37.20
N VAL J 17 -30.13 -29.29 -36.79
CA VAL J 17 -28.88 -28.61 -36.54
C VAL J 17 -28.98 -27.84 -35.24
N ILE J 18 -27.83 -27.50 -34.69
CA ILE J 18 -27.79 -26.69 -33.49
C ILE J 18 -27.22 -25.36 -33.94
N VAL J 19 -27.86 -24.27 -33.56
CA VAL J 19 -27.38 -22.95 -33.92
C VAL J 19 -27.09 -22.13 -32.68
N ARG J 20 -25.82 -21.77 -32.52
CA ARG J 20 -25.39 -20.98 -31.39
C ARG J 20 -25.34 -19.49 -31.74
N LEU J 21 -26.03 -18.68 -30.94
CA LEU J 21 -26.08 -17.25 -31.17
C LEU J 21 -25.23 -16.53 -30.14
N LYS J 22 -25.13 -15.21 -30.28
CA LYS J 22 -24.35 -14.44 -29.32
C LYS J 22 -25.17 -14.25 -28.06
N GLY J 23 -24.48 -14.36 -26.92
CA GLY J 23 -25.15 -14.23 -25.65
C GLY J 23 -25.40 -15.63 -25.10
N GLY J 24 -24.91 -16.62 -25.86
CA GLY J 24 -25.05 -18.00 -25.46
C GLY J 24 -26.38 -18.65 -25.83
N ARG J 25 -27.34 -17.86 -26.30
CA ARG J 25 -28.65 -18.40 -26.67
C ARG J 25 -28.50 -19.46 -27.75
N GLU J 26 -29.43 -20.39 -27.77
CA GLU J 26 -29.37 -21.45 -28.76
C GLU J 26 -30.66 -21.66 -29.48
N PHE J 27 -30.55 -22.35 -30.59
CA PHE J 27 -31.68 -22.69 -31.40
C PHE J 27 -31.41 -24.10 -31.91
N ARG J 28 -32.37 -24.97 -31.70
CA ARG J 28 -32.26 -26.35 -32.15
C ARG J 28 -33.49 -26.58 -33.01
N GLY J 29 -33.26 -26.96 -34.27
CA GLY J 29 -34.36 -27.19 -35.18
C GLY J 29 -33.87 -27.71 -36.51
N THR J 30 -34.79 -27.87 -37.45
CA THR J 30 -34.48 -28.38 -38.77
C THR J 30 -34.03 -27.28 -39.75
N LEU J 31 -32.87 -27.46 -40.35
CA LEU J 31 -32.31 -26.50 -41.30
C LEU J 31 -33.01 -26.57 -42.64
N ASP J 32 -33.79 -25.54 -42.94
CA ASP J 32 -34.52 -25.49 -44.20
C ASP J 32 -33.89 -24.48 -45.16
N GLY J 33 -33.09 -23.54 -44.64
CA GLY J 33 -32.47 -22.56 -45.51
C GLY J 33 -31.24 -21.83 -44.99
N TYR J 34 -30.64 -21.03 -45.89
CA TYR J 34 -29.44 -20.24 -45.59
C TYR J 34 -28.90 -19.57 -46.86
N ASP J 35 -28.34 -18.38 -46.72
CA ASP J 35 -27.74 -17.67 -47.84
C ASP J 35 -26.25 -17.50 -47.55
N ILE J 36 -25.54 -16.74 -48.37
CA ILE J 36 -24.10 -16.55 -48.19
C ILE J 36 -23.76 -15.63 -47.00
N HIS J 37 -24.74 -14.85 -46.55
CA HIS J 37 -24.52 -13.95 -45.42
C HIS J 37 -24.66 -14.75 -44.12
N MET J 38 -25.07 -16.00 -44.31
CA MET J 38 -25.29 -16.95 -43.23
C MET J 38 -26.62 -16.74 -42.51
N ASN J 39 -27.57 -16.11 -43.19
CA ASN J 39 -28.89 -15.98 -42.60
C ASN J 39 -29.42 -17.42 -42.65
N LEU J 40 -30.28 -17.78 -41.69
CA LEU J 40 -30.78 -19.15 -41.63
C LEU J 40 -32.28 -19.24 -41.47
N VAL J 41 -32.83 -20.37 -41.89
CA VAL J 41 -34.25 -20.63 -41.76
C VAL J 41 -34.37 -22.01 -41.10
N LEU J 42 -35.02 -22.06 -39.95
CA LEU J 42 -35.23 -23.32 -39.26
C LEU J 42 -36.72 -23.59 -39.14
N LEU J 43 -37.09 -24.85 -39.32
CA LEU J 43 -38.46 -25.29 -39.19
C LEU J 43 -38.48 -26.09 -37.88
N ASP J 44 -39.65 -26.14 -37.25
CA ASP J 44 -39.89 -26.85 -35.98
C ASP J 44 -38.69 -26.73 -35.07
N ALA J 45 -38.50 -25.53 -34.52
CA ALA J 45 -37.35 -25.27 -33.66
C ALA J 45 -37.64 -24.67 -32.29
N GLU J 46 -36.69 -24.84 -31.38
CA GLU J 46 -36.81 -24.34 -30.01
C GLU J 46 -35.61 -23.46 -29.65
N GLU J 47 -35.89 -22.40 -28.89
CA GLU J 47 -34.84 -21.48 -28.46
C GLU J 47 -34.43 -21.85 -27.05
N ILE J 48 -33.21 -22.32 -26.90
CA ILE J 48 -32.71 -22.72 -25.60
C ILE J 48 -31.83 -21.66 -24.95
N GLN J 49 -32.23 -21.19 -23.77
CA GLN J 49 -31.45 -20.17 -23.07
C GLN J 49 -31.02 -20.70 -21.71
N ASN J 50 -29.72 -20.82 -21.50
CA ASN J 50 -29.17 -21.34 -20.25
C ASN J 50 -29.60 -22.79 -20.00
N GLY J 51 -29.94 -23.50 -21.07
CA GLY J 51 -30.33 -24.89 -20.92
C GLY J 51 -31.81 -25.25 -20.96
N GLU J 52 -32.70 -24.30 -20.68
CA GLU J 52 -34.13 -24.57 -20.69
C GLU J 52 -34.80 -23.93 -21.89
N VAL J 53 -35.76 -24.64 -22.46
CA VAL J 53 -36.50 -24.15 -23.61
C VAL J 53 -37.34 -22.95 -23.23
N VAL J 54 -37.24 -21.88 -24.01
CA VAL J 54 -37.99 -20.66 -23.74
C VAL J 54 -39.09 -20.38 -24.76
N ARG J 55 -39.10 -21.15 -25.85
CA ARG J 55 -40.10 -20.98 -26.89
C ARG J 55 -40.02 -22.04 -28.00
N LYS J 56 -41.16 -22.32 -28.61
CA LYS J 56 -41.25 -23.27 -29.71
C LYS J 56 -41.70 -22.46 -30.92
N VAL J 57 -41.14 -22.75 -32.10
CA VAL J 57 -41.52 -22.03 -33.30
C VAL J 57 -41.55 -22.95 -34.52
N GLY J 58 -42.61 -22.82 -35.33
CA GLY J 58 -42.72 -23.65 -36.52
C GLY J 58 -41.69 -23.23 -37.54
N SER J 59 -41.32 -21.95 -37.49
CA SER J 59 -40.32 -21.39 -38.39
C SER J 59 -39.73 -20.12 -37.81
N VAL J 60 -38.44 -19.91 -38.10
CA VAL J 60 -37.74 -18.71 -37.64
C VAL J 60 -36.65 -18.31 -38.62
N VAL J 61 -36.48 -17.00 -38.81
CA VAL J 61 -35.44 -16.49 -39.67
C VAL J 61 -34.38 -15.89 -38.75
N ILE J 62 -33.15 -16.34 -38.93
CA ILE J 62 -32.04 -15.89 -38.12
C ILE J 62 -31.04 -15.04 -38.89
N ARG J 63 -30.76 -13.83 -38.41
CA ARG J 63 -29.77 -12.93 -39.04
C ARG J 63 -28.37 -13.57 -38.92
N GLY J 64 -27.68 -13.76 -40.04
CA GLY J 64 -26.35 -14.35 -40.01
C GLY J 64 -25.40 -13.67 -39.03
N ASP J 65 -25.50 -12.34 -38.95
CA ASP J 65 -24.66 -11.54 -38.06
C ASP J 65 -24.69 -11.93 -36.57
N THR J 66 -25.71 -12.68 -36.13
CA THR J 66 -25.76 -13.09 -34.74
C THR J 66 -25.37 -14.55 -34.57
N VAL J 67 -25.14 -15.24 -35.70
CA VAL J 67 -24.76 -16.64 -35.66
C VAL J 67 -23.29 -16.85 -35.30
N VAL J 68 -23.05 -17.74 -34.33
CA VAL J 68 -21.69 -18.04 -33.92
C VAL J 68 -21.23 -19.31 -34.62
N PHE J 69 -22.09 -20.32 -34.64
CA PHE J 69 -21.74 -21.58 -35.28
C PHE J 69 -22.96 -22.47 -35.49
N VAL J 70 -22.85 -23.38 -36.45
CA VAL J 70 -23.92 -24.28 -36.80
C VAL J 70 -23.38 -25.71 -36.91
N SER J 71 -24.04 -26.67 -36.26
CA SER J 71 -23.58 -28.04 -36.34
C SER J 71 -24.74 -29.02 -36.36
N PRO J 72 -24.59 -30.16 -37.03
CA PRO J 72 -25.72 -31.10 -37.04
C PRO J 72 -25.93 -31.54 -35.59
N ALA J 73 -27.15 -31.96 -35.26
CA ALA J 73 -27.47 -32.42 -33.92
C ALA J 73 -26.49 -33.46 -33.38
N PRO K 2 5.15 -9.22 -47.49
CA PRO K 2 4.26 -9.57 -46.35
C PRO K 2 3.45 -10.84 -46.64
N PRO K 3 3.92 -11.99 -46.12
CA PRO K 3 3.25 -13.28 -46.31
C PRO K 3 1.75 -13.20 -46.00
N ARG K 4 1.02 -14.28 -46.22
CA ARG K 4 -0.42 -14.27 -45.98
C ARG K 4 -0.93 -15.16 -44.86
N PRO K 5 -1.81 -14.63 -44.01
CA PRO K 5 -2.40 -15.34 -42.87
C PRO K 5 -3.32 -16.48 -43.32
N LEU K 6 -4.12 -16.22 -44.36
CA LEU K 6 -5.05 -17.21 -44.89
C LEU K 6 -4.30 -18.43 -45.38
N ASP K 7 -3.14 -18.20 -45.97
CA ASP K 7 -2.32 -19.29 -46.47
C ASP K 7 -1.73 -20.08 -45.31
N VAL K 8 -1.61 -19.42 -44.15
CA VAL K 8 -1.07 -20.08 -42.95
C VAL K 8 -2.07 -21.10 -42.42
N LEU K 9 -3.35 -20.88 -42.70
CA LEU K 9 -4.39 -21.80 -42.27
C LEU K 9 -4.35 -23.04 -43.16
N ASN K 10 -4.19 -22.80 -44.45
CA ASN K 10 -4.15 -23.89 -45.42
C ASN K 10 -3.05 -24.89 -45.11
N ARG K 11 -2.24 -24.60 -44.11
CA ARG K 11 -1.16 -25.49 -43.75
C ARG K 11 -1.55 -26.32 -42.53
N SER K 12 -2.83 -26.28 -42.18
CA SER K 12 -3.32 -27.03 -41.03
C SER K 12 -4.54 -27.88 -41.36
N LEU K 13 -4.82 -28.02 -42.65
CA LEU K 13 -5.95 -28.83 -43.08
C LEU K 13 -5.78 -30.26 -42.60
N LYS K 14 -6.86 -30.83 -42.08
CA LYS K 14 -6.87 -32.20 -41.57
C LYS K 14 -6.02 -32.34 -40.30
N SER K 15 -5.64 -31.20 -39.74
CA SER K 15 -4.82 -31.19 -38.53
C SER K 15 -5.55 -30.63 -37.29
N PRO K 16 -5.16 -31.10 -36.10
CA PRO K 16 -5.76 -30.66 -34.84
C PRO K 16 -5.52 -29.19 -34.57
N VAL K 17 -6.57 -28.44 -34.25
CA VAL K 17 -6.40 -27.03 -33.96
C VAL K 17 -7.22 -26.51 -32.79
N ILE K 18 -6.77 -25.38 -32.25
CA ILE K 18 -7.47 -24.72 -31.16
C ILE K 18 -8.10 -23.48 -31.76
N VAL K 19 -9.43 -23.44 -31.79
CA VAL K 19 -10.06 -22.24 -32.33
C VAL K 19 -10.74 -21.47 -31.21
N ARG K 20 -10.20 -20.28 -30.94
CA ARG K 20 -10.75 -19.43 -29.90
C ARG K 20 -11.77 -18.51 -30.52
N LEU K 21 -12.89 -18.32 -29.82
CA LEU K 21 -13.95 -17.44 -30.28
C LEU K 21 -14.22 -16.42 -29.20
N LYS K 22 -14.99 -15.39 -29.54
CA LYS K 22 -15.34 -14.36 -28.58
C LYS K 22 -16.35 -14.94 -27.58
N GLY K 23 -16.43 -14.32 -26.39
CA GLY K 23 -17.36 -14.80 -25.39
C GLY K 23 -16.87 -15.96 -24.54
N GLY K 24 -15.58 -16.25 -24.59
CA GLY K 24 -15.02 -17.35 -23.81
C GLY K 24 -15.29 -18.73 -24.36
N ARG K 25 -15.80 -18.80 -25.58
CA ARG K 25 -16.09 -20.08 -26.21
C ARG K 25 -14.84 -20.56 -26.95
N GLU K 26 -14.73 -21.87 -27.14
CA GLU K 26 -13.56 -22.41 -27.80
C GLU K 26 -13.81 -23.77 -28.43
N PHE K 27 -13.01 -24.10 -29.45
CA PHE K 27 -13.15 -25.36 -30.13
C PHE K 27 -11.85 -26.12 -30.31
N ARG K 28 -11.94 -27.45 -30.23
CA ARG K 28 -10.80 -28.34 -30.41
C ARG K 28 -11.23 -29.28 -31.52
N GLY K 29 -10.37 -29.51 -32.49
CA GLY K 29 -10.75 -30.40 -33.56
C GLY K 29 -9.90 -30.19 -34.79
N THR K 30 -9.91 -31.18 -35.68
CA THR K 30 -9.15 -31.09 -36.90
C THR K 30 -9.82 -30.09 -37.83
N LEU K 31 -9.03 -29.22 -38.45
CA LEU K 31 -9.58 -28.24 -39.37
C LEU K 31 -9.92 -29.01 -40.65
N ASP K 32 -11.06 -28.72 -41.26
CA ASP K 32 -11.45 -29.42 -42.48
C ASP K 32 -11.74 -28.49 -43.65
N GLY K 33 -11.61 -27.19 -43.42
CA GLY K 33 -11.85 -26.22 -44.47
C GLY K 33 -12.15 -24.84 -43.93
N TYR K 34 -11.98 -23.83 -44.78
CA TYR K 34 -12.23 -22.43 -44.43
C TYR K 34 -12.52 -21.67 -45.74
N ASP K 35 -12.87 -20.40 -45.64
CA ASP K 35 -13.14 -19.58 -46.81
C ASP K 35 -12.45 -18.23 -46.62
N ILE K 36 -12.91 -17.21 -47.33
CA ILE K 36 -12.30 -15.89 -47.21
C ILE K 36 -12.76 -15.15 -45.95
N HIS K 37 -14.02 -15.33 -45.58
CA HIS K 37 -14.57 -14.67 -44.41
C HIS K 37 -14.02 -15.22 -43.10
N MET K 38 -13.03 -16.10 -43.20
CA MET K 38 -12.41 -16.71 -42.03
C MET K 38 -13.33 -17.79 -41.46
N ASN K 39 -14.45 -18.05 -42.15
CA ASN K 39 -15.38 -19.06 -41.68
C ASN K 39 -14.65 -20.41 -41.65
N LEU K 40 -14.83 -21.17 -40.59
CA LEU K 40 -14.15 -22.45 -40.46
C LEU K 40 -15.10 -23.63 -40.56
N VAL K 41 -14.50 -24.82 -40.61
CA VAL K 41 -15.23 -26.07 -40.65
C VAL K 41 -14.34 -27.01 -39.85
N LEU K 42 -14.91 -27.69 -38.87
CA LEU K 42 -14.12 -28.61 -38.06
C LEU K 42 -14.77 -29.98 -37.98
N LEU K 43 -13.96 -30.99 -37.72
CA LEU K 43 -14.43 -32.35 -37.61
C LEU K 43 -14.07 -32.88 -36.23
N ASP K 44 -14.81 -33.89 -35.77
CA ASP K 44 -14.55 -34.49 -34.46
C ASP K 44 -14.19 -33.38 -33.49
N ALA K 45 -14.86 -32.25 -33.64
CA ALA K 45 -14.61 -31.07 -32.80
C ALA K 45 -15.41 -31.04 -31.50
N GLU K 46 -14.77 -30.54 -30.46
CA GLU K 46 -15.41 -30.41 -29.15
C GLU K 46 -15.51 -28.94 -28.74
N GLU K 47 -16.69 -28.56 -28.29
CA GLU K 47 -16.99 -27.20 -27.86
C GLU K 47 -16.63 -27.03 -26.38
N ILE K 48 -15.98 -25.92 -26.04
CA ILE K 48 -15.58 -25.63 -24.66
C ILE K 48 -16.10 -24.26 -24.24
N GLN K 49 -16.49 -24.13 -22.98
CA GLN K 49 -17.03 -22.87 -22.46
C GLN K 49 -16.59 -22.64 -21.02
N ASN K 50 -15.98 -21.49 -20.77
CA ASN K 50 -15.52 -21.14 -19.43
C ASN K 50 -14.84 -22.29 -18.68
N GLY K 51 -14.02 -23.06 -19.40
CA GLY K 51 -13.30 -24.17 -18.79
C GLY K 51 -14.05 -25.47 -18.57
N GLU K 52 -14.94 -25.82 -19.50
CA GLU K 52 -15.71 -27.04 -19.37
C GLU K 52 -16.27 -27.47 -20.72
N VAL K 53 -16.10 -28.74 -21.07
CA VAL K 53 -16.59 -29.27 -22.34
C VAL K 53 -18.10 -29.41 -22.42
N VAL K 54 -18.68 -28.76 -23.42
CA VAL K 54 -20.11 -28.74 -23.67
C VAL K 54 -20.62 -29.88 -24.55
N ARG K 55 -19.85 -30.25 -25.55
CA ARG K 55 -20.30 -31.28 -26.47
C ARG K 55 -19.23 -31.66 -27.49
N LYS K 56 -19.38 -32.83 -28.09
CA LYS K 56 -18.44 -33.32 -29.09
C LYS K 56 -19.15 -33.55 -30.42
N VAL K 57 -19.26 -32.47 -31.21
CA VAL K 57 -19.91 -32.51 -32.52
C VAL K 57 -19.07 -33.17 -33.63
N GLY K 58 -19.75 -33.85 -34.54
CA GLY K 58 -19.06 -34.51 -35.65
C GLY K 58 -18.49 -33.48 -36.58
N SER K 59 -19.18 -32.36 -36.71
CA SER K 59 -18.73 -31.29 -37.58
C SER K 59 -19.40 -29.99 -37.14
N VAL K 60 -18.80 -28.87 -37.53
CA VAL K 60 -19.33 -27.57 -37.16
C VAL K 60 -18.83 -26.49 -38.11
N VAL K 61 -19.70 -25.54 -38.40
CA VAL K 61 -19.43 -24.39 -39.28
C VAL K 61 -19.39 -23.14 -38.41
N ILE K 62 -18.20 -22.61 -38.18
CA ILE K 62 -18.03 -21.42 -37.35
C ILE K 62 -17.97 -20.15 -38.18
N ARG K 63 -18.58 -19.08 -37.68
CA ARG K 63 -18.61 -17.78 -38.36
C ARG K 63 -17.35 -16.96 -38.14
N GLY K 64 -16.66 -16.64 -39.24
CA GLY K 64 -15.43 -15.87 -39.19
C GLY K 64 -15.47 -14.66 -38.25
N ASP K 65 -16.57 -13.94 -38.28
CA ASP K 65 -16.74 -12.76 -37.45
C ASP K 65 -16.56 -13.05 -35.95
N THR K 66 -16.79 -14.29 -35.56
CA THR K 66 -16.67 -14.70 -34.16
C THR K 66 -15.26 -15.16 -33.74
N VAL K 67 -14.41 -15.43 -34.71
CA VAL K 67 -13.07 -15.94 -34.42
C VAL K 67 -12.12 -14.90 -33.84
N VAL K 68 -11.28 -15.39 -32.92
CA VAL K 68 -10.28 -14.56 -32.29
C VAL K 68 -8.94 -15.03 -32.84
N PHE K 69 -8.69 -16.32 -32.76
CA PHE K 69 -7.45 -16.86 -33.30
C PHE K 69 -7.58 -18.36 -33.56
N VAL K 70 -6.64 -18.86 -34.36
CA VAL K 70 -6.59 -20.28 -34.71
C VAL K 70 -5.15 -20.75 -34.65
N SER K 71 -4.91 -21.86 -33.98
CA SER K 71 -3.54 -22.39 -33.88
C SER K 71 -3.49 -23.90 -33.72
N PRO K 72 -2.38 -24.51 -34.15
CA PRO K 72 -2.21 -25.96 -34.05
C PRO K 72 -2.26 -26.40 -32.60
N ALA K 73 -2.69 -27.63 -32.38
CA ALA K 73 -2.79 -28.18 -31.04
C ALA K 73 -1.78 -29.32 -30.86
N PRO L 3 6.96 6.58 -42.96
CA PRO L 3 6.67 5.25 -42.36
C PRO L 3 5.18 5.12 -42.05
N ARG L 4 4.49 4.27 -42.81
CA ARG L 4 3.06 4.04 -42.60
C ARG L 4 2.81 2.94 -41.56
N PRO L 5 1.54 2.80 -41.09
CA PRO L 5 1.19 1.78 -40.10
C PRO L 5 1.59 0.37 -40.50
N LEU L 6 1.15 -0.05 -41.68
CA LEU L 6 1.46 -1.37 -42.18
C LEU L 6 2.93 -1.59 -42.53
N ASP L 7 3.67 -0.50 -42.75
CA ASP L 7 5.09 -0.62 -43.08
C ASP L 7 5.88 -0.93 -41.82
N VAL L 8 5.51 -0.27 -40.72
CA VAL L 8 6.18 -0.49 -39.46
C VAL L 8 6.07 -1.97 -39.08
N LEU L 9 5.06 -2.63 -39.63
CA LEU L 9 4.87 -4.05 -39.37
C LEU L 9 5.81 -4.84 -40.27
N ASN L 10 5.94 -4.38 -41.51
CA ASN L 10 6.80 -5.03 -42.48
C ASN L 10 8.24 -5.16 -41.97
N ARG L 11 8.71 -4.13 -41.27
CA ARG L 11 10.08 -4.13 -40.74
C ARG L 11 10.21 -4.90 -39.44
N SER L 12 9.12 -5.52 -38.99
CA SER L 12 9.12 -6.31 -37.75
C SER L 12 9.06 -7.79 -38.06
N LEU L 13 8.82 -8.12 -39.33
CA LEU L 13 8.77 -9.52 -39.77
C LEU L 13 10.02 -10.27 -39.26
N LYS L 14 9.80 -11.44 -38.67
CA LYS L 14 10.87 -12.27 -38.13
C LYS L 14 11.60 -11.54 -37.01
N SER L 15 10.80 -10.87 -36.18
CA SER L 15 11.28 -10.14 -35.01
C SER L 15 10.20 -10.19 -33.95
N PRO L 16 10.57 -10.45 -32.69
CA PRO L 16 9.58 -10.52 -31.61
C PRO L 16 8.71 -9.26 -31.47
N VAL L 17 7.44 -9.48 -31.17
CA VAL L 17 6.50 -8.38 -31.00
C VAL L 17 5.47 -8.76 -29.95
N ILE L 18 4.75 -7.75 -29.49
CA ILE L 18 3.71 -7.92 -28.48
C ILE L 18 2.41 -7.52 -29.14
N VAL L 19 1.47 -8.45 -29.25
CA VAL L 19 0.18 -8.17 -29.84
C VAL L 19 -0.90 -8.15 -28.77
N ARG L 20 -1.37 -6.94 -28.40
CA ARG L 20 -2.42 -6.76 -27.41
C ARG L 20 -3.79 -6.96 -28.06
N LEU L 21 -4.65 -7.79 -27.47
CA LEU L 21 -5.98 -8.04 -28.04
C LEU L 21 -7.05 -7.47 -27.11
N LYS L 22 -8.31 -7.84 -27.37
CA LYS L 22 -9.42 -7.40 -26.54
C LYS L 22 -9.59 -8.33 -25.33
N GLY L 23 -10.04 -7.76 -24.21
CA GLY L 23 -10.24 -8.55 -23.00
C GLY L 23 -8.98 -8.89 -22.22
N GLY L 24 -7.90 -8.15 -22.46
CA GLY L 24 -6.66 -8.41 -21.75
C GLY L 24 -5.81 -9.52 -22.35
N ARG L 25 -6.32 -10.21 -23.36
CA ARG L 25 -5.56 -11.28 -23.99
C ARG L 25 -4.35 -10.66 -24.67
N GLU L 26 -3.25 -11.39 -24.71
CA GLU L 26 -2.02 -10.88 -25.30
C GLU L 26 -1.17 -12.00 -25.89
N PHE L 27 -0.42 -11.68 -26.94
CA PHE L 27 0.45 -12.66 -27.56
C PHE L 27 1.85 -12.12 -27.72
N ARG L 28 2.82 -13.00 -27.54
CA ARG L 28 4.23 -12.65 -27.69
C ARG L 28 4.83 -13.73 -28.57
N GLY L 29 5.56 -13.29 -29.60
CA GLY L 29 6.18 -14.23 -30.50
C GLY L 29 6.73 -13.50 -31.71
N THR L 30 7.18 -14.28 -32.69
CA THR L 30 7.74 -13.72 -33.91
C THR L 30 6.70 -13.38 -34.95
N LEU L 31 6.68 -12.12 -35.38
CA LEU L 31 5.74 -11.68 -36.41
C LEU L 31 6.10 -12.40 -37.69
N ASP L 32 5.24 -13.27 -38.19
CA ASP L 32 5.57 -13.98 -39.42
C ASP L 32 4.78 -13.52 -40.65
N GLY L 33 3.78 -12.67 -40.47
CA GLY L 33 3.00 -12.24 -41.62
C GLY L 33 1.80 -11.39 -41.26
N TYR L 34 1.17 -10.80 -42.27
CA TYR L 34 0.01 -9.95 -42.07
C TYR L 34 -0.64 -9.51 -43.39
N ASP L 35 -1.83 -8.92 -43.28
CA ASP L 35 -2.54 -8.39 -44.45
C ASP L 35 -3.14 -7.03 -44.13
N ILE L 36 -3.85 -6.46 -45.09
CA ILE L 36 -4.44 -5.13 -44.97
C ILE L 36 -5.36 -4.85 -43.77
N HIS L 37 -6.08 -5.87 -43.31
CA HIS L 37 -7.00 -5.69 -42.18
C HIS L 37 -6.33 -6.03 -40.85
N MET L 38 -5.03 -6.24 -40.90
CA MET L 38 -4.22 -6.57 -39.73
C MET L 38 -4.36 -7.97 -39.16
N ASN L 39 -4.74 -8.93 -40.00
CA ASN L 39 -4.79 -10.30 -39.52
C ASN L 39 -3.29 -10.57 -39.36
N LEU L 40 -2.92 -11.36 -38.37
CA LEU L 40 -1.51 -11.63 -38.14
C LEU L 40 -1.23 -13.11 -38.06
N VAL L 41 0.06 -13.44 -38.13
CA VAL L 41 0.53 -14.80 -38.02
C VAL L 41 1.76 -14.64 -37.13
N LEU L 42 1.88 -15.47 -36.11
CA LEU L 42 3.02 -15.39 -35.21
C LEU L 42 3.61 -16.77 -35.06
N LEU L 43 4.93 -16.83 -34.91
CA LEU L 43 5.64 -18.09 -34.72
C LEU L 43 6.17 -18.07 -33.30
N ASP L 44 6.39 -19.25 -32.72
CA ASP L 44 6.91 -19.36 -31.37
C ASP L 44 6.26 -18.29 -30.50
N ALA L 45 4.95 -18.41 -30.28
CA ALA L 45 4.21 -17.44 -29.48
C ALA L 45 3.61 -18.00 -28.19
N GLU L 46 3.30 -17.08 -27.29
CA GLU L 46 2.71 -17.42 -26.01
C GLU L 46 1.51 -16.50 -25.78
N GLU L 47 0.38 -17.10 -25.41
CA GLU L 47 -0.84 -16.37 -25.14
C GLU L 47 -0.84 -15.99 -23.65
N ILE L 48 -0.93 -14.69 -23.39
CA ILE L 48 -0.92 -14.19 -22.03
C ILE L 48 -2.27 -13.59 -21.67
N GLN L 49 -2.70 -13.84 -20.44
CA GLN L 49 -3.96 -13.31 -19.96
C GLN L 49 -3.78 -12.61 -18.63
N ASN L 50 -3.91 -11.28 -18.66
CA ASN L 50 -3.77 -10.46 -17.47
C ASN L 50 -2.46 -10.71 -16.71
N GLY L 51 -1.39 -10.96 -17.46
CA GLY L 51 -0.09 -11.17 -16.84
C GLY L 51 0.42 -12.60 -16.81
N GLU L 52 -0.48 -13.56 -16.71
CA GLU L 52 -0.09 -14.96 -16.64
C GLU L 52 -0.21 -15.66 -18.00
N VAL L 53 0.75 -16.54 -18.27
CA VAL L 53 0.78 -17.28 -19.52
C VAL L 53 -0.35 -18.28 -19.54
N VAL L 54 -0.80 -18.60 -20.75
CA VAL L 54 -1.90 -19.54 -20.94
C VAL L 54 -1.50 -20.74 -21.76
N ARG L 55 -0.80 -20.49 -22.86
CA ARG L 55 -0.44 -21.56 -23.77
C ARG L 55 0.78 -21.14 -24.58
N LYS L 56 1.53 -22.13 -25.07
CA LYS L 56 2.71 -21.86 -25.88
C LYS L 56 2.39 -22.51 -27.23
N VAL L 57 2.58 -21.76 -28.32
CA VAL L 57 2.26 -22.29 -29.64
C VAL L 57 3.25 -21.93 -30.76
N GLY L 58 3.54 -22.91 -31.62
CA GLY L 58 4.44 -22.70 -32.72
C GLY L 58 3.95 -21.61 -33.66
N SER L 59 2.66 -21.64 -33.96
CA SER L 59 2.08 -20.63 -34.84
C SER L 59 0.65 -20.30 -34.41
N VAL L 60 0.22 -19.08 -34.73
CA VAL L 60 -1.13 -18.63 -34.42
C VAL L 60 -1.57 -17.62 -35.46
N VAL L 61 -2.80 -17.79 -35.95
CA VAL L 61 -3.38 -16.88 -36.92
C VAL L 61 -4.29 -16.03 -36.06
N ILE L 62 -4.10 -14.72 -36.06
CA ILE L 62 -4.90 -13.83 -35.24
C ILE L 62 -5.73 -12.90 -36.09
N ARG L 63 -7.04 -12.89 -35.88
CA ARG L 63 -7.93 -12.02 -36.64
C ARG L 63 -7.79 -10.56 -36.29
N GLY L 64 -7.55 -9.74 -37.31
CA GLY L 64 -7.38 -8.31 -37.14
C GLY L 64 -8.43 -7.66 -36.25
N ASP L 65 -9.66 -8.17 -36.32
CA ASP L 65 -10.76 -7.63 -35.52
C ASP L 65 -10.45 -7.58 -34.00
N THR L 66 -9.78 -8.60 -33.47
CA THR L 66 -9.43 -8.63 -32.05
C THR L 66 -8.22 -7.77 -31.67
N VAL L 67 -7.35 -7.52 -32.64
CA VAL L 67 -6.13 -6.75 -32.39
C VAL L 67 -6.35 -5.30 -31.95
N VAL L 68 -5.70 -4.91 -30.85
CA VAL L 68 -5.80 -3.52 -30.38
C VAL L 68 -4.53 -2.79 -30.83
N PHE L 69 -3.37 -3.43 -30.68
CA PHE L 69 -2.12 -2.84 -31.10
C PHE L 69 -0.99 -3.86 -31.16
N VAL L 70 -0.01 -3.58 -32.02
CA VAL L 70 1.16 -4.43 -32.17
C VAL L 70 2.36 -3.57 -31.80
N SER L 71 3.34 -4.17 -31.14
CA SER L 71 4.49 -3.39 -30.75
C SER L 71 5.74 -4.24 -30.59
N PRO L 72 6.75 -4.02 -31.45
CA PRO L 72 8.00 -4.77 -31.41
C PRO L 72 8.55 -4.84 -29.99
N ALA L 73 8.97 -6.05 -29.59
CA ALA L 73 9.50 -6.28 -28.25
C ALA L 73 11.02 -6.42 -28.21
N PRO M 2 -13.80 23.80 -42.43
CA PRO M 2 -13.52 23.06 -43.68
C PRO M 2 -12.55 21.86 -43.53
N PRO M 3 -11.46 22.02 -42.74
CA PRO M 3 -10.47 20.96 -42.53
C PRO M 3 -11.04 19.55 -42.25
N ARG M 4 -10.68 18.59 -43.10
CA ARG M 4 -11.13 17.20 -42.94
C ARG M 4 -10.30 16.52 -41.84
N PRO M 5 -10.93 15.60 -41.08
CA PRO M 5 -10.27 14.87 -40.00
C PRO M 5 -8.86 14.33 -40.29
N LEU M 6 -8.69 13.66 -41.42
CA LEU M 6 -7.39 13.11 -41.77
C LEU M 6 -6.32 14.19 -41.93
N ASP M 7 -6.74 15.39 -42.36
CA ASP M 7 -5.82 16.52 -42.52
C ASP M 7 -5.27 16.89 -41.15
N VAL M 8 -6.16 16.98 -40.18
CA VAL M 8 -5.79 17.33 -38.81
C VAL M 8 -4.84 16.27 -38.23
N LEU M 9 -4.95 15.05 -38.74
CA LEU M 9 -4.07 13.99 -38.31
C LEU M 9 -2.68 14.31 -38.87
N ASN M 10 -2.59 14.44 -40.18
CA ASN M 10 -1.35 14.78 -40.89
C ASN M 10 -0.63 15.96 -40.24
N ARG M 11 -1.35 17.07 -40.09
CA ARG M 11 -0.82 18.29 -39.48
C ARG M 11 -0.29 18.09 -38.05
N SER M 12 -0.12 16.84 -37.66
CA SER M 12 0.39 16.50 -36.33
C SER M 12 1.48 15.41 -36.34
N LEU M 13 2.01 15.10 -37.53
CA LEU M 13 3.06 14.09 -37.66
C LEU M 13 4.36 14.61 -37.00
N LYS M 14 5.02 13.74 -36.24
CA LYS M 14 6.24 14.07 -35.52
C LYS M 14 6.00 15.04 -34.36
N SER M 15 4.81 14.95 -33.79
CA SER M 15 4.40 15.78 -32.66
C SER M 15 3.81 14.86 -31.59
N PRO M 16 3.74 15.36 -30.34
CA PRO M 16 3.20 14.61 -29.20
C PRO M 16 1.67 14.63 -29.21
N VAL M 17 1.06 13.47 -29.01
CA VAL M 17 -0.40 13.38 -28.98
C VAL M 17 -0.93 12.46 -27.89
N ILE M 18 -2.23 12.60 -27.63
CA ILE M 18 -2.93 11.77 -26.67
C ILE M 18 -3.89 10.93 -27.54
N VAL M 19 -3.85 9.60 -27.40
CA VAL M 19 -4.70 8.69 -28.17
C VAL M 19 -5.55 7.85 -27.23
N ARG M 20 -6.80 8.23 -27.03
CA ARG M 20 -7.66 7.44 -26.14
C ARG M 20 -8.24 6.24 -26.89
N LEU M 21 -8.09 5.04 -26.30
CA LEU M 21 -8.59 3.80 -26.90
C LEU M 21 -9.87 3.34 -26.18
N LYS M 22 -10.62 2.44 -26.83
CA LYS M 22 -11.84 1.93 -26.21
C LYS M 22 -11.44 1.22 -24.92
N GLY M 23 -12.32 1.28 -23.92
CA GLY M 23 -12.00 0.66 -22.65
C GLY M 23 -11.44 1.70 -21.69
N GLY M 24 -10.70 2.67 -22.23
CA GLY M 24 -10.14 3.71 -21.40
C GLY M 24 -8.64 3.95 -21.53
N ARG M 25 -7.89 2.95 -21.95
CA ARG M 25 -6.45 3.10 -22.09
C ARG M 25 -6.07 4.22 -23.05
N GLU M 26 -4.96 4.91 -22.75
CA GLU M 26 -4.49 6.00 -23.59
C GLU M 26 -3.03 5.80 -23.97
N PHE M 27 -2.64 6.43 -25.07
CA PHE M 27 -1.28 6.34 -25.55
C PHE M 27 -0.75 7.75 -25.74
N ARG M 28 0.41 8.03 -25.16
CA ARG M 28 1.03 9.33 -25.30
C ARG M 28 2.38 9.06 -25.95
N GLY M 29 2.55 9.59 -27.15
CA GLY M 29 3.78 9.39 -27.88
C GLY M 29 3.82 10.31 -29.07
N THR M 30 4.81 10.11 -29.92
CA THR M 30 5.00 10.94 -31.10
C THR M 30 4.33 10.26 -32.30
N LEU M 31 3.40 10.97 -32.94
CA LEU M 31 2.68 10.42 -34.10
C LEU M 31 3.57 10.31 -35.33
N ASP M 32 4.02 9.09 -35.63
CA ASP M 32 4.89 8.86 -36.77
C ASP M 32 4.13 8.68 -38.08
N GLY M 33 2.89 8.22 -38.01
CA GLY M 33 2.14 8.02 -39.23
C GLY M 33 0.72 7.49 -39.10
N TYR M 34 0.08 7.26 -40.25
CA TYR M 34 -1.29 6.79 -40.27
C TYR M 34 -1.76 6.49 -41.69
N ASP M 35 -2.89 5.78 -41.79
CA ASP M 35 -3.47 5.47 -43.09
C ASP M 35 -4.97 5.78 -43.07
N ILE M 36 -5.66 5.51 -44.17
CA ILE M 36 -7.09 5.78 -44.30
C ILE M 36 -7.95 5.18 -43.18
N HIS M 37 -7.61 3.96 -42.78
CA HIS M 37 -8.35 3.27 -41.72
C HIS M 37 -8.16 3.93 -40.34
N MET M 38 -7.22 4.87 -40.27
CA MET M 38 -6.92 5.57 -39.02
C MET M 38 -6.10 4.68 -38.09
N ASN M 39 -5.38 3.74 -38.69
CA ASN M 39 -4.49 2.90 -37.94
C ASN M 39 -3.43 3.94 -37.62
N LEU M 40 -2.78 3.81 -36.48
CA LEU M 40 -1.78 4.80 -36.10
C LEU M 40 -0.44 4.18 -35.74
N VAL M 41 0.60 5.00 -35.82
CA VAL M 41 1.93 4.57 -35.42
C VAL M 41 2.42 5.65 -34.46
N LEU M 42 2.72 5.23 -33.24
CA LEU M 42 3.21 6.15 -32.23
C LEU M 42 4.64 5.79 -31.85
N LEU M 43 5.54 6.77 -31.89
CA LEU M 43 6.94 6.56 -31.54
C LEU M 43 7.18 7.07 -30.13
N ASP M 44 8.21 6.54 -29.47
CA ASP M 44 8.54 6.95 -28.10
C ASP M 44 7.27 7.23 -27.31
N ALA M 45 6.42 6.22 -27.21
CA ALA M 45 5.13 6.37 -26.52
C ALA M 45 4.95 5.43 -25.34
N GLU M 46 4.38 5.98 -24.27
CA GLU M 46 4.13 5.21 -23.06
C GLU M 46 2.62 5.06 -22.91
N GLU M 47 2.21 3.85 -22.54
CA GLU M 47 0.80 3.54 -22.37
C GLU M 47 0.27 3.88 -20.97
N ILE M 48 -0.71 4.77 -20.92
CA ILE M 48 -1.30 5.18 -19.64
C ILE M 48 -2.60 4.44 -19.40
N GLN M 49 -2.59 3.52 -18.44
CA GLN M 49 -3.80 2.79 -18.11
C GLN M 49 -4.37 3.55 -16.92
N ASN M 50 -5.14 4.59 -17.22
CA ASN M 50 -5.75 5.48 -16.21
C ASN M 50 -4.76 5.97 -15.16
N GLY M 51 -3.79 6.77 -15.60
CA GLY M 51 -2.79 7.31 -14.69
C GLY M 51 -1.47 6.57 -14.65
N GLU M 52 -1.52 5.26 -14.47
CA GLU M 52 -0.32 4.43 -14.38
C GLU M 52 0.21 4.00 -15.74
N VAL M 53 1.54 3.88 -15.84
CA VAL M 53 2.17 3.44 -17.07
C VAL M 53 2.30 1.92 -17.04
N VAL M 54 1.94 1.27 -18.14
CA VAL M 54 2.00 -0.18 -18.23
C VAL M 54 2.98 -0.63 -19.31
N ARG M 55 3.65 0.34 -19.94
CA ARG M 55 4.64 0.06 -20.99
C ARG M 55 5.26 1.36 -21.47
N LYS M 56 6.37 1.26 -22.18
CA LYS M 56 7.09 2.42 -22.72
C LYS M 56 7.80 1.95 -23.98
N VAL M 57 7.02 1.74 -25.03
CA VAL M 57 7.51 1.24 -26.31
C VAL M 57 8.18 2.26 -27.23
N GLY M 58 9.03 1.75 -28.12
CA GLY M 58 9.71 2.61 -29.08
C GLY M 58 8.74 2.91 -30.20
N SER M 59 7.85 1.96 -30.46
CA SER M 59 6.83 2.11 -31.49
C SER M 59 5.58 1.26 -31.21
N VAL M 60 4.45 1.70 -31.72
CA VAL M 60 3.19 0.98 -31.57
C VAL M 60 2.26 1.23 -32.72
N VAL M 61 1.75 0.16 -33.32
CA VAL M 61 0.80 0.29 -34.40
C VAL M 61 -0.53 0.02 -33.73
N ILE M 62 -1.43 0.99 -33.82
CA ILE M 62 -2.75 0.92 -33.21
C ILE M 62 -3.85 0.84 -34.28
N ARG M 63 -4.69 -0.19 -34.21
CA ARG M 63 -5.81 -0.35 -35.14
C ARG M 63 -6.78 0.79 -35.00
N GLY M 64 -7.20 1.35 -36.14
CA GLY M 64 -8.15 2.45 -36.11
C GLY M 64 -9.43 2.09 -35.37
N ASP M 65 -9.82 0.82 -35.50
CA ASP M 65 -11.02 0.30 -34.85
C ASP M 65 -11.10 0.64 -33.35
N THR M 66 -9.99 0.48 -32.63
CA THR M 66 -9.98 0.75 -31.19
C THR M 66 -9.86 2.21 -30.78
N VAL M 67 -9.65 3.12 -31.73
CA VAL M 67 -9.49 4.54 -31.41
C VAL M 67 -10.77 5.32 -31.16
N VAL M 68 -10.76 6.15 -30.13
CA VAL M 68 -11.88 7.01 -29.80
C VAL M 68 -11.57 8.40 -30.33
N PHE M 69 -10.45 8.97 -29.88
CA PHE M 69 -10.04 10.29 -30.34
C PHE M 69 -8.52 10.49 -30.25
N VAL M 70 -8.01 11.40 -31.08
CA VAL M 70 -6.59 11.74 -31.05
C VAL M 70 -6.56 13.23 -30.81
N SER M 71 -5.66 13.67 -29.94
CA SER M 71 -5.55 15.07 -29.61
C SER M 71 -4.09 15.46 -29.40
N PRO M 72 -3.61 16.50 -30.10
CA PRO M 72 -2.21 16.88 -29.89
C PRO M 72 -2.04 17.37 -28.46
N ALA M 73 -0.96 16.94 -27.80
CA ALA M 73 -0.68 17.32 -26.42
C ALA M 73 -0.34 18.80 -26.24
N PRO N 3 -33.30 18.50 -46.33
CA PRO N 3 -33.04 17.59 -45.19
C PRO N 3 -31.99 16.54 -45.52
N ARG N 4 -30.86 16.60 -44.81
CA ARG N 4 -29.78 15.63 -45.03
C ARG N 4 -28.73 15.82 -43.92
N PRO N 5 -28.78 14.96 -42.88
CA PRO N 5 -27.91 14.91 -41.70
C PRO N 5 -26.56 15.63 -41.74
N LEU N 6 -25.74 15.34 -42.75
CA LEU N 6 -24.44 15.97 -42.87
C LEU N 6 -24.57 17.46 -43.14
N ASP N 7 -25.65 17.85 -43.79
CA ASP N 7 -25.89 19.26 -44.10
C ASP N 7 -26.28 20.04 -42.85
N VAL N 8 -27.02 19.39 -41.96
CA VAL N 8 -27.41 20.03 -40.72
C VAL N 8 -26.09 20.27 -40.00
N LEU N 9 -25.25 19.25 -40.05
CA LEU N 9 -23.95 19.28 -39.41
C LEU N 9 -23.12 20.40 -40.00
N ASN N 10 -23.16 20.53 -41.32
CA ASN N 10 -22.41 21.58 -41.99
C ASN N 10 -22.74 22.94 -41.37
N ARG N 11 -24.03 23.22 -41.27
CA ARG N 11 -24.54 24.48 -40.70
C ARG N 11 -24.11 24.74 -39.26
N SER N 12 -23.30 23.85 -38.70
CA SER N 12 -22.83 24.02 -37.33
C SER N 12 -21.32 24.27 -37.33
N LEU N 13 -20.72 24.29 -38.52
CA LEU N 13 -19.30 24.55 -38.68
C LEU N 13 -18.93 25.88 -38.00
N LYS N 14 -17.68 26.00 -37.56
CA LYS N 14 -17.21 27.22 -36.92
C LYS N 14 -18.13 27.68 -35.78
N SER N 15 -18.72 26.72 -35.09
CA SER N 15 -19.63 27.00 -33.99
C SER N 15 -19.53 25.89 -32.93
N PRO N 16 -20.06 26.15 -31.72
CA PRO N 16 -20.03 25.16 -30.64
C PRO N 16 -21.09 24.07 -30.80
N VAL N 17 -20.71 22.84 -30.46
CA VAL N 17 -21.60 21.68 -30.54
C VAL N 17 -21.33 20.77 -29.35
N ILE N 18 -22.31 19.92 -29.04
CA ILE N 18 -22.18 18.93 -27.96
C ILE N 18 -22.03 17.60 -28.67
N VAL N 19 -20.97 16.86 -28.32
CA VAL N 19 -20.71 15.56 -28.92
C VAL N 19 -20.74 14.45 -27.90
N ARG N 20 -21.78 13.63 -27.94
CA ARG N 20 -21.90 12.52 -27.01
C ARG N 20 -21.32 11.24 -27.61
N LEU N 21 -20.45 10.58 -26.85
CA LEU N 21 -19.83 9.33 -27.30
C LEU N 21 -20.41 8.17 -26.50
N LYS N 22 -20.14 6.94 -26.95
CA LYS N 22 -20.64 5.77 -26.24
C LYS N 22 -19.95 5.73 -24.88
N GLY N 23 -20.64 5.19 -23.88
CA GLY N 23 -20.06 5.10 -22.54
C GLY N 23 -20.30 6.30 -21.66
N GLY N 24 -20.98 7.32 -22.19
CA GLY N 24 -21.24 8.50 -21.41
C GLY N 24 -20.37 9.68 -21.76
N ARG N 25 -19.08 9.43 -21.96
CA ARG N 25 -18.12 10.47 -22.32
C ARG N 25 -18.74 11.52 -23.22
N GLU N 26 -18.24 12.75 -23.13
CA GLU N 26 -18.79 13.82 -23.95
C GLU N 26 -17.76 14.91 -24.27
N PHE N 27 -17.90 15.54 -25.44
CA PHE N 27 -17.01 16.61 -25.85
C PHE N 27 -17.79 17.90 -26.06
N ARG N 28 -17.19 19.01 -25.64
CA ARG N 28 -17.79 20.33 -25.76
C ARG N 28 -16.75 21.25 -26.37
N GLY N 29 -16.94 21.58 -27.64
CA GLY N 29 -16.01 22.43 -28.33
C GLY N 29 -16.61 22.99 -29.60
N THR N 30 -15.77 23.56 -30.45
CA THR N 30 -16.22 24.14 -31.69
C THR N 30 -16.05 23.13 -32.82
N LEU N 31 -17.06 22.99 -33.67
CA LEU N 31 -16.95 22.07 -34.77
C LEU N 31 -16.08 22.74 -35.83
N ASP N 32 -15.05 22.03 -36.29
CA ASP N 32 -14.14 22.58 -37.28
C ASP N 32 -14.09 21.72 -38.54
N GLY N 33 -14.55 20.48 -38.43
CA GLY N 33 -14.53 19.58 -39.57
C GLY N 33 -15.29 18.29 -39.34
N TYR N 34 -15.46 17.51 -40.40
CA TYR N 34 -16.16 16.24 -40.32
C TYR N 34 -16.10 15.54 -41.68
N ASP N 35 -16.42 14.25 -41.72
CA ASP N 35 -16.41 13.51 -42.98
C ASP N 35 -17.57 12.53 -43.02
N ILE N 36 -17.78 11.90 -44.18
CA ILE N 36 -18.86 10.95 -44.36
C ILE N 36 -19.05 9.92 -43.23
N HIS N 37 -17.96 9.49 -42.61
CA HIS N 37 -18.05 8.51 -41.52
C HIS N 37 -18.45 9.19 -40.21
N MET N 38 -18.58 10.51 -40.28
CA MET N 38 -18.93 11.35 -39.14
C MET N 38 -17.74 11.52 -38.18
N ASN N 39 -16.51 11.42 -38.70
CA ASN N 39 -15.36 11.64 -37.83
C ASN N 39 -15.44 13.15 -37.58
N LEU N 40 -14.97 13.60 -36.42
CA LEU N 40 -15.06 15.02 -36.13
C LEU N 40 -13.75 15.66 -35.80
N VAL N 41 -13.74 16.98 -35.92
CA VAL N 41 -12.59 17.79 -35.60
C VAL N 41 -13.17 18.88 -34.71
N LEU N 42 -12.71 18.94 -33.47
CA LEU N 42 -13.21 19.98 -32.57
C LEU N 42 -12.06 20.89 -32.14
N LEU N 43 -12.39 22.15 -31.86
CA LEU N 43 -11.41 23.13 -31.41
C LEU N 43 -11.85 23.65 -30.05
N ASP N 44 -10.88 23.93 -29.18
CA ASP N 44 -11.15 24.45 -27.84
C ASP N 44 -12.31 23.70 -27.18
N ALA N 45 -12.14 22.39 -27.08
CA ALA N 45 -13.17 21.52 -26.52
C ALA N 45 -12.79 20.90 -25.17
N GLU N 46 -13.81 20.60 -24.37
CA GLU N 46 -13.64 19.98 -23.06
C GLU N 46 -14.23 18.58 -23.05
N GLU N 47 -13.52 17.64 -22.44
CA GLU N 47 -13.98 16.27 -22.32
C GLU N 47 -14.75 16.23 -21.00
N ILE N 48 -15.97 15.68 -21.01
CA ILE N 48 -16.77 15.62 -19.80
C ILE N 48 -17.21 14.22 -19.41
N GLN N 49 -17.12 13.93 -18.11
CA GLN N 49 -17.51 12.64 -17.53
C GLN N 49 -18.42 12.91 -16.33
N ASN N 50 -19.68 12.51 -16.43
CA ASN N 50 -20.64 12.72 -15.35
C ASN N 50 -20.80 14.19 -15.00
N GLY N 51 -20.36 15.08 -15.88
CA GLY N 51 -20.50 16.50 -15.63
C GLY N 51 -19.23 17.24 -15.26
N GLU N 52 -18.13 16.50 -15.09
CA GLU N 52 -16.86 17.12 -14.71
C GLU N 52 -15.88 17.19 -15.89
N VAL N 53 -15.39 18.39 -16.17
CA VAL N 53 -14.46 18.58 -17.27
C VAL N 53 -13.14 17.84 -17.01
N VAL N 54 -12.99 16.67 -17.61
CA VAL N 54 -11.82 15.81 -17.45
C VAL N 54 -10.52 16.39 -18.02
N ARG N 55 -10.56 16.79 -19.28
CA ARG N 55 -9.39 17.32 -19.96
C ARG N 55 -9.73 18.49 -20.88
N LYS N 56 -8.80 19.43 -20.98
CA LYS N 56 -9.00 20.58 -21.84
C LYS N 56 -7.99 20.47 -22.97
N VAL N 57 -8.47 20.46 -24.20
CA VAL N 57 -7.62 20.34 -25.38
C VAL N 57 -7.96 21.41 -26.42
N GLY N 58 -6.94 21.84 -27.16
CA GLY N 58 -7.18 22.84 -28.18
C GLY N 58 -7.63 22.21 -29.46
N SER N 59 -7.43 20.89 -29.58
CA SER N 59 -7.81 20.19 -30.79
C SER N 59 -8.04 18.69 -30.58
N VAL N 60 -9.02 18.14 -31.29
CA VAL N 60 -9.33 16.71 -31.21
C VAL N 60 -9.97 16.15 -32.47
N VAL N 61 -9.56 14.94 -32.84
CA VAL N 61 -10.17 14.24 -33.94
C VAL N 61 -10.91 13.12 -33.21
N ILE N 62 -12.22 13.04 -33.40
CA ILE N 62 -13.06 12.02 -32.77
C ILE N 62 -13.52 11.04 -33.83
N ARG N 63 -13.36 9.75 -33.57
CA ARG N 63 -13.79 8.73 -34.54
C ARG N 63 -15.32 8.66 -34.56
N GLY N 64 -15.87 8.64 -35.78
CA GLY N 64 -17.32 8.57 -35.92
C GLY N 64 -17.84 7.34 -35.21
N ASP N 65 -17.12 6.24 -35.40
CA ASP N 65 -17.45 4.96 -34.80
C ASP N 65 -17.83 5.04 -33.31
N THR N 66 -17.44 6.11 -32.63
CA THR N 66 -17.76 6.21 -31.20
C THR N 66 -18.82 7.26 -30.89
N VAL N 67 -19.23 8.01 -31.91
CA VAL N 67 -20.20 9.07 -31.74
C VAL N 67 -21.65 8.62 -31.73
N VAL N 68 -22.37 9.05 -30.70
CA VAL N 68 -23.79 8.74 -30.55
C VAL N 68 -24.58 9.86 -31.23
N PHE N 69 -24.28 11.11 -30.87
CA PHE N 69 -24.97 12.22 -31.48
C PHE N 69 -24.24 13.54 -31.34
N VAL N 70 -24.67 14.51 -32.14
CA VAL N 70 -24.08 15.85 -32.13
C VAL N 70 -25.19 16.88 -32.27
N SER N 71 -25.18 17.89 -31.41
CA SER N 71 -26.17 18.96 -31.48
C SER N 71 -25.53 20.24 -30.95
N PRO N 72 -25.88 21.41 -31.54
CA PRO N 72 -25.32 22.70 -31.12
C PRO N 72 -25.73 23.12 -29.71
N ALA N 73 -25.09 24.15 -29.18
CA ALA N 73 -25.38 24.64 -27.84
C ALA N 73 -26.60 25.54 -27.84
N PRO O 3 12.45 5.59 -26.40
CA PRO O 3 12.10 5.74 -24.96
C PRO O 3 13.37 6.00 -24.14
N ARG O 4 13.41 5.41 -22.96
CA ARG O 4 14.55 5.55 -22.05
C ARG O 4 15.89 5.40 -22.77
N PRO O 5 16.95 6.01 -22.21
CA PRO O 5 18.29 5.95 -22.78
C PRO O 5 18.95 4.59 -22.51
N LEU O 6 18.45 3.91 -21.47
CA LEU O 6 18.98 2.61 -21.10
C LEU O 6 18.47 1.52 -22.03
N ASP O 7 17.50 1.87 -22.87
CA ASP O 7 16.96 0.91 -23.82
C ASP O 7 17.95 0.81 -24.98
N VAL O 8 18.70 1.89 -25.20
CA VAL O 8 19.70 1.95 -26.25
C VAL O 8 20.89 1.08 -25.87
N LEU O 9 21.20 1.05 -24.58
CA LEU O 9 22.31 0.24 -24.12
C LEU O 9 22.00 -1.23 -24.25
N ASN O 10 20.74 -1.58 -24.03
CA ASN O 10 20.32 -2.97 -24.14
C ASN O 10 20.46 -3.49 -25.56
N ARG O 11 20.25 -2.61 -26.53
CA ARG O 11 20.36 -2.97 -27.95
C ARG O 11 21.82 -3.04 -28.42
N SER O 12 22.74 -2.66 -27.54
CA SER O 12 24.14 -2.71 -27.92
C SER O 12 24.92 -3.73 -27.10
N LEU O 13 24.23 -4.48 -26.26
CA LEU O 13 24.89 -5.51 -25.47
C LEU O 13 25.59 -6.43 -26.45
N LYS O 14 26.52 -7.23 -25.95
CA LYS O 14 27.27 -8.15 -26.79
C LYS O 14 27.63 -7.55 -28.14
N SER O 15 28.24 -6.37 -28.11
CA SER O 15 28.68 -5.67 -29.31
C SER O 15 29.61 -4.52 -28.92
N PRO O 16 30.59 -4.20 -29.78
CA PRO O 16 31.59 -3.14 -29.57
C PRO O 16 30.97 -1.76 -29.34
N VAL O 17 31.60 -0.98 -28.46
CA VAL O 17 31.10 0.35 -28.14
C VAL O 17 32.21 1.26 -27.70
N ILE O 18 31.97 2.56 -27.90
CA ILE O 18 32.90 3.61 -27.49
C ILE O 18 32.30 4.25 -26.23
N VAL O 19 33.14 4.42 -25.22
CA VAL O 19 32.70 5.03 -23.97
C VAL O 19 33.62 6.17 -23.59
N ARG O 20 33.12 7.39 -23.70
CA ARG O 20 33.89 8.58 -23.35
C ARG O 20 33.67 8.92 -21.87
N LEU O 21 34.77 9.16 -21.15
CA LEU O 21 34.68 9.49 -19.74
C LEU O 21 35.14 10.91 -19.46
N LYS O 22 34.86 11.40 -18.25
CA LYS O 22 35.29 12.73 -17.87
C LYS O 22 36.82 12.74 -17.86
N GLY O 23 37.41 13.81 -18.38
CA GLY O 23 38.86 13.90 -18.42
C GLY O 23 39.44 13.69 -19.81
N GLY O 24 38.65 13.07 -20.68
CA GLY O 24 39.08 12.82 -22.04
C GLY O 24 39.45 11.38 -22.34
N ARG O 25 39.18 10.48 -21.40
CA ARG O 25 39.49 9.07 -21.58
C ARG O 25 38.40 8.35 -22.37
N GLU O 26 38.79 7.29 -23.09
CA GLU O 26 37.86 6.49 -23.90
C GLU O 26 38.04 5.00 -23.63
N PHE O 27 37.07 4.21 -24.09
CA PHE O 27 37.10 2.76 -23.96
C PHE O 27 36.36 2.13 -25.14
N ARG O 28 36.96 1.09 -25.72
CA ARG O 28 36.34 0.39 -26.83
C ARG O 28 36.35 -1.08 -26.49
N GLY O 29 35.17 -1.64 -26.27
CA GLY O 29 35.09 -3.04 -25.94
C GLY O 29 33.69 -3.54 -26.21
N THR O 30 33.44 -4.81 -25.89
CA THR O 30 32.12 -5.33 -26.08
C THR O 30 31.36 -4.98 -24.81
N LEU O 31 30.15 -4.52 -24.96
CA LEU O 31 29.35 -4.15 -23.80
C LEU O 31 28.74 -5.44 -23.22
N ASP O 32 29.28 -5.88 -22.09
CA ASP O 32 28.80 -7.11 -21.46
C ASP O 32 27.56 -6.90 -20.57
N GLY O 33 27.43 -5.72 -19.96
CA GLY O 33 26.29 -5.45 -19.11
C GLY O 33 26.26 -4.03 -18.56
N TYR O 34 25.23 -3.72 -17.76
CA TYR O 34 25.08 -2.39 -17.17
C TYR O 34 23.94 -2.38 -16.16
N ASP O 35 23.75 -1.23 -15.49
CA ASP O 35 22.66 -1.06 -14.54
C ASP O 35 22.01 0.33 -14.65
N ILE O 36 21.08 0.65 -13.74
CA ILE O 36 20.36 1.93 -13.77
C ILE O 36 21.26 3.14 -13.56
N HIS O 37 22.35 2.92 -12.83
CA HIS O 37 23.35 3.94 -12.52
C HIS O 37 24.24 4.22 -13.72
N MET O 38 24.14 3.35 -14.73
CA MET O 38 24.93 3.46 -15.95
C MET O 38 26.35 2.95 -15.71
N ASN O 39 26.50 2.07 -14.72
CA ASN O 39 27.79 1.45 -14.43
C ASN O 39 27.94 0.49 -15.61
N LEU O 40 29.10 0.47 -16.23
CA LEU O 40 29.28 -0.38 -17.39
C LEU O 40 30.29 -1.49 -17.18
N VAL O 41 30.14 -2.52 -18.02
CA VAL O 41 31.05 -3.65 -18.01
C VAL O 41 31.46 -3.81 -19.46
N LEU O 42 32.76 -3.81 -19.71
CA LEU O 42 33.28 -3.95 -21.05
C LEU O 42 34.22 -5.14 -21.11
N LEU O 43 34.11 -5.92 -22.19
CA LEU O 43 34.96 -7.09 -22.39
C LEU O 43 35.92 -6.76 -23.53
N ASP O 44 37.17 -7.20 -23.41
CA ASP O 44 38.16 -6.95 -24.45
C ASP O 44 38.15 -5.47 -24.75
N ALA O 45 38.12 -4.68 -23.68
CA ALA O 45 38.08 -3.24 -23.79
C ALA O 45 39.47 -2.66 -23.82
N GLU O 46 39.69 -1.71 -24.72
CA GLU O 46 40.98 -1.05 -24.81
C GLU O 46 40.83 0.36 -24.24
N GLU O 47 41.84 0.80 -23.50
CA GLU O 47 41.82 2.12 -22.91
C GLU O 47 42.59 3.07 -23.81
N ILE O 48 42.02 4.24 -24.03
CA ILE O 48 42.64 5.25 -24.87
C ILE O 48 42.67 6.58 -24.14
N GLN O 49 43.83 7.22 -24.11
CA GLN O 49 43.97 8.49 -23.43
C GLN O 49 44.65 9.49 -24.36
N ASN O 50 44.21 10.74 -24.28
CA ASN O 50 44.76 11.80 -25.11
C ASN O 50 44.96 11.30 -26.54
N GLY O 51 44.08 10.39 -26.95
CA GLY O 51 44.17 9.84 -28.29
C GLY O 51 45.40 8.99 -28.49
N GLU O 52 45.47 7.87 -27.78
CA GLU O 52 46.60 6.95 -27.88
C GLU O 52 46.40 5.79 -26.92
N VAL O 53 46.28 4.58 -27.47
CA VAL O 53 46.07 3.38 -26.65
C VAL O 53 47.09 3.29 -25.51
N VAL O 54 46.59 3.06 -24.27
CA VAL O 54 47.58 2.92 -23.16
C VAL O 54 47.66 1.51 -22.55
N ARG O 55 46.58 0.75 -22.54
CA ARG O 55 46.62 -0.62 -22.00
C ARG O 55 45.47 -1.43 -22.61
N LYS O 56 45.21 -2.63 -22.09
CA LYS O 56 44.08 -3.45 -22.55
C LYS O 56 43.54 -4.21 -21.36
N VAL O 57 42.30 -4.65 -21.44
CA VAL O 57 41.69 -5.38 -20.32
C VAL O 57 40.60 -6.31 -20.85
N GLY O 58 40.72 -7.59 -20.50
CA GLY O 58 39.74 -8.57 -20.94
C GLY O 58 38.38 -8.26 -20.34
N SER O 59 38.35 -7.25 -19.47
CA SER O 59 37.11 -6.83 -18.82
C SER O 59 37.36 -5.66 -17.87
N VAL O 60 36.38 -4.77 -17.79
CA VAL O 60 36.48 -3.61 -16.91
C VAL O 60 35.09 -3.13 -16.47
N VAL O 61 34.98 -2.75 -15.21
CA VAL O 61 33.72 -2.24 -14.68
C VAL O 61 33.87 -0.73 -14.48
N ILE O 62 33.10 0.06 -15.23
CA ILE O 62 33.15 1.53 -15.13
C ILE O 62 31.93 2.13 -14.43
N ARG O 63 32.19 3.10 -13.53
CA ARG O 63 31.13 3.81 -12.81
C ARG O 63 30.46 4.77 -13.78
N GLY O 64 29.14 4.64 -13.93
CA GLY O 64 28.40 5.49 -14.83
C GLY O 64 28.69 6.95 -14.57
N ASP O 65 28.95 7.24 -13.30
CA ASP O 65 29.25 8.58 -12.82
C ASP O 65 30.33 9.32 -13.60
N THR O 66 31.29 8.58 -14.14
CA THR O 66 32.37 9.21 -14.89
C THR O 66 32.12 9.14 -16.39
N VAL O 67 31.01 8.54 -16.78
CA VAL O 67 30.69 8.40 -18.19
C VAL O 67 30.11 9.68 -18.77
N VAL O 68 30.55 10.03 -19.97
CA VAL O 68 30.05 11.20 -20.68
C VAL O 68 29.04 10.69 -21.71
N PHE O 69 29.45 9.68 -22.47
CA PHE O 69 28.55 9.09 -23.45
C PHE O 69 29.00 7.69 -23.88
N VAL O 70 28.03 6.88 -24.30
CA VAL O 70 28.29 5.53 -24.77
C VAL O 70 27.80 5.50 -26.20
N SER O 71 28.58 4.89 -27.09
CA SER O 71 28.16 4.82 -28.47
C SER O 71 28.65 3.52 -29.13
N PRO O 72 27.78 2.87 -29.92
CA PRO O 72 28.18 1.63 -30.57
C PRO O 72 29.37 1.89 -31.49
N ALA O 73 30.30 0.93 -31.57
CA ALA O 73 31.50 1.07 -32.39
C ALA O 73 31.21 1.04 -33.89
N PRO P 2 2.75 26.89 -15.37
CA PRO P 2 4.19 27.09 -15.68
C PRO P 2 4.67 26.00 -16.63
N PRO P 3 4.97 26.36 -17.89
CA PRO P 3 5.44 25.39 -18.88
C PRO P 3 6.66 24.56 -18.42
N ARG P 4 6.52 23.23 -18.46
CA ARG P 4 7.58 22.31 -18.03
C ARG P 4 8.66 22.12 -19.08
N PRO P 5 9.92 22.42 -18.72
CA PRO P 5 11.04 22.28 -19.66
C PRO P 5 11.13 20.90 -20.29
N LEU P 6 10.88 19.85 -19.51
CA LEU P 6 10.96 18.50 -20.07
C LEU P 6 9.94 18.26 -21.19
N ASP P 7 8.89 19.07 -21.22
CA ASP P 7 7.87 18.94 -22.26
C ASP P 7 8.42 19.45 -23.58
N VAL P 8 9.26 20.47 -23.52
CA VAL P 8 9.87 21.01 -24.73
C VAL P 8 10.72 19.88 -25.32
N LEU P 9 11.37 19.11 -24.45
CA LEU P 9 12.18 18.00 -24.93
C LEU P 9 11.29 17.00 -25.66
N ASN P 10 10.06 16.85 -25.15
CA ASN P 10 9.09 15.92 -25.74
C ASN P 10 8.71 16.29 -27.20
N ARG P 11 8.27 17.52 -27.42
CA ARG P 11 7.91 17.97 -28.77
C ARG P 11 9.10 17.96 -29.72
N SER P 12 10.28 17.67 -29.20
CA SER P 12 11.52 17.62 -29.98
C SER P 12 11.94 16.20 -30.32
N LEU P 13 11.15 15.21 -29.89
CA LEU P 13 11.46 13.82 -30.20
C LEU P 13 11.35 13.64 -31.71
N LYS P 14 12.37 12.99 -32.29
CA LYS P 14 12.46 12.74 -33.72
C LYS P 14 12.55 14.04 -34.51
N SER P 15 13.23 15.00 -33.88
CA SER P 15 13.51 16.32 -34.44
C SER P 15 14.99 16.57 -34.18
N PRO P 16 15.71 17.17 -35.14
CA PRO P 16 17.12 17.41 -34.88
C PRO P 16 17.33 18.41 -33.75
N VAL P 17 18.38 18.17 -32.97
CA VAL P 17 18.69 19.04 -31.86
C VAL P 17 20.19 19.21 -31.67
N ILE P 18 20.54 20.26 -30.93
CA ILE P 18 21.91 20.57 -30.60
C ILE P 18 22.07 20.40 -29.10
N VAL P 19 23.03 19.59 -28.68
CA VAL P 19 23.25 19.37 -27.25
C VAL P 19 24.64 19.84 -26.87
N ARG P 20 24.73 20.81 -26.00
CA ARG P 20 26.04 21.28 -25.57
C ARG P 20 26.42 20.61 -24.25
N LEU P 21 27.64 20.10 -24.17
CA LEU P 21 28.14 19.45 -22.94
C LEU P 21 29.15 20.35 -22.24
N LYS P 22 29.45 20.02 -20.99
CA LYS P 22 30.42 20.79 -20.23
C LYS P 22 31.82 20.47 -20.76
N GLY P 23 32.57 21.53 -21.09
CA GLY P 23 33.89 21.34 -21.62
C GLY P 23 33.95 21.87 -23.04
N GLY P 24 32.77 22.04 -23.65
CA GLY P 24 32.71 22.55 -25.01
C GLY P 24 32.28 21.57 -26.07
N ARG P 25 32.28 20.27 -25.73
CA ARG P 25 31.87 19.26 -26.69
C ARG P 25 30.43 19.53 -27.08
N GLU P 26 30.05 19.11 -28.27
CA GLU P 26 28.70 19.30 -28.75
C GLU P 26 28.25 18.09 -29.54
N PHE P 27 26.94 17.88 -29.57
CA PHE P 27 26.37 16.79 -30.34
C PHE P 27 25.20 17.34 -31.13
N ARG P 28 25.13 16.94 -32.39
CA ARG P 28 24.09 17.36 -33.34
C ARG P 28 23.45 16.11 -33.90
N GLY P 29 22.26 15.78 -33.43
CA GLY P 29 21.58 14.60 -33.95
C GLY P 29 20.07 14.64 -33.80
N THR P 30 19.42 13.53 -34.12
CA THR P 30 17.98 13.48 -33.99
C THR P 30 17.67 12.99 -32.58
N LEU P 31 16.89 13.78 -31.84
CA LEU P 31 16.53 13.43 -30.46
C LEU P 31 15.57 12.24 -30.47
N ASP P 32 15.92 11.20 -29.75
CA ASP P 32 15.11 9.99 -29.71
C ASP P 32 14.94 9.42 -28.30
N GLY P 33 15.16 10.22 -27.28
CA GLY P 33 15.00 9.70 -25.94
C GLY P 33 15.53 10.63 -24.86
N TYR P 34 15.05 10.43 -23.65
CA TYR P 34 15.46 11.24 -22.51
C TYR P 34 14.67 10.81 -21.30
N ASP P 35 15.19 11.14 -20.13
CA ASP P 35 14.50 10.83 -18.89
C ASP P 35 14.51 12.07 -18.01
N ILE P 36 13.90 11.93 -16.84
CA ILE P 36 13.78 13.06 -15.93
C ILE P 36 15.11 13.69 -15.54
N HIS P 37 16.19 12.91 -15.63
CA HIS P 37 17.52 13.40 -15.27
C HIS P 37 18.19 14.16 -16.43
N MET P 38 17.59 14.05 -17.61
CA MET P 38 18.06 14.71 -18.83
C MET P 38 19.13 13.91 -19.58
N ASN P 39 19.22 12.61 -19.29
CA ASN P 39 20.14 11.74 -19.99
C ASN P 39 19.45 11.68 -21.34
N LEU P 40 20.22 11.64 -22.42
CA LEU P 40 19.64 11.65 -23.76
C LEU P 40 20.12 10.56 -24.69
N VAL P 41 19.34 10.35 -25.75
CA VAL P 41 19.70 9.41 -26.80
C VAL P 41 19.50 10.17 -28.11
N LEU P 42 20.53 10.21 -28.94
CA LEU P 42 20.42 10.87 -30.23
C LEU P 42 20.72 9.83 -31.29
N LEU P 43 20.12 10.00 -32.46
CA LEU P 43 20.36 9.10 -33.58
C LEU P 43 21.01 9.91 -34.71
N ASP P 44 21.80 9.26 -35.55
CA ASP P 44 22.49 9.92 -36.67
C ASP P 44 23.04 11.27 -36.21
N ALA P 45 24.06 11.22 -35.35
CA ALA P 45 24.63 12.45 -34.79
C ALA P 45 26.12 12.61 -35.01
N GLU P 46 26.59 13.84 -34.80
CA GLU P 46 27.98 14.19 -34.96
C GLU P 46 28.51 14.81 -33.68
N GLU P 47 29.66 14.34 -33.21
CA GLU P 47 30.27 14.93 -32.03
C GLU P 47 31.04 16.09 -32.61
N ILE P 48 31.07 17.20 -31.91
CA ILE P 48 31.74 18.39 -32.41
C ILE P 48 32.65 19.01 -31.36
N GLN P 49 33.91 19.20 -31.73
CA GLN P 49 34.92 19.81 -30.87
C GLN P 49 35.36 21.07 -31.61
N ASN P 50 35.07 22.22 -31.02
CA ASN P 50 35.37 23.54 -31.55
C ASN P 50 35.53 23.71 -33.07
N GLY P 51 34.38 23.83 -33.74
CA GLY P 51 34.33 24.04 -35.17
C GLY P 51 34.40 22.81 -36.05
N GLU P 52 34.90 21.69 -35.52
CA GLU P 52 35.05 20.48 -36.33
C GLU P 52 34.26 19.27 -35.88
N VAL P 53 33.89 18.46 -36.86
CA VAL P 53 33.17 17.22 -36.63
C VAL P 53 34.24 16.15 -36.36
N VAL P 54 34.31 15.73 -35.10
CA VAL P 54 35.29 14.76 -34.64
C VAL P 54 34.79 13.31 -34.62
N ARG P 55 33.51 13.10 -34.88
CA ARG P 55 32.97 11.73 -34.90
C ARG P 55 31.53 11.61 -35.39
N LYS P 56 31.19 10.45 -35.93
CA LYS P 56 29.83 10.20 -36.41
C LYS P 56 29.33 8.89 -35.82
N VAL P 57 28.11 8.89 -35.32
CA VAL P 57 27.54 7.70 -34.71
C VAL P 57 26.05 7.57 -35.05
N GLY P 58 25.59 6.32 -35.19
CA GLY P 58 24.20 6.07 -35.51
C GLY P 58 23.33 6.38 -34.32
N SER P 59 23.89 6.18 -33.12
CA SER P 59 23.16 6.46 -31.90
C SER P 59 24.14 6.86 -30.78
N VAL P 60 23.64 7.62 -29.81
CA VAL P 60 24.48 8.04 -28.69
C VAL P 60 23.66 8.12 -27.43
N VAL P 61 24.25 7.64 -26.34
CA VAL P 61 23.61 7.71 -25.03
C VAL P 61 24.47 8.74 -24.30
N ILE P 62 23.87 9.88 -23.93
CA ILE P 62 24.60 10.95 -23.25
C ILE P 62 24.11 11.15 -21.82
N ARG P 63 25.05 11.22 -20.87
CA ARG P 63 24.72 11.41 -19.46
C ARG P 63 24.25 12.84 -19.15
N GLY P 64 23.10 12.95 -18.47
CA GLY P 64 22.56 14.26 -18.14
C GLY P 64 23.50 15.13 -17.33
N ASP P 65 24.33 14.47 -16.53
CA ASP P 65 25.30 15.16 -15.68
C ASP P 65 26.30 16.00 -16.48
N THR P 66 26.42 15.71 -17.78
CA THR P 66 27.36 16.43 -18.63
C THR P 66 26.68 17.47 -19.54
N VAL P 67 25.36 17.44 -19.58
CA VAL P 67 24.61 18.37 -20.42
C VAL P 67 24.50 19.81 -19.89
N VAL P 68 24.75 20.78 -20.75
CA VAL P 68 24.60 22.16 -20.32
C VAL P 68 23.23 22.67 -20.80
N PHE P 69 22.92 22.42 -22.07
CA PHE P 69 21.63 22.81 -22.64
C PHE P 69 21.30 22.01 -23.88
N VAL P 70 20.03 22.01 -24.28
CA VAL P 70 19.59 21.30 -25.47
C VAL P 70 18.82 22.31 -26.31
N SER P 71 19.14 22.41 -27.59
CA SER P 71 18.46 23.36 -28.44
C SER P 71 17.86 22.69 -29.65
N PRO P 72 16.52 22.73 -29.78
CA PRO P 72 15.85 22.10 -30.93
C PRO P 72 16.22 22.81 -32.23
N ALA P 73 17.42 22.51 -32.73
CA ALA P 73 17.95 23.09 -33.96
C ALA P 73 16.89 23.42 -35.00
N PRO Q 3 7.70 35.54 -2.32
CA PRO Q 3 8.02 34.88 -1.04
C PRO Q 3 8.97 33.70 -1.24
N ARG Q 4 8.78 32.94 -2.32
CA ARG Q 4 9.65 31.81 -2.63
C ARG Q 4 10.26 31.98 -4.02
N PRO Q 5 11.49 31.41 -4.16
CA PRO Q 5 12.20 31.48 -5.49
C PRO Q 5 11.38 31.19 -6.73
N LEU Q 6 10.79 29.99 -6.73
CA LEU Q 6 9.98 29.54 -7.86
C LEU Q 6 8.90 30.53 -8.25
N ASP Q 7 8.31 31.21 -7.27
CA ASP Q 7 7.28 32.19 -7.58
C ASP Q 7 7.93 33.33 -8.38
N VAL Q 8 9.08 33.78 -7.91
CA VAL Q 8 9.80 34.86 -8.59
C VAL Q 8 10.03 34.50 -10.06
N LEU Q 9 10.26 33.22 -10.35
CA LEU Q 9 10.45 32.80 -11.74
C LEU Q 9 9.13 32.92 -12.52
N ASN Q 10 8.02 32.56 -11.87
CA ASN Q 10 6.70 32.62 -12.52
C ASN Q 10 6.37 34.00 -13.04
N ARG Q 11 6.65 35.03 -12.25
CA ARG Q 11 6.39 36.42 -12.64
C ARG Q 11 7.11 36.79 -13.93
N SER Q 12 8.35 36.30 -14.04
CA SER Q 12 9.19 36.62 -15.19
C SER Q 12 8.88 35.76 -16.42
N LEU Q 13 7.85 34.93 -16.34
CA LEU Q 13 7.48 34.13 -17.50
C LEU Q 13 7.03 35.15 -18.55
N LYS Q 14 7.55 35.00 -19.76
CA LYS Q 14 7.23 35.87 -20.88
C LYS Q 14 7.81 37.26 -20.69
N SER Q 15 9.01 37.28 -20.11
CA SER Q 15 9.76 38.50 -19.86
C SER Q 15 11.24 38.15 -20.06
N PRO Q 16 12.02 39.04 -20.69
CA PRO Q 16 13.43 38.75 -20.91
C PRO Q 16 14.21 38.67 -19.59
N VAL Q 17 15.02 37.62 -19.46
CA VAL Q 17 15.81 37.39 -18.26
C VAL Q 17 17.27 37.15 -18.61
N ILE Q 18 18.15 37.28 -17.63
CA ILE Q 18 19.56 37.02 -17.79
C ILE Q 18 19.80 35.76 -16.98
N VAL Q 19 20.38 34.74 -17.62
CA VAL Q 19 20.66 33.49 -16.96
C VAL Q 19 22.16 33.23 -16.99
N ARG Q 20 22.78 33.15 -15.83
CA ARG Q 20 24.21 32.88 -15.76
C ARG Q 20 24.43 31.42 -15.39
N LEU Q 21 25.21 30.71 -16.22
CA LEU Q 21 25.49 29.30 -15.97
C LEU Q 21 26.89 29.17 -15.42
N LYS Q 22 27.32 27.94 -15.19
CA LYS Q 22 28.68 27.71 -14.70
C LYS Q 22 29.61 27.83 -15.91
N GLY Q 23 30.86 28.19 -15.66
CA GLY Q 23 31.82 28.35 -16.73
C GLY Q 23 31.81 29.75 -17.30
N GLY Q 24 31.04 30.64 -16.65
CA GLY Q 24 30.94 32.01 -17.10
C GLY Q 24 29.90 32.23 -18.20
N ARG Q 25 29.57 31.17 -18.93
CA ARG Q 25 28.59 31.24 -20.01
C ARG Q 25 27.33 31.89 -19.49
N GLU Q 26 26.57 32.50 -20.40
CA GLU Q 26 25.32 33.18 -20.06
C GLU Q 26 24.31 33.12 -21.20
N PHE Q 27 23.05 33.31 -20.85
CA PHE Q 27 21.97 33.32 -21.82
C PHE Q 27 21.11 34.52 -21.53
N ARG Q 28 20.63 35.15 -22.58
CA ARG Q 28 19.77 36.30 -22.45
C ARG Q 28 18.65 36.03 -23.43
N GLY Q 29 17.45 35.83 -22.90
CA GLY Q 29 16.31 35.55 -23.75
C GLY Q 29 15.04 35.69 -22.92
N THR Q 30 13.92 35.24 -23.48
CA THR Q 30 12.65 35.33 -22.78
C THR Q 30 12.33 34.01 -22.08
N LEU Q 31 12.10 34.09 -20.77
CA LEU Q 31 11.79 32.91 -19.97
C LEU Q 31 10.46 32.33 -20.38
N ASP Q 32 10.48 31.08 -20.83
CA ASP Q 32 9.26 30.42 -21.27
C ASP Q 32 8.82 29.28 -20.35
N GLY Q 33 9.73 28.74 -19.57
CA GLY Q 33 9.36 27.65 -18.67
C GLY Q 33 10.40 27.35 -17.63
N TYR Q 34 10.01 26.57 -16.62
CA TYR Q 34 10.89 26.19 -15.54
C TYR Q 34 10.23 25.11 -14.69
N ASP Q 35 11.03 24.30 -14.00
CA ASP Q 35 10.51 23.27 -13.11
C ASP Q 35 11.25 23.39 -11.78
N ILE Q 36 10.84 22.62 -10.78
CA ILE Q 36 11.46 22.68 -9.45
C ILE Q 36 12.98 22.46 -9.42
N HIS Q 37 13.48 21.67 -10.37
CA HIS Q 37 14.91 21.39 -10.49
C HIS Q 37 15.64 22.61 -11.06
N MET Q 38 14.86 23.65 -11.31
CA MET Q 38 15.38 24.90 -11.86
C MET Q 38 15.85 24.72 -13.30
N ASN Q 39 15.30 23.72 -13.99
CA ASN Q 39 15.61 23.52 -15.40
C ASN Q 39 14.88 24.70 -16.04
N LEU Q 40 15.48 25.34 -17.03
CA LEU Q 40 14.82 26.49 -17.63
C LEU Q 40 14.55 26.33 -19.12
N VAL Q 41 13.59 27.09 -19.62
CA VAL Q 41 13.27 27.11 -21.04
C VAL Q 41 13.30 28.57 -21.45
N LEU Q 42 14.16 28.88 -22.42
CA LEU Q 42 14.30 30.24 -22.93
C LEU Q 42 13.97 30.30 -24.41
N LEU Q 43 13.34 31.40 -24.81
CA LEU Q 43 13.01 31.64 -26.21
C LEU Q 43 13.78 32.86 -26.71
N ASP Q 44 14.08 32.87 -28.01
CA ASP Q 44 14.83 33.96 -28.67
C ASP Q 44 15.96 34.45 -27.79
N ALA Q 45 16.87 33.53 -27.47
CA ALA Q 45 17.99 33.85 -26.59
C ALA Q 45 19.34 33.82 -27.26
N GLU Q 46 20.31 34.43 -26.60
CA GLU Q 46 21.68 34.48 -27.09
C GLU Q 46 22.64 33.94 -26.03
N GLU Q 47 23.62 33.16 -26.47
CA GLU Q 47 24.62 32.60 -25.56
C GLU Q 47 25.81 33.54 -25.55
N ILE Q 48 26.26 33.89 -24.35
CA ILE Q 48 27.38 34.80 -24.20
C ILE Q 48 28.54 34.10 -23.50
N GLN Q 49 29.76 34.52 -23.83
CA GLN Q 49 30.96 33.98 -23.20
C GLN Q 49 32.14 34.88 -23.52
N ASN Q 50 32.51 35.69 -22.54
CA ASN Q 50 33.62 36.62 -22.68
C ASN Q 50 33.24 37.87 -23.47
N GLY Q 51 32.09 38.43 -23.13
CA GLY Q 51 31.61 39.66 -23.75
C GLY Q 51 31.01 39.62 -25.14
N GLU Q 52 30.87 38.43 -25.72
CA GLU Q 52 30.33 38.34 -27.07
C GLU Q 52 29.36 37.18 -27.32
N VAL Q 53 28.27 37.48 -28.03
CA VAL Q 53 27.26 36.49 -28.36
C VAL Q 53 27.85 35.44 -29.31
N VAL Q 54 28.01 34.22 -28.81
CA VAL Q 54 28.61 33.15 -29.60
C VAL Q 54 27.64 32.24 -30.37
N ARG Q 55 26.35 32.51 -30.24
CA ARG Q 55 25.30 31.73 -30.90
C ARG Q 55 23.95 32.40 -30.74
N LYS Q 56 22.99 31.97 -31.55
CA LYS Q 56 21.65 32.51 -31.51
C LYS Q 56 20.74 31.30 -31.65
N VAL Q 57 19.81 31.14 -30.71
CA VAL Q 57 18.90 29.99 -30.74
C VAL Q 57 17.43 30.39 -30.55
N GLY Q 58 16.55 29.73 -31.28
CA GLY Q 58 15.13 30.05 -31.17
C GLY Q 58 14.66 29.72 -29.77
N SER Q 59 15.23 28.67 -29.19
CA SER Q 59 14.88 28.24 -27.85
C SER Q 59 15.95 27.30 -27.28
N VAL Q 60 16.02 27.27 -25.95
CA VAL Q 60 16.98 26.42 -25.26
C VAL Q 60 16.33 25.81 -24.04
N VAL Q 61 16.76 24.59 -23.74
CA VAL Q 61 16.33 23.88 -22.54
C VAL Q 61 17.65 23.83 -21.78
N ILE Q 62 17.68 24.50 -20.63
CA ILE Q 62 18.91 24.51 -19.83
C ILE Q 62 18.80 23.65 -18.58
N ARG Q 63 19.81 22.81 -18.36
CA ARG Q 63 19.86 21.93 -17.18
C ARG Q 63 19.97 22.69 -15.86
N GLY Q 64 19.01 22.45 -14.97
CA GLY Q 64 19.01 23.12 -13.69
C GLY Q 64 20.33 23.12 -12.97
N ASP Q 65 21.04 22.00 -13.01
CA ASP Q 65 22.32 21.91 -12.31
C ASP Q 65 23.41 22.91 -12.74
N THR Q 66 23.35 23.39 -13.99
CA THR Q 66 24.35 24.34 -14.47
C THR Q 66 23.99 25.80 -14.17
N VAL Q 67 22.76 26.06 -13.72
CA VAL Q 67 22.30 27.43 -13.44
C VAL Q 67 22.84 28.05 -12.15
N VAL Q 68 23.42 29.24 -12.24
CA VAL Q 68 23.94 29.93 -11.07
C VAL Q 68 22.86 30.89 -10.57
N PHE Q 69 22.35 31.74 -11.47
CA PHE Q 69 21.31 32.68 -11.11
C PHE Q 69 20.50 33.14 -12.33
N VAL Q 70 19.30 33.65 -12.06
CA VAL Q 70 18.43 34.15 -13.10
C VAL Q 70 17.88 35.48 -12.59
N SER Q 71 17.85 36.49 -13.45
CA SER Q 71 17.31 37.80 -13.09
C SER Q 71 16.73 38.48 -14.31
N PRO Q 72 15.64 39.25 -14.13
CA PRO Q 72 15.02 39.93 -15.27
C PRO Q 72 16.00 40.91 -15.92
N ALA Q 73 15.91 41.07 -17.23
CA ALA Q 73 16.79 41.98 -17.97
C ALA Q 73 16.01 42.99 -18.81
N PRO R 3 17.37 26.49 15.92
CA PRO R 3 18.80 26.19 15.65
C PRO R 3 19.03 25.79 14.19
N ARG R 4 17.97 25.40 13.51
CA ARG R 4 18.03 24.98 12.12
C ARG R 4 18.53 26.13 11.23
N PRO R 5 19.38 25.83 10.22
CA PRO R 5 19.91 26.83 9.30
C PRO R 5 18.84 27.69 8.60
N LEU R 6 17.77 27.05 8.13
CA LEU R 6 16.69 27.76 7.44
C LEU R 6 16.07 28.85 8.32
N ASP R 7 15.92 28.57 9.61
CA ASP R 7 15.34 29.53 10.54
C ASP R 7 16.09 30.84 10.47
N VAL R 8 17.42 30.75 10.42
CA VAL R 8 18.23 31.96 10.33
C VAL R 8 17.90 32.67 9.01
N LEU R 9 17.56 31.94 7.96
CA LEU R 9 17.22 32.58 6.71
C LEU R 9 15.89 33.33 6.88
N ASN R 10 14.93 32.71 7.57
CA ASN R 10 13.64 33.34 7.79
C ASN R 10 13.85 34.60 8.64
N ARG R 11 14.67 34.46 9.68
CA ARG R 11 14.97 35.58 10.57
C ARG R 11 15.52 36.76 9.77
N SER R 12 16.00 36.48 8.56
CA SER R 12 16.58 37.52 7.71
C SER R 12 15.67 38.10 6.64
N LEU R 13 14.46 37.56 6.49
CA LEU R 13 13.54 38.09 5.49
C LEU R 13 13.45 39.61 5.57
N LYS R 14 13.52 40.27 4.42
CA LYS R 14 13.46 41.73 4.31
C LYS R 14 14.55 42.43 5.12
N SER R 15 15.79 42.16 4.72
CA SER R 15 16.98 42.72 5.35
C SER R 15 18.13 42.38 4.41
N PRO R 16 19.17 43.23 4.37
CA PRO R 16 20.28 42.91 3.48
C PRO R 16 21.05 41.66 3.91
N VAL R 17 21.74 41.05 2.95
CA VAL R 17 22.56 39.86 3.19
C VAL R 17 23.76 39.79 2.23
N ILE R 18 24.74 38.97 2.61
CA ILE R 18 25.93 38.76 1.80
C ILE R 18 25.84 37.34 1.31
N VAL R 19 25.90 37.15 0.01
CA VAL R 19 25.85 35.81 -0.56
C VAL R 19 27.11 35.59 -1.38
N ARG R 20 27.96 34.64 -0.96
CA ARG R 20 29.16 34.33 -1.74
C ARG R 20 28.89 33.03 -2.50
N LEU R 21 29.10 33.05 -3.81
CA LEU R 21 28.87 31.88 -4.64
C LEU R 21 30.17 31.16 -4.96
N LYS R 22 30.06 29.90 -5.39
CA LYS R 22 31.23 29.13 -5.75
C LYS R 22 31.89 29.90 -6.90
N GLY R 23 33.19 30.12 -6.80
CA GLY R 23 33.88 30.85 -7.84
C GLY R 23 34.37 32.19 -7.32
N GLY R 24 33.81 32.62 -6.19
CA GLY R 24 34.21 33.87 -5.60
C GLY R 24 33.28 35.05 -5.81
N ARG R 25 32.26 34.88 -6.66
CA ARG R 25 31.33 35.97 -6.90
C ARG R 25 30.52 36.27 -5.64
N GLU R 26 29.97 37.48 -5.55
CA GLU R 26 29.17 37.88 -4.41
C GLU R 26 27.94 38.71 -4.77
N PHE R 27 26.94 38.66 -3.91
CA PHE R 27 25.71 39.42 -4.13
C PHE R 27 25.27 40.14 -2.86
N ARG R 28 25.00 41.43 -3.01
CA ARG R 28 24.53 42.26 -1.91
C ARG R 28 23.10 42.55 -2.27
N GLY R 29 22.18 42.19 -1.40
CA GLY R 29 20.79 42.44 -1.68
C GLY R 29 19.93 42.15 -0.47
N THR R 30 18.64 42.45 -0.61
CA THR R 30 17.72 42.22 0.48
C THR R 30 17.09 40.84 0.29
N LEU R 31 17.44 39.92 1.18
CA LEU R 31 16.90 38.57 1.15
C LEU R 31 15.39 38.73 1.15
N ASP R 32 14.78 38.39 0.03
CA ASP R 32 13.33 38.50 -0.05
C ASP R 32 12.65 37.14 -0.03
N GLY R 33 13.44 36.07 -0.14
CA GLY R 33 12.86 34.73 -0.12
C GLY R 33 13.87 33.61 -0.16
N TYR R 34 13.37 32.38 0.02
CA TYR R 34 14.23 31.19 -0.02
C TYR R 34 13.37 29.92 0.05
N ASP R 35 14.00 28.77 -0.16
CA ASP R 35 13.31 27.49 -0.10
C ASP R 35 14.18 26.43 0.53
N ILE R 36 13.72 25.17 0.45
CA ILE R 36 14.42 24.02 1.04
C ILE R 36 15.84 23.81 0.53
N HIS R 37 16.02 23.88 -0.80
CA HIS R 37 17.32 23.69 -1.42
C HIS R 37 18.24 24.87 -1.16
N MET R 38 17.68 25.88 -0.50
CA MET R 38 18.41 27.10 -0.17
C MET R 38 18.55 28.00 -1.39
N ASN R 39 17.59 27.92 -2.30
CA ASN R 39 17.59 28.81 -3.45
C ASN R 39 17.23 30.16 -2.81
N LEU R 40 17.76 31.25 -3.32
CA LEU R 40 17.49 32.57 -2.73
C LEU R 40 16.92 33.59 -3.71
N VAL R 41 16.18 34.54 -3.16
CA VAL R 41 15.60 35.61 -3.95
C VAL R 41 16.13 36.88 -3.33
N LEU R 42 16.83 37.67 -4.12
CA LEU R 42 17.39 38.92 -3.64
C LEU R 42 16.80 40.08 -4.41
N LEU R 43 16.32 41.07 -3.68
CA LEU R 43 15.75 42.26 -4.32
C LEU R 43 16.78 43.37 -4.22
N ASP R 44 16.86 44.18 -5.28
CA ASP R 44 17.79 45.30 -5.34
C ASP R 44 19.18 44.87 -4.91
N ALA R 45 19.75 43.93 -5.67
CA ALA R 45 21.07 43.41 -5.36
C ALA R 45 22.08 43.93 -6.37
N GLU R 46 23.35 43.62 -6.13
CA GLU R 46 24.42 44.05 -7.01
C GLU R 46 25.56 43.03 -6.99
N GLU R 47 25.89 42.52 -8.17
CA GLU R 47 26.95 41.53 -8.28
C GLU R 47 28.32 42.14 -7.97
N ILE R 48 28.86 41.86 -6.80
CA ILE R 48 30.15 42.36 -6.43
C ILE R 48 31.19 41.40 -6.95
N GLN R 49 31.74 41.68 -8.12
CA GLN R 49 32.77 40.74 -8.56
C GLN R 49 34.12 41.31 -8.26
N ASN R 50 34.97 40.53 -7.66
CA ASN R 50 36.29 41.09 -7.41
C ASN R 50 36.28 42.31 -6.47
N GLY R 51 35.33 42.37 -5.54
CA GLY R 51 35.23 43.44 -4.55
C GLY R 51 34.91 44.82 -5.16
N GLU R 52 34.04 44.81 -6.11
CA GLU R 52 33.65 45.98 -6.82
C GLU R 52 32.33 45.67 -7.50
N VAL R 53 31.37 46.57 -7.41
CA VAL R 53 30.08 46.33 -8.08
C VAL R 53 30.26 46.26 -9.61
N VAL R 54 29.88 45.14 -10.21
CA VAL R 54 29.98 44.95 -11.65
C VAL R 54 28.62 44.92 -12.34
N ARG R 55 27.56 44.77 -11.57
CA ARG R 55 26.22 44.72 -12.15
C ARG R 55 25.12 44.93 -11.12
N LYS R 56 24.06 45.63 -11.50
CA LYS R 56 22.94 45.89 -10.61
C LYS R 56 21.67 45.26 -11.15
N VAL R 57 21.00 44.48 -10.31
CA VAL R 57 19.77 43.79 -10.70
C VAL R 57 18.69 44.03 -9.65
N GLY R 58 17.51 44.43 -10.10
CA GLY R 58 16.42 44.68 -9.16
C GLY R 58 16.01 43.43 -8.43
N SER R 59 16.34 42.27 -9.00
CA SER R 59 16.00 41.00 -8.39
C SER R 59 16.77 39.86 -9.03
N VAL R 60 17.02 38.83 -8.24
CA VAL R 60 17.74 37.67 -8.76
C VAL R 60 17.42 36.44 -7.92
N VAL R 61 17.31 35.31 -8.61
CA VAL R 61 17.05 34.05 -7.95
C VAL R 61 18.37 33.34 -8.08
N ILE R 62 18.89 32.85 -6.96
CA ILE R 62 20.19 32.18 -6.93
C ILE R 62 19.99 30.71 -6.53
N ARG R 63 20.65 29.79 -7.25
CA ARG R 63 20.55 28.35 -6.99
C ARG R 63 21.33 27.93 -5.74
N GLY R 64 20.66 27.24 -4.83
CA GLY R 64 21.31 26.80 -3.60
C GLY R 64 22.62 26.07 -3.85
N ASP R 65 22.60 25.17 -4.83
CA ASP R 65 23.77 24.38 -5.16
C ASP R 65 25.02 25.26 -5.29
N THR R 66 24.85 26.50 -5.74
CA THR R 66 25.95 27.45 -5.95
C THR R 66 26.36 28.29 -4.74
N VAL R 67 25.49 28.42 -3.75
CA VAL R 67 25.78 29.22 -2.58
C VAL R 67 26.80 28.62 -1.59
N VAL R 68 27.76 29.42 -1.17
CA VAL R 68 28.76 28.96 -0.21
C VAL R 68 28.29 29.34 1.19
N PHE R 69 27.83 30.59 1.34
CA PHE R 69 27.33 31.07 2.62
C PHE R 69 26.52 32.35 2.46
N VAL R 70 25.62 32.57 3.41
CA VAL R 70 24.77 33.76 3.43
C VAL R 70 24.97 34.43 4.78
N SER R 71 25.17 35.75 4.77
CA SER R 71 25.37 36.48 6.01
C SER R 71 24.77 37.89 6.06
N PRO R 72 24.15 38.25 7.20
CA PRO R 72 23.56 39.59 7.33
C PRO R 72 24.73 40.57 7.23
N ALA R 73 24.52 41.72 6.59
CA ALA R 73 25.59 42.69 6.42
C ALA R 73 25.32 44.06 7.03
N PRO R 74 26.38 44.87 7.22
CA PRO R 74 26.31 46.23 7.78
C PRO R 74 25.41 47.16 6.97
N PRO S 3 28.59 7.76 19.54
CA PRO S 3 29.53 8.57 18.74
C PRO S 3 29.12 8.56 17.27
N ARG S 4 28.42 9.62 16.87
CA ARG S 4 27.95 9.75 15.50
C ARG S 4 28.24 11.16 14.99
N PRO S 5 28.80 11.28 13.78
CA PRO S 5 29.13 12.59 13.19
C PRO S 5 28.14 13.71 13.47
N LEU S 6 26.84 13.44 13.39
CA LEU S 6 25.86 14.47 13.63
C LEU S 6 25.66 14.71 15.12
N ASP S 7 25.88 13.65 15.91
CA ASP S 7 25.77 13.73 17.36
C ASP S 7 26.91 14.60 17.86
N VAL S 8 28.09 14.36 17.28
CA VAL S 8 29.27 15.12 17.65
C VAL S 8 29.00 16.58 17.35
N LEU S 9 28.15 16.88 16.37
CA LEU S 9 27.84 18.27 16.04
C LEU S 9 26.88 18.85 17.07
N ASN S 10 26.03 18.00 17.62
CA ASN S 10 25.05 18.46 18.59
C ASN S 10 25.69 18.66 19.96
N ARG S 11 26.77 17.93 20.22
CA ARG S 11 27.51 18.04 21.47
C ARG S 11 28.52 19.16 21.34
N SER S 12 28.37 19.94 20.27
CA SER S 12 29.26 21.07 19.99
C SER S 12 28.48 22.37 19.88
N LEU S 13 27.17 22.32 20.06
CA LEU S 13 26.34 23.52 19.97
C LEU S 13 26.78 24.62 20.96
N LYS S 14 26.78 25.86 20.48
CA LYS S 14 27.15 27.04 21.27
C LYS S 14 28.65 27.17 21.52
N SER S 15 29.39 26.12 21.18
CA SER S 15 30.83 26.10 21.36
C SER S 15 31.56 26.52 20.10
N PRO S 16 32.62 27.35 20.24
CA PRO S 16 33.38 27.80 19.07
C PRO S 16 33.97 26.62 18.31
N VAL S 17 34.20 26.80 17.02
CA VAL S 17 34.75 25.73 16.20
C VAL S 17 35.51 26.24 14.97
N ILE S 18 36.12 25.30 14.28
CA ILE S 18 36.84 25.62 13.08
C ILE S 18 36.17 24.87 11.95
N VAL S 19 35.63 25.64 11.00
CA VAL S 19 34.98 25.06 9.83
C VAL S 19 35.90 25.26 8.64
N ARG S 20 36.37 24.16 8.07
CA ARG S 20 37.25 24.19 6.92
C ARG S 20 36.37 24.02 5.68
N LEU S 21 36.64 24.78 4.63
CA LEU S 21 35.84 24.69 3.41
C LEU S 21 36.71 24.39 2.21
N LYS S 22 36.07 24.01 1.11
CA LYS S 22 36.79 23.75 -0.13
C LYS S 22 37.36 25.08 -0.66
N GLY S 23 38.50 25.01 -1.33
CA GLY S 23 39.10 26.21 -1.87
C GLY S 23 40.23 26.76 -1.02
N GLY S 24 40.06 26.72 0.30
CA GLY S 24 41.09 27.23 1.19
C GLY S 24 40.57 28.26 2.18
N ARG S 25 39.25 28.40 2.23
CA ARG S 25 38.63 29.36 3.16
C ARG S 25 38.34 28.62 4.46
N GLU S 26 38.10 29.36 5.52
CA GLU S 26 37.85 28.76 6.81
C GLU S 26 37.07 29.76 7.65
N PHE S 27 36.25 29.26 8.57
CA PHE S 27 35.46 30.12 9.43
C PHE S 27 35.68 29.76 10.90
N ARG S 28 35.85 30.77 11.74
CA ARG S 28 36.02 30.56 13.16
C ARG S 28 34.82 31.24 13.83
N GLY S 29 34.03 30.46 14.57
CA GLY S 29 32.88 31.03 15.22
C GLY S 29 32.23 30.05 16.18
N THR S 30 31.05 30.42 16.67
CA THR S 30 30.33 29.56 17.60
C THR S 30 29.21 28.82 16.86
N LEU S 31 29.21 27.50 16.98
CA LEU S 31 28.21 26.66 16.33
C LEU S 31 26.80 26.91 16.90
N ASP S 32 25.96 27.59 16.12
CA ASP S 32 24.61 27.90 16.58
C ASP S 32 23.53 27.03 15.96
N GLY S 33 23.92 26.13 15.05
CA GLY S 33 22.96 25.26 14.41
C GLY S 33 23.49 24.49 13.21
N TYR S 34 22.75 23.46 12.80
CA TYR S 34 23.15 22.62 11.69
C TYR S 34 21.97 21.74 11.30
N ASP S 35 22.11 21.00 10.21
CA ASP S 35 21.06 20.09 9.78
C ASP S 35 21.68 18.80 9.26
N ILE S 36 20.84 17.90 8.76
CA ILE S 36 21.28 16.62 8.25
C ILE S 36 22.37 16.75 7.20
N HIS S 37 22.24 17.72 6.31
CA HIS S 37 23.18 17.93 5.22
C HIS S 37 24.46 18.60 5.74
N MET S 38 24.42 18.99 7.01
CA MET S 38 25.54 19.64 7.66
C MET S 38 25.73 21.10 7.25
N ASN S 39 24.66 21.77 6.88
CA ASN S 39 24.71 23.20 6.55
C ASN S 39 24.88 23.74 7.98
N LEU S 40 25.73 24.74 8.16
CA LEU S 40 25.97 25.24 9.50
C LEU S 40 25.58 26.69 9.75
N VAL S 41 25.38 27.01 11.03
CA VAL S 41 25.05 28.37 11.44
C VAL S 41 26.06 28.81 12.51
N LEU S 42 26.89 29.77 12.18
CA LEU S 42 27.87 30.29 13.12
C LEU S 42 27.50 31.69 13.60
N LEU S 43 28.03 32.06 14.77
CA LEU S 43 27.80 33.36 15.38
C LEU S 43 29.15 33.93 15.78
N ASP S 44 29.32 35.24 15.67
CA ASP S 44 30.58 35.90 16.01
C ASP S 44 31.71 35.19 15.26
N ALA S 45 31.59 35.15 13.94
CA ALA S 45 32.56 34.46 13.12
C ALA S 45 33.51 35.33 12.31
N GLU S 46 34.72 34.81 12.14
CA GLU S 46 35.74 35.47 11.35
C GLU S 46 35.94 34.60 10.12
N GLU S 47 36.16 35.23 8.98
CA GLU S 47 36.39 34.50 7.74
C GLU S 47 37.87 34.56 7.43
N ILE S 48 38.51 33.40 7.36
CA ILE S 48 39.95 33.31 7.10
C ILE S 48 40.30 32.72 5.73
N GLN S 49 41.20 33.39 5.03
CA GLN S 49 41.67 32.92 3.73
C GLN S 49 43.19 32.96 3.74
N ASN S 50 43.82 31.92 3.19
CA ASN S 50 45.27 31.83 3.14
C ASN S 50 45.87 32.14 4.50
N GLY S 51 45.16 31.74 5.55
CA GLY S 51 45.63 31.96 6.91
C GLY S 51 45.50 33.40 7.40
N GLU S 52 44.66 34.18 6.73
CA GLU S 52 44.46 35.58 7.10
C GLU S 52 42.99 35.96 7.09
N VAL S 53 42.55 36.65 8.14
CA VAL S 53 41.17 37.09 8.27
C VAL S 53 40.82 38.05 7.14
N VAL S 54 39.66 37.84 6.52
CA VAL S 54 39.21 38.70 5.43
C VAL S 54 37.79 39.19 5.66
N ARG S 55 37.31 39.05 6.90
CA ARG S 55 35.96 39.46 7.24
C ARG S 55 35.51 38.99 8.62
N LYS S 56 34.44 39.60 9.15
CA LYS S 56 33.90 39.21 10.44
C LYS S 56 32.41 39.55 10.47
N VAL S 57 31.60 38.55 10.79
CA VAL S 57 30.15 38.72 10.82
C VAL S 57 29.50 38.14 12.06
N GLY S 58 28.38 38.75 12.45
CA GLY S 58 27.67 38.30 13.63
C GLY S 58 27.13 36.89 13.44
N SER S 59 26.77 36.55 12.21
CA SER S 59 26.24 35.22 11.91
C SER S 59 26.35 34.89 10.43
N VAL S 60 26.54 33.61 10.15
CA VAL S 60 26.63 33.12 8.79
C VAL S 60 26.04 31.74 8.64
N VAL S 61 25.31 31.55 7.55
CA VAL S 61 24.76 30.25 7.24
C VAL S 61 25.72 29.68 6.19
N ILE S 62 26.31 28.54 6.47
CA ILE S 62 27.24 27.90 5.54
C ILE S 62 26.60 26.63 5.00
N ARG S 63 26.78 26.37 3.72
CA ARG S 63 26.23 25.16 3.09
C ARG S 63 27.15 23.96 3.31
N GLY S 64 26.62 22.90 3.91
CA GLY S 64 27.43 21.72 4.17
C GLY S 64 28.18 21.21 2.96
N ASP S 65 27.59 21.43 1.80
CA ASP S 65 28.15 21.03 0.52
C ASP S 65 29.58 21.57 0.34
N THR S 66 29.83 22.73 0.91
CA THR S 66 31.12 23.39 0.83
C THR S 66 32.08 22.99 1.96
N VAL S 67 31.53 22.39 3.01
CA VAL S 67 32.33 22.00 4.16
C VAL S 67 33.26 20.78 3.96
N VAL S 68 34.43 20.84 4.59
CA VAL S 68 35.42 19.77 4.53
C VAL S 68 35.40 19.10 5.90
N PHE S 69 35.56 19.92 6.94
CA PHE S 69 35.52 19.41 8.31
C PHE S 69 35.21 20.49 9.34
N VAL S 70 34.75 20.03 10.49
CA VAL S 70 34.43 20.89 11.61
C VAL S 70 35.22 20.31 12.79
N SER S 71 35.90 21.18 13.55
CA SER S 71 36.67 20.75 14.71
C SER S 71 36.50 21.79 15.80
N PRO S 72 36.14 21.36 17.02
CA PRO S 72 35.95 22.30 18.13
C PRO S 72 37.25 23.01 18.49
N ALA S 73 37.14 24.33 18.68
CA ALA S 73 38.31 25.14 19.02
C ALA S 73 38.18 25.68 20.44
N PRO T 3 33.07 -8.68 4.66
CA PRO T 3 33.04 -8.37 3.21
C PRO T 3 32.05 -7.26 2.86
N ARG T 4 32.10 -6.17 3.61
CA ARG T 4 31.23 -5.02 3.37
C ARG T 4 31.93 -3.74 3.84
N PRO T 5 32.15 -2.79 2.93
CA PRO T 5 32.81 -1.51 3.23
C PRO T 5 32.53 -0.88 4.60
N LEU T 6 31.27 -0.65 4.92
CA LEU T 6 30.94 -0.04 6.20
C LEU T 6 31.31 -0.86 7.43
N ASP T 7 31.30 -2.19 7.30
CA ASP T 7 31.63 -3.05 8.43
C ASP T 7 33.11 -3.01 8.78
N VAL T 8 33.97 -2.85 7.77
CA VAL T 8 35.41 -2.76 8.02
C VAL T 8 35.66 -1.53 8.89
N LEU T 9 34.95 -0.45 8.58
CA LEU T 9 35.07 0.78 9.35
C LEU T 9 34.67 0.49 10.78
N ASN T 10 33.63 -0.32 10.93
CA ASN T 10 33.14 -0.68 12.26
C ASN T 10 34.25 -1.35 13.07
N ARG T 11 35.06 -2.16 12.40
CA ARG T 11 36.15 -2.85 13.07
C ARG T 11 37.24 -1.88 13.49
N SER T 12 37.45 -0.86 12.67
CA SER T 12 38.49 0.14 12.95
C SER T 12 38.09 1.11 14.03
N LEU T 13 36.94 0.87 14.66
CA LEU T 13 36.51 1.77 15.72
C LEU T 13 37.54 1.77 16.85
N LYS T 14 37.85 2.97 17.35
CA LYS T 14 38.81 3.13 18.41
C LYS T 14 40.18 2.62 17.97
N SER T 15 40.43 2.70 16.66
CA SER T 15 41.70 2.26 16.09
C SER T 15 42.29 3.31 15.15
N PRO T 16 43.63 3.42 15.13
CA PRO T 16 44.36 4.38 14.28
C PRO T 16 44.13 4.17 12.81
N VAL T 17 43.47 5.13 12.15
CA VAL T 17 43.23 5.01 10.72
C VAL T 17 43.81 6.19 9.97
N ILE T 18 44.17 5.96 8.71
CA ILE T 18 44.69 7.01 7.85
C ILE T 18 43.55 7.36 6.91
N VAL T 19 43.30 8.65 6.74
CA VAL T 19 42.23 9.13 5.88
C VAL T 19 42.74 10.06 4.80
N ARG T 20 42.65 9.61 3.56
CA ARG T 20 43.08 10.39 2.41
C ARG T 20 41.91 11.24 1.94
N LEU T 21 42.18 12.52 1.65
CA LEU T 21 41.14 13.42 1.20
C LEU T 21 41.43 13.93 -0.20
N LYS T 22 40.40 14.38 -0.87
CA LYS T 22 40.58 14.93 -2.20
C LYS T 22 41.53 16.11 -2.02
N GLY T 23 42.46 16.28 -2.95
CA GLY T 23 43.39 17.38 -2.83
C GLY T 23 44.74 16.90 -2.31
N GLY T 24 44.72 15.78 -1.60
CA GLY T 24 45.96 15.22 -1.07
C GLY T 24 46.09 15.25 0.43
N ARG T 25 45.51 16.24 1.08
CA ARG T 25 45.57 16.35 2.54
C ARG T 25 45.08 15.05 3.19
N GLU T 26 45.78 14.63 4.24
CA GLU T 26 45.43 13.42 4.98
C GLU T 26 45.16 13.70 6.44
N PHE T 27 44.49 12.76 7.09
CA PHE T 27 44.18 12.90 8.50
C PHE T 27 44.46 11.57 9.17
N ARG T 28 45.26 11.60 10.22
CA ARG T 28 45.52 10.37 10.93
C ARG T 28 45.09 10.56 12.37
N GLY T 29 44.26 9.66 12.84
CA GLY T 29 43.78 9.76 14.20
C GLY T 29 42.97 8.53 14.54
N THR T 30 42.39 8.56 15.72
CA THR T 30 41.58 7.45 16.19
C THR T 30 40.15 7.59 15.66
N LEU T 31 39.70 6.60 14.90
CA LEU T 31 38.36 6.61 14.36
C LEU T 31 37.38 6.44 15.50
N ASP T 32 36.58 7.47 15.77
CA ASP T 32 35.61 7.40 16.86
C ASP T 32 34.16 7.23 16.38
N GLY T 33 33.89 7.57 15.13
CA GLY T 33 32.54 7.43 14.61
C GLY T 33 32.36 7.62 13.11
N TYR T 34 31.22 7.16 12.60
CA TYR T 34 30.90 7.25 11.17
C TYR T 34 29.41 7.03 10.95
N ASP T 35 28.94 7.36 9.74
CA ASP T 35 27.55 7.17 9.35
C ASP T 35 27.52 6.55 7.96
N ILE T 36 26.32 6.38 7.39
CA ILE T 36 26.18 5.76 6.07
C ILE T 36 26.94 6.42 4.91
N HIS T 37 26.88 7.75 4.83
CA HIS T 37 27.57 8.50 3.78
C HIS T 37 29.06 8.42 4.06
N MET T 38 29.35 7.79 5.19
CA MET T 38 30.68 7.60 5.76
C MET T 38 31.43 8.89 6.03
N ASN T 39 30.75 9.72 6.82
CA ASN T 39 31.27 10.97 7.33
C ASN T 39 32.03 10.38 8.51
N LEU T 40 33.15 10.95 8.87
CA LEU T 40 33.92 10.36 9.95
C LEU T 40 34.16 11.29 11.12
N VAL T 41 34.43 10.68 12.26
CA VAL T 41 34.74 11.41 13.47
C VAL T 41 36.05 10.81 13.98
N LEU T 42 37.12 11.60 13.95
CA LEU T 42 38.42 11.17 14.43
C LEU T 42 38.77 11.87 15.72
N LEU T 43 39.48 11.15 16.60
CA LEU T 43 39.92 11.72 17.86
C LEU T 43 41.45 11.75 17.83
N ASP T 44 42.05 12.64 18.62
CA ASP T 44 43.50 12.77 18.72
C ASP T 44 44.14 12.62 17.35
N ALA T 45 43.62 13.35 16.38
CA ALA T 45 44.13 13.27 15.03
C ALA T 45 44.85 14.54 14.64
N GLU T 46 45.46 14.51 13.48
CA GLU T 46 46.17 15.66 12.97
C GLU T 46 46.11 15.67 11.44
N GLU T 47 45.98 16.86 10.88
CA GLU T 47 45.92 17.01 9.42
C GLU T 47 47.37 17.01 8.97
N ILE T 48 47.65 16.40 7.82
CA ILE T 48 49.03 16.34 7.34
C ILE T 48 49.14 16.36 5.82
N GLN T 49 49.99 17.24 5.31
CA GLN T 49 50.20 17.36 3.86
C GLN T 49 51.67 17.11 3.54
N ASN T 50 51.92 16.48 2.38
CA ASN T 50 53.28 16.19 1.95
C ASN T 50 54.16 15.61 3.06
N GLY T 51 53.58 14.77 3.90
CA GLY T 51 54.33 14.16 4.98
C GLY T 51 54.66 15.04 6.17
N GLU T 52 54.00 16.18 6.29
CA GLU T 52 54.24 17.10 7.40
C GLU T 52 52.96 17.47 8.14
N VAL T 53 53.04 17.53 9.46
CA VAL T 53 51.92 17.89 10.32
C VAL T 53 51.54 19.35 10.09
N VAL T 54 50.29 19.59 9.70
CA VAL T 54 49.83 20.96 9.44
C VAL T 54 48.80 21.45 10.44
N ARG T 55 48.30 20.53 11.26
CA ARG T 55 47.29 20.84 12.28
C ARG T 55 47.19 19.69 13.26
N LYS T 56 46.80 19.98 14.49
CA LYS T 56 46.62 18.97 15.52
C LYS T 56 45.27 19.15 16.19
N VAL T 57 44.30 18.33 15.82
CA VAL T 57 42.96 18.43 16.38
C VAL T 57 42.68 17.28 17.35
N GLY T 58 41.92 17.56 18.40
CA GLY T 58 41.59 16.53 19.37
C GLY T 58 40.35 15.77 18.93
N SER T 59 39.61 16.36 18.00
CA SER T 59 38.38 15.74 17.49
C SER T 59 37.87 16.47 16.25
N VAL T 60 37.63 15.71 15.19
CA VAL T 60 37.14 16.26 13.93
C VAL T 60 36.00 15.48 13.29
N VAL T 61 35.16 16.21 12.57
CA VAL T 61 34.03 15.65 11.83
C VAL T 61 34.40 15.91 10.37
N ILE T 62 34.70 14.85 9.64
CA ILE T 62 35.06 15.01 8.23
C ILE T 62 33.87 14.62 7.35
N ARG T 63 33.57 15.47 6.36
CA ARG T 63 32.48 15.22 5.43
C ARG T 63 32.86 14.06 4.51
N GLY T 64 32.02 13.02 4.48
CA GLY T 64 32.31 11.88 3.62
C GLY T 64 32.58 12.27 2.17
N ASP T 65 31.91 13.31 1.71
CA ASP T 65 32.06 13.79 0.34
C ASP T 65 33.52 14.06 -0.07
N THR T 66 34.37 14.36 0.91
CA THR T 66 35.77 14.66 0.62
C THR T 66 36.74 13.51 0.93
N VAL T 67 36.20 12.36 1.31
CA VAL T 67 37.02 11.21 1.64
C VAL T 67 37.31 10.34 0.44
N VAL T 68 38.59 10.11 0.15
CA VAL T 68 38.97 9.26 -0.98
C VAL T 68 39.12 7.81 -0.51
N PHE T 69 39.66 7.63 0.70
CA PHE T 69 39.81 6.30 1.29
C PHE T 69 40.23 6.32 2.77
N VAL T 70 40.00 5.20 3.45
CA VAL T 70 40.35 5.06 4.85
C VAL T 70 41.11 3.75 5.05
N SER T 71 42.39 3.86 5.35
CA SER T 71 43.21 2.68 5.58
C SER T 71 43.20 2.42 7.07
N PRO T 72 42.55 1.33 7.51
CA PRO T 72 42.48 0.99 8.92
C PRO T 72 43.86 0.61 9.45
N ALA T 73 44.79 1.57 9.39
CA ALA T 73 46.14 1.36 9.86
C ALA T 73 46.13 0.36 11.01
N PRO U 3 24.47 -9.60 -16.80
CA PRO U 3 24.52 -8.19 -17.27
C PRO U 3 24.67 -7.17 -16.15
N ARG U 4 24.61 -7.61 -14.90
CA ARG U 4 24.77 -6.70 -13.77
C ARG U 4 26.25 -6.45 -13.51
N PRO U 5 26.70 -5.18 -13.59
CA PRO U 5 28.10 -4.80 -13.36
C PRO U 5 28.68 -5.26 -12.02
N LEU U 6 27.91 -5.14 -10.95
CA LEU U 6 28.39 -5.56 -9.63
C LEU U 6 28.69 -7.06 -9.57
N ASP U 7 28.02 -7.84 -10.42
CA ASP U 7 28.23 -9.28 -10.48
C ASP U 7 29.65 -9.55 -10.95
N VAL U 8 30.08 -8.83 -11.99
CA VAL U 8 31.43 -8.99 -12.52
C VAL U 8 32.39 -8.67 -11.37
N LEU U 9 31.93 -7.80 -10.48
CA LEU U 9 32.72 -7.39 -9.33
C LEU U 9 32.66 -8.48 -8.27
N ASN U 10 31.54 -9.18 -8.21
CA ASN U 10 31.34 -10.26 -7.25
C ASN U 10 32.24 -11.47 -7.55
N ARG U 11 32.41 -11.76 -8.83
CA ARG U 11 33.21 -12.89 -9.30
C ARG U 11 34.70 -12.53 -9.35
N SER U 12 35.11 -11.55 -8.57
CA SER U 12 36.51 -11.11 -8.55
C SER U 12 36.98 -11.00 -7.12
N LEU U 13 36.14 -11.47 -6.19
CA LEU U 13 36.47 -11.44 -4.77
C LEU U 13 37.66 -12.34 -4.49
N LYS U 14 38.44 -11.97 -3.47
CA LYS U 14 39.62 -12.74 -3.09
C LYS U 14 40.60 -12.79 -4.25
N SER U 15 40.25 -12.08 -5.32
CA SER U 15 41.08 -12.00 -6.51
C SER U 15 41.66 -10.59 -6.66
N PRO U 16 42.88 -10.49 -7.21
CA PRO U 16 43.54 -9.19 -7.40
C PRO U 16 42.89 -8.35 -8.49
N VAL U 17 42.91 -7.03 -8.28
CA VAL U 17 42.31 -6.07 -9.22
C VAL U 17 43.10 -4.75 -9.32
N ILE U 18 42.74 -3.97 -10.33
CA ILE U 18 43.35 -2.66 -10.54
C ILE U 18 42.20 -1.66 -10.35
N VAL U 19 42.43 -0.65 -9.52
CA VAL U 19 41.42 0.35 -9.24
C VAL U 19 41.88 1.77 -9.56
N ARG U 20 41.28 2.36 -10.59
CA ARG U 20 41.60 3.72 -10.98
C ARG U 20 40.66 4.70 -10.29
N LEU U 21 41.25 5.64 -9.57
CA LEU U 21 40.49 6.64 -8.85
C LEU U 21 40.52 7.93 -9.66
N LYS U 22 39.74 8.92 -9.25
CA LYS U 22 39.72 10.20 -9.92
C LYS U 22 41.05 10.87 -9.56
N GLY U 23 41.81 11.28 -10.57
CA GLY U 23 43.08 11.91 -10.33
C GLY U 23 44.22 11.18 -11.01
N GLY U 24 43.92 9.97 -11.51
CA GLY U 24 44.94 9.19 -12.19
C GLY U 24 45.60 8.19 -11.26
N ARG U 25 45.48 8.44 -9.96
CA ARG U 25 46.06 7.56 -8.94
C ARG U 25 45.35 6.20 -8.96
N GLU U 26 46.13 5.13 -8.92
CA GLU U 26 45.57 3.76 -8.93
C GLU U 26 45.82 2.98 -7.65
N PHE U 27 45.23 1.79 -7.60
CA PHE U 27 45.36 0.89 -6.47
C PHE U 27 45.38 -0.53 -6.99
N ARG U 28 46.34 -1.32 -6.52
CA ARG U 28 46.44 -2.72 -6.90
C ARG U 28 46.28 -3.47 -5.59
N GLY U 29 45.30 -4.35 -5.51
CA GLY U 29 45.06 -5.10 -4.28
C GLY U 29 44.07 -6.22 -4.46
N THR U 30 43.69 -6.87 -3.36
CA THR U 30 42.74 -7.98 -3.43
C THR U 30 41.34 -7.53 -3.06
N LEU U 31 40.42 -7.64 -4.01
CA LEU U 31 39.05 -7.24 -3.78
C LEU U 31 38.40 -8.10 -2.71
N ASP U 32 38.22 -7.54 -1.52
CA ASP U 32 37.60 -8.28 -0.44
C ASP U 32 36.12 -7.92 -0.26
N GLY U 33 35.80 -6.63 -0.38
CA GLY U 33 34.41 -6.21 -0.23
C GLY U 33 33.94 -5.13 -1.18
N TYR U 34 32.64 -4.86 -1.17
CA TYR U 34 32.08 -3.83 -2.03
C TYR U 34 30.58 -3.66 -1.75
N ASP U 35 30.00 -2.57 -2.21
CA ASP U 35 28.58 -2.33 -2.02
C ASP U 35 27.98 -1.72 -3.28
N ILE U 36 26.74 -1.25 -3.18
CA ILE U 36 26.03 -0.66 -4.29
C ILE U 36 26.62 0.63 -4.85
N HIS U 37 27.14 1.47 -3.96
CA HIS U 37 27.75 2.76 -4.35
C HIS U 37 29.10 2.57 -4.98
N MET U 38 29.50 1.30 -5.08
CA MET U 38 30.78 0.91 -5.65
C MET U 38 31.93 1.20 -4.69
N ASN U 39 31.62 1.23 -3.39
CA ASN U 39 32.66 1.41 -2.39
C ASN U 39 33.35 0.04 -2.36
N LEU U 40 34.68 0.06 -2.23
CA LEU U 40 35.44 -1.18 -2.23
C LEU U 40 36.36 -1.30 -1.03
N VAL U 41 36.77 -2.55 -0.77
CA VAL U 41 37.72 -2.87 0.30
C VAL U 41 38.83 -3.68 -0.38
N LEU U 42 40.06 -3.18 -0.27
CA LEU U 42 41.19 -3.86 -0.88
C LEU U 42 42.17 -4.37 0.16
N LEU U 43 42.78 -5.52 -0.12
CA LEU U 43 43.74 -6.11 0.78
C LEU U 43 45.08 -6.18 0.05
N ASP U 44 46.15 -5.80 0.75
CA ASP U 44 47.50 -5.80 0.18
C ASP U 44 47.56 -4.74 -0.91
N ALA U 45 46.96 -3.60 -0.61
CA ALA U 45 46.87 -2.47 -1.53
C ALA U 45 48.18 -1.75 -1.81
N GLU U 46 48.55 -1.72 -3.08
CA GLU U 46 49.76 -1.03 -3.50
C GLU U 46 49.31 0.25 -4.20
N GLU U 47 49.48 1.39 -3.54
CA GLU U 47 49.09 2.67 -4.13
C GLU U 47 50.04 2.98 -5.27
N ILE U 48 49.47 3.45 -6.38
CA ILE U 48 50.28 3.73 -7.56
C ILE U 48 50.00 5.09 -8.18
N GLN U 49 51.09 5.77 -8.52
CA GLN U 49 51.03 7.09 -9.16
C GLN U 49 52.16 7.20 -10.18
N ASN U 50 51.82 7.61 -11.39
CA ASN U 50 52.80 7.76 -12.45
C ASN U 50 53.40 6.41 -12.86
N GLY U 51 52.65 5.35 -12.63
CA GLY U 51 53.09 4.02 -13.00
C GLY U 51 54.04 3.34 -12.02
N GLU U 52 54.19 3.92 -10.83
CA GLU U 52 55.08 3.36 -9.83
C GLU U 52 54.38 3.24 -8.48
N VAL U 53 54.70 2.18 -7.73
CA VAL U 53 54.10 1.96 -6.42
C VAL U 53 54.62 3.01 -5.44
N VAL U 54 53.81 4.04 -5.22
CA VAL U 54 54.16 5.13 -4.31
C VAL U 54 54.11 4.68 -2.85
N ARG U 55 53.09 3.90 -2.49
CA ARG U 55 52.97 3.44 -1.12
C ARG U 55 52.46 2.01 -1.05
N LYS U 56 52.28 1.50 0.16
CA LYS U 56 51.83 0.14 0.36
C LYS U 56 51.11 -0.05 1.70
N VAL U 57 49.79 -0.21 1.62
CA VAL U 57 48.98 -0.43 2.81
C VAL U 57 48.41 -1.85 2.71
N GLY U 58 47.87 -2.34 3.80
CA GLY U 58 47.31 -3.69 3.77
C GLY U 58 45.82 -3.69 3.50
N SER U 59 45.16 -2.61 3.90
CA SER U 59 43.73 -2.51 3.71
C SER U 59 43.25 -1.07 3.59
N VAL U 60 42.47 -0.82 2.54
CA VAL U 60 41.91 0.49 2.31
C VAL U 60 40.46 0.34 1.92
N VAL U 61 39.63 1.24 2.46
CA VAL U 61 38.21 1.28 2.15
C VAL U 61 38.12 2.51 1.25
N ILE U 62 37.96 2.25 -0.05
CA ILE U 62 37.87 3.29 -1.05
C ILE U 62 36.42 3.72 -1.30
N ARG U 63 36.17 5.03 -1.31
CA ARG U 63 34.83 5.51 -1.57
C ARG U 63 34.55 5.40 -3.06
N GLY U 64 33.37 4.89 -3.40
CA GLY U 64 33.00 4.73 -4.79
C GLY U 64 32.93 6.05 -5.55
N ASP U 65 32.55 7.12 -4.86
CA ASP U 65 32.43 8.42 -5.49
C ASP U 65 33.70 8.81 -6.26
N THR U 66 34.87 8.30 -5.84
CA THR U 66 36.14 8.63 -6.51
C THR U 66 36.67 7.51 -7.39
N VAL U 67 35.83 6.51 -7.65
CA VAL U 67 36.23 5.39 -8.48
C VAL U 67 35.90 5.64 -9.96
N VAL U 68 36.85 5.33 -10.84
CA VAL U 68 36.61 5.48 -12.25
C VAL U 68 36.31 4.08 -12.81
N PHE U 69 37.09 3.09 -12.39
CA PHE U 69 36.86 1.72 -12.85
C PHE U 69 37.65 0.67 -12.10
N VAL U 70 37.26 -0.59 -12.30
CA VAL U 70 37.91 -1.72 -11.66
C VAL U 70 38.03 -2.84 -12.69
N SER U 71 39.21 -3.45 -12.76
CA SER U 71 39.40 -4.56 -13.69
C SER U 71 40.31 -5.58 -13.03
N PRO U 72 39.85 -6.83 -12.95
CA PRO U 72 40.64 -7.90 -12.35
C PRO U 72 41.98 -8.12 -13.05
N ALA U 73 43.02 -8.37 -12.27
CA ALA U 73 44.37 -8.59 -12.81
C ALA U 73 44.66 -10.05 -13.10
N PRO V 3 -26.08 -2.68 31.38
CA PRO V 3 -24.91 -1.96 31.95
C PRO V 3 -23.91 -2.94 32.55
N ARG V 4 -23.58 -3.98 31.79
CA ARG V 4 -22.64 -4.98 32.23
C ARG V 4 -21.70 -5.37 31.13
N PRO V 5 -20.40 -5.39 31.45
CA PRO V 5 -19.37 -5.73 30.47
C PRO V 5 -19.59 -7.14 29.96
N LEU V 6 -19.85 -8.07 30.89
CA LEU V 6 -20.08 -9.46 30.56
C LEU V 6 -21.16 -9.67 29.51
N ASP V 7 -22.27 -8.94 29.62
CA ASP V 7 -23.38 -9.08 28.67
C ASP V 7 -22.99 -8.81 27.22
N VAL V 8 -21.82 -8.25 27.02
CA VAL V 8 -21.37 -7.98 25.66
C VAL V 8 -20.94 -9.30 25.02
N LEU V 9 -20.37 -10.21 25.83
CA LEU V 9 -19.94 -11.50 25.31
C LEU V 9 -21.12 -12.26 24.73
N ASN V 10 -22.26 -12.14 25.40
CA ASN V 10 -23.49 -12.81 24.98
C ASN V 10 -23.76 -12.53 23.50
N ARG V 11 -23.54 -11.29 23.09
CA ARG V 11 -23.75 -10.87 21.70
C ARG V 11 -22.81 -11.57 20.71
N SER V 12 -21.78 -12.26 21.23
CA SER V 12 -20.82 -12.94 20.36
C SER V 12 -20.83 -14.47 20.51
N LEU V 13 -21.89 -15.00 21.12
CA LEU V 13 -22.01 -16.44 21.28
C LEU V 13 -22.30 -17.07 19.92
N LYS V 14 -21.58 -18.16 19.61
CA LYS V 14 -21.69 -18.88 18.36
C LYS V 14 -21.02 -18.14 17.21
N SER V 15 -20.30 -17.08 17.55
CA SER V 15 -19.58 -16.27 16.57
C SER V 15 -18.12 -16.29 16.95
N PRO V 16 -17.23 -16.06 15.97
CA PRO V 16 -15.79 -16.05 16.23
C PRO V 16 -15.26 -14.84 17.00
N VAL V 17 -14.31 -15.08 17.89
CA VAL V 17 -13.71 -14.03 18.68
C VAL V 17 -12.19 -14.20 18.76
N ILE V 18 -11.55 -13.24 19.43
CA ILE V 18 -10.12 -13.28 19.65
C ILE V 18 -9.97 -13.12 21.14
N VAL V 19 -9.26 -14.04 21.80
CA VAL V 19 -9.03 -13.91 23.22
C VAL V 19 -7.53 -13.78 23.43
N ARG V 20 -7.11 -12.64 23.98
CA ARG V 20 -5.71 -12.42 24.25
C ARG V 20 -5.45 -12.78 25.70
N LEU V 21 -4.47 -13.66 25.91
CA LEU V 21 -4.11 -14.10 27.25
C LEU V 21 -2.93 -13.30 27.77
N LYS V 22 -2.66 -13.37 29.07
CA LYS V 22 -1.51 -12.68 29.65
C LYS V 22 -0.29 -13.44 29.16
N GLY V 23 0.76 -12.72 28.75
CA GLY V 23 1.96 -13.37 28.28
C GLY V 23 2.18 -13.24 26.77
N GLY V 24 1.11 -12.86 26.07
CA GLY V 24 1.19 -12.70 24.63
C GLY V 24 0.33 -13.65 23.82
N ARG V 25 0.28 -14.91 24.24
CA ARG V 25 -0.49 -15.92 23.52
C ARG V 25 -1.88 -15.41 23.22
N GLU V 26 -2.54 -16.10 22.29
CA GLU V 26 -3.85 -15.67 21.84
C GLU V 26 -4.66 -16.89 21.36
N PHE V 27 -5.98 -16.80 21.45
CA PHE V 27 -6.87 -17.85 20.97
C PHE V 27 -7.83 -17.24 19.97
N ARG V 28 -8.09 -17.97 18.88
CA ARG V 28 -9.02 -17.56 17.81
C ARG V 28 -10.01 -18.71 17.64
N GLY V 29 -11.29 -18.45 17.92
CA GLY V 29 -12.28 -19.50 17.79
C GLY V 29 -13.69 -18.99 17.98
N THR V 30 -14.63 -19.91 17.98
CA THR V 30 -16.04 -19.58 18.15
C THR V 30 -16.37 -19.57 19.66
N LEU V 31 -16.95 -18.46 20.11
CA LEU V 31 -17.32 -18.34 21.52
C LEU V 31 -18.54 -19.23 21.77
N ASP V 32 -18.36 -20.15 22.70
CA ASP V 32 -19.40 -21.10 23.05
C ASP V 32 -20.03 -20.84 24.42
N GLY V 33 -19.29 -20.17 25.31
CA GLY V 33 -19.80 -19.89 26.65
C GLY V 33 -18.90 -19.05 27.54
N TYR V 34 -19.43 -18.69 28.71
CA TYR V 34 -18.70 -17.88 29.69
C TYR V 34 -19.47 -17.85 31.00
N ASP V 35 -18.84 -17.37 32.05
CA ASP V 35 -19.49 -17.25 33.36
C ASP V 35 -19.11 -15.95 34.05
N ILE V 36 -19.58 -15.73 35.26
CA ILE V 36 -19.29 -14.50 36.00
C ILE V 36 -17.79 -14.28 36.27
N HIS V 37 -17.03 -15.36 36.28
CA HIS V 37 -15.60 -15.31 36.55
C HIS V 37 -14.80 -15.00 35.30
N MET V 38 -15.50 -14.95 34.17
CA MET V 38 -14.88 -14.65 32.88
C MET V 38 -14.27 -15.92 32.24
N ASN V 39 -14.52 -17.10 32.81
CA ASN V 39 -13.98 -18.29 32.19
C ASN V 39 -14.69 -18.40 30.84
N LEU V 40 -14.01 -18.94 29.83
CA LEU V 40 -14.62 -19.04 28.52
C LEU V 40 -14.42 -20.39 27.85
N VAL V 41 -15.41 -20.79 27.04
CA VAL V 41 -15.31 -22.03 26.27
C VAL V 41 -15.31 -21.61 24.79
N LEU V 42 -14.36 -22.15 24.03
CA LEU V 42 -14.25 -21.86 22.61
C LEU V 42 -14.33 -23.17 21.83
N LEU V 43 -14.90 -23.11 20.63
CA LEU V 43 -15.01 -24.28 19.73
C LEU V 43 -14.10 -23.99 18.52
N ASP V 44 -13.58 -25.07 17.92
CA ASP V 44 -12.70 -24.96 16.74
C ASP V 44 -11.79 -23.75 16.90
N ALA V 45 -10.77 -23.92 17.72
CA ALA V 45 -9.84 -22.85 18.03
C ALA V 45 -8.39 -23.15 17.76
N GLU V 46 -7.66 -22.07 17.48
CA GLU V 46 -6.23 -22.13 17.19
C GLU V 46 -5.55 -21.23 18.19
N GLU V 47 -4.50 -21.77 18.81
CA GLU V 47 -3.71 -21.02 19.76
C GLU V 47 -2.68 -20.30 18.91
N ILE V 48 -2.54 -19.01 19.12
CA ILE V 48 -1.61 -18.24 18.32
C ILE V 48 -0.53 -17.60 19.17
N GLN V 49 0.68 -17.65 18.62
CA GLN V 49 1.88 -17.11 19.25
C GLN V 49 2.78 -16.54 18.12
N ASN V 50 2.87 -15.21 18.06
CA ASN V 50 3.69 -14.53 17.04
C ASN V 50 3.40 -14.88 15.58
N GLY V 51 2.19 -14.54 15.13
CA GLY V 51 1.78 -14.78 13.75
C GLY V 51 1.79 -16.24 13.35
N GLU V 52 2.01 -17.11 14.33
CA GLU V 52 2.07 -18.54 14.06
C GLU V 52 1.08 -19.37 14.88
N VAL V 53 0.46 -20.35 14.23
CA VAL V 53 -0.47 -21.25 14.89
C VAL V 53 0.34 -22.38 15.56
N VAL V 54 0.23 -22.47 16.89
CA VAL V 54 0.95 -23.47 17.69
C VAL V 54 0.14 -24.68 18.20
N ARG V 55 -1.18 -24.60 18.12
CA ARG V 55 -2.08 -25.67 18.56
C ARG V 55 -3.45 -25.50 17.95
N LYS V 56 -4.12 -26.63 17.73
CA LYS V 56 -5.48 -26.67 17.22
C LYS V 56 -6.30 -27.53 18.20
N VAL V 57 -7.50 -27.06 18.55
CA VAL V 57 -8.35 -27.77 19.51
C VAL V 57 -9.83 -27.61 19.15
N GLY V 58 -10.61 -28.69 19.27
CA GLY V 58 -12.02 -28.65 18.95
C GLY V 58 -12.85 -27.84 19.95
N SER V 59 -12.29 -27.69 21.16
CA SER V 59 -12.91 -26.93 22.25
C SER V 59 -11.89 -26.69 23.36
N VAL V 60 -12.05 -25.59 24.09
CA VAL V 60 -11.14 -25.25 25.17
C VAL V 60 -11.78 -24.34 26.21
N VAL V 61 -11.45 -24.58 27.47
CA VAL V 61 -11.96 -23.78 28.57
C VAL V 61 -10.80 -22.91 29.02
N ILE V 62 -11.01 -21.60 28.99
CA ILE V 62 -10.01 -20.61 29.37
C ILE V 62 -10.36 -19.98 30.73
N ARG V 63 -9.40 -19.97 31.66
CA ARG V 63 -9.63 -19.35 32.97
C ARG V 63 -9.73 -17.83 32.82
N GLY V 64 -10.78 -17.25 33.37
CA GLY V 64 -10.96 -15.81 33.25
C GLY V 64 -9.78 -15.00 33.72
N ASP V 65 -9.06 -15.52 34.70
CA ASP V 65 -7.91 -14.83 35.26
C ASP V 65 -6.76 -14.56 34.30
N THR V 66 -6.58 -15.39 33.26
CA THR V 66 -5.47 -15.17 32.32
C THR V 66 -5.86 -14.33 31.10
N VAL V 67 -7.15 -14.03 30.97
CA VAL V 67 -7.68 -13.26 29.84
C VAL V 67 -7.39 -11.76 29.97
N VAL V 68 -6.83 -11.16 28.91
CA VAL V 68 -6.56 -9.71 28.91
C VAL V 68 -7.76 -9.00 28.28
N PHE V 69 -8.28 -9.56 27.19
CA PHE V 69 -9.46 -8.98 26.53
C PHE V 69 -10.09 -9.97 25.55
N VAL V 70 -11.38 -9.76 25.26
CA VAL V 70 -12.09 -10.60 24.31
C VAL V 70 -12.74 -9.66 23.29
N SER V 71 -12.65 -9.99 22.02
CA SER V 71 -13.29 -9.14 21.02
C SER V 71 -13.71 -9.99 19.84
N PRO V 72 -14.78 -9.59 19.13
CA PRO V 72 -15.24 -10.35 17.96
C PRO V 72 -14.15 -10.34 16.91
N ALA V 73 -13.96 -11.45 16.22
CA ALA V 73 -12.94 -11.56 15.18
C ALA V 73 -13.29 -10.76 13.91
N PRO W 3 -14.40 12.87 45.97
CA PRO W 3 -15.08 12.39 44.75
C PRO W 3 -14.71 10.93 44.49
N ARG W 4 -15.53 10.25 43.70
CA ARG W 4 -15.28 8.84 43.42
C ARG W 4 -14.73 8.59 42.04
N PRO W 5 -13.59 7.89 41.96
CA PRO W 5 -12.96 7.57 40.68
C PRO W 5 -13.94 6.96 39.68
N LEU W 6 -14.65 5.91 40.09
CA LEU W 6 -15.61 5.27 39.19
C LEU W 6 -16.63 6.22 38.57
N ASP W 7 -16.83 7.38 39.22
CA ASP W 7 -17.75 8.39 38.73
C ASP W 7 -17.08 9.16 37.60
N VAL W 8 -15.76 9.19 37.58
CA VAL W 8 -15.09 9.88 36.49
C VAL W 8 -15.27 9.02 35.26
N LEU W 9 -15.35 7.70 35.47
CA LEU W 9 -15.57 6.75 34.40
C LEU W 9 -16.98 6.91 33.82
N ASN W 10 -17.98 6.93 34.70
CA ASN W 10 -19.39 7.09 34.28
C ASN W 10 -19.63 8.35 33.45
N ARG W 11 -18.79 9.36 33.62
CA ARG W 11 -18.98 10.57 32.86
C ARG W 11 -18.37 10.44 31.48
N SER W 12 -17.54 9.40 31.31
CA SER W 12 -16.89 9.14 30.03
C SER W 12 -17.67 8.21 29.11
N LEU W 13 -18.79 7.69 29.60
CA LEU W 13 -19.63 6.81 28.82
C LEU W 13 -19.89 7.50 27.47
N LYS W 14 -19.94 6.68 26.40
CA LYS W 14 -20.18 7.14 25.04
C LYS W 14 -19.18 8.16 24.49
N SER W 15 -18.05 8.29 25.19
CA SER W 15 -17.00 9.21 24.78
C SER W 15 -15.70 8.44 24.57
N PRO W 16 -14.82 8.95 23.69
CA PRO W 16 -13.54 8.29 23.40
C PRO W 16 -12.57 8.32 24.57
N VAL W 17 -11.92 7.18 24.81
CA VAL W 17 -10.97 7.10 25.91
C VAL W 17 -9.71 6.36 25.50
N ILE W 18 -8.68 6.49 26.32
CA ILE W 18 -7.41 5.82 26.11
C ILE W 18 -7.29 4.91 27.33
N VAL W 19 -7.03 3.62 27.10
CA VAL W 19 -6.89 2.69 28.20
C VAL W 19 -5.51 2.06 28.18
N ARG W 20 -4.79 2.13 29.28
CA ARG W 20 -3.47 1.52 29.33
C ARG W 20 -3.49 0.24 30.18
N LEU W 21 -2.94 -0.83 29.60
CA LEU W 21 -2.90 -2.13 30.26
C LEU W 21 -1.47 -2.46 30.66
N LYS W 22 -1.31 -3.53 31.44
CA LYS W 22 0.02 -3.97 31.85
C LYS W 22 0.73 -4.49 30.61
N GLY W 23 2.05 -4.35 30.58
CA GLY W 23 2.82 -4.82 29.44
C GLY W 23 2.98 -3.79 28.35
N GLY W 24 2.38 -2.62 28.57
CA GLY W 24 2.45 -1.55 27.59
C GLY W 24 1.31 -1.47 26.59
N ARG W 25 0.57 -2.56 26.40
CA ARG W 25 -0.54 -2.53 25.45
C ARG W 25 -1.53 -1.41 25.77
N GLU W 26 -2.10 -0.83 24.72
CA GLU W 26 -3.01 0.28 24.87
C GLU W 26 -4.22 0.13 23.96
N PHE W 27 -5.35 0.67 24.42
CA PHE W 27 -6.58 0.65 23.66
C PHE W 27 -7.17 2.06 23.52
N ARG W 28 -7.66 2.37 22.32
CA ARG W 28 -8.31 3.65 22.04
C ARG W 28 -9.70 3.28 21.52
N GLY W 29 -10.74 3.87 22.09
CA GLY W 29 -12.09 3.57 21.63
C GLY W 29 -13.13 4.34 22.40
N THR W 30 -14.40 4.13 22.10
CA THR W 30 -15.46 4.81 22.82
C THR W 30 -15.87 3.98 24.05
N LEU W 31 -15.77 4.56 25.24
CA LEU W 31 -16.13 3.82 26.42
C LEU W 31 -17.60 3.51 26.39
N ASP W 32 -17.95 2.23 26.38
CA ASP W 32 -19.36 1.85 26.34
C ASP W 32 -19.86 1.14 27.58
N GLY W 33 -19.04 1.09 28.64
CA GLY W 33 -19.49 0.41 29.84
C GLY W 33 -18.36 -0.06 30.72
N TYR W 34 -18.65 -0.23 32.00
CA TYR W 34 -17.62 -0.67 32.94
C TYR W 34 -18.33 -1.20 34.18
N ASP W 35 -17.59 -1.84 35.08
CA ASP W 35 -18.18 -2.32 36.33
C ASP W 35 -17.22 -1.98 37.46
N ILE W 36 -17.58 -2.39 38.68
CA ILE W 36 -16.79 -2.12 39.89
C ILE W 36 -15.30 -2.48 39.83
N HIS W 37 -14.99 -3.61 39.21
CA HIS W 37 -13.62 -4.10 39.11
C HIS W 37 -12.87 -3.36 38.02
N MET W 38 -13.62 -2.56 37.27
CA MET W 38 -13.07 -1.78 36.16
C MET W 38 -12.90 -2.59 34.88
N ASN W 39 -13.79 -3.56 34.69
CA ASN W 39 -13.81 -4.37 33.48
C ASN W 39 -14.40 -3.34 32.52
N LEU W 40 -13.91 -3.31 31.28
CA LEU W 40 -14.40 -2.33 30.33
C LEU W 40 -14.91 -2.86 29.00
N VAL W 41 -15.78 -2.05 28.41
CA VAL W 41 -16.31 -2.34 27.11
C VAL W 41 -16.03 -1.07 26.28
N LEU W 42 -15.37 -1.23 25.14
CA LEU W 42 -15.09 -0.13 24.23
C LEU W 42 -15.70 -0.49 22.89
N LEU W 43 -16.24 0.51 22.19
CA LEU W 43 -16.77 0.29 20.84
C LEU W 43 -15.81 1.01 19.91
N ASP W 44 -15.81 0.62 18.63
CA ASP W 44 -14.91 1.20 17.62
C ASP W 44 -13.56 1.50 18.26
N ALA W 45 -12.82 0.44 18.55
CA ALA W 45 -11.53 0.56 19.21
C ALA W 45 -10.37 0.02 18.40
N GLU W 46 -9.18 0.41 18.82
CA GLU W 46 -7.94 -0.01 18.21
C GLU W 46 -6.99 -0.46 19.31
N GLU W 47 -6.33 -1.59 19.09
CA GLU W 47 -5.38 -2.15 20.02
C GLU W 47 -4.01 -1.62 19.58
N ILE W 48 -3.20 -1.17 20.53
CA ILE W 48 -1.90 -0.60 20.19
C ILE W 48 -0.78 -1.20 21.00
N GLN W 49 0.26 -1.67 20.32
CA GLN W 49 1.38 -2.28 21.00
C GLN W 49 2.68 -1.76 20.41
N ASN W 50 3.61 -1.37 21.27
CA ASN W 50 4.92 -0.88 20.83
C ASN W 50 4.88 0.17 19.73
N GLY W 51 3.87 1.03 19.76
CA GLY W 51 3.78 2.08 18.75
C GLY W 51 3.06 1.78 17.45
N GLU W 52 2.51 0.58 17.29
CA GLU W 52 1.79 0.26 16.06
C GLU W 52 0.39 -0.30 16.34
N VAL W 53 -0.57 0.05 15.50
CA VAL W 53 -1.94 -0.41 15.68
C VAL W 53 -2.09 -1.87 15.27
N VAL W 54 -2.12 -2.75 16.26
CA VAL W 54 -2.23 -4.19 16.06
C VAL W 54 -3.51 -4.63 15.36
N ARG W 55 -4.61 -4.02 15.76
CA ARG W 55 -5.90 -4.40 15.23
C ARG W 55 -6.91 -3.28 15.45
N LYS W 56 -8.05 -3.45 14.80
CA LYS W 56 -9.17 -2.54 14.92
C LYS W 56 -10.35 -3.49 15.16
N VAL W 57 -11.05 -3.28 16.27
CA VAL W 57 -12.18 -4.15 16.63
C VAL W 57 -13.47 -3.37 16.87
N GLY W 58 -14.60 -3.98 16.48
CA GLY W 58 -15.91 -3.35 16.64
C GLY W 58 -16.30 -3.20 18.08
N SER W 59 -15.71 -4.04 18.93
CA SER W 59 -15.97 -4.00 20.35
C SER W 59 -14.90 -4.80 21.05
N VAL W 60 -14.75 -4.56 22.33
CA VAL W 60 -13.78 -5.29 23.10
C VAL W 60 -14.11 -5.17 24.57
N VAL W 61 -14.03 -6.31 25.25
CA VAL W 61 -14.24 -6.36 26.68
C VAL W 61 -12.84 -6.52 27.23
N ILE W 62 -12.50 -5.66 28.17
CA ILE W 62 -11.18 -5.66 28.79
C ILE W 62 -11.26 -6.00 30.28
N ARG W 63 -10.48 -6.98 30.70
CA ARG W 63 -10.47 -7.37 32.11
C ARG W 63 -9.84 -6.26 32.94
N GLY W 64 -10.65 -5.68 33.83
CA GLY W 64 -10.19 -4.62 34.70
C GLY W 64 -8.91 -4.92 35.43
N ASP W 65 -8.64 -6.19 35.67
CA ASP W 65 -7.42 -6.61 36.34
C ASP W 65 -6.13 -6.25 35.58
N THR W 66 -6.25 -5.98 34.28
CA THR W 66 -5.10 -5.63 33.46
C THR W 66 -4.98 -4.14 33.20
N VAL W 67 -5.96 -3.36 33.65
CA VAL W 67 -5.94 -1.92 33.42
C VAL W 67 -5.02 -1.16 34.37
N VAL W 68 -4.30 -0.20 33.82
CA VAL W 68 -3.40 0.63 34.63
C VAL W 68 -4.12 1.95 34.85
N PHE W 69 -4.61 2.54 33.76
CA PHE W 69 -5.36 3.80 33.82
C PHE W 69 -6.31 4.00 32.65
N VAL W 70 -7.25 4.93 32.82
CA VAL W 70 -8.21 5.23 31.75
C VAL W 70 -8.31 6.74 31.65
N SER W 71 -8.10 7.27 30.46
CA SER W 71 -8.13 8.70 30.28
C SER W 71 -8.99 9.09 29.08
N PRO W 72 -9.82 10.14 29.21
CA PRO W 72 -10.67 10.59 28.11
C PRO W 72 -9.82 11.19 27.00
N ALA W 73 -10.18 10.92 25.75
CA ALA W 73 -9.43 11.42 24.60
C ALA W 73 -9.41 12.95 24.48
N PRO X 3 -3.72 9.74 62.37
CA PRO X 3 -4.27 9.72 60.99
C PRO X 3 -3.79 8.49 60.23
N ARG X 4 -4.65 7.99 59.34
CA ARG X 4 -4.34 6.81 58.53
C ARG X 4 -4.19 7.16 57.04
N PRO X 5 -3.71 6.20 56.22
CA PRO X 5 -3.51 6.37 54.77
C PRO X 5 -4.53 7.23 54.02
N LEU X 6 -5.78 6.78 53.97
CA LEU X 6 -6.81 7.53 53.24
C LEU X 6 -7.04 8.95 53.73
N ASP X 7 -6.72 9.23 54.99
CA ASP X 7 -6.89 10.57 55.56
C ASP X 7 -5.93 11.54 54.90
N VAL X 8 -4.71 11.07 54.67
CA VAL X 8 -3.68 11.87 54.04
C VAL X 8 -4.06 12.17 52.57
N LEU X 9 -4.65 11.20 51.88
CA LEU X 9 -5.07 11.41 50.49
C LEU X 9 -6.15 12.50 50.48
N ASN X 10 -7.02 12.48 51.49
CA ASN X 10 -8.11 13.45 51.60
C ASN X 10 -7.58 14.86 51.87
N ARG X 11 -6.53 14.95 52.66
CA ARG X 11 -5.94 16.25 52.97
C ARG X 11 -5.09 16.71 51.79
N SER X 12 -5.20 16.01 50.66
CA SER X 12 -4.43 16.34 49.48
C SER X 12 -5.30 16.70 48.27
N LEU X 13 -6.61 16.49 48.40
CA LEU X 13 -7.52 16.78 47.30
C LEU X 13 -7.33 18.22 46.83
N LYS X 14 -7.53 18.44 45.53
CA LYS X 14 -7.38 19.74 44.90
C LYS X 14 -5.92 20.21 44.91
N SER X 15 -5.03 19.35 45.40
CA SER X 15 -3.61 19.69 45.45
C SER X 15 -2.79 18.78 44.55
N PRO X 16 -1.55 19.19 44.24
CA PRO X 16 -0.72 18.35 43.38
C PRO X 16 -0.07 17.21 44.15
N VAL X 17 0.22 16.11 43.45
CA VAL X 17 0.85 14.94 44.07
C VAL X 17 1.68 14.19 43.04
N ILE X 18 2.36 13.15 43.51
CA ILE X 18 3.19 12.31 42.65
C ILE X 18 2.85 10.84 42.86
N VAL X 19 2.34 10.19 41.82
CA VAL X 19 1.99 8.78 41.91
C VAL X 19 2.99 7.88 41.17
N ARG X 20 3.70 7.03 41.90
CA ARG X 20 4.62 6.12 41.23
C ARG X 20 3.85 4.81 41.02
N LEU X 21 3.84 4.33 39.78
CA LEU X 21 3.14 3.09 39.43
C LEU X 21 4.11 1.92 39.28
N LYS X 22 3.59 0.71 39.33
CA LYS X 22 4.43 -0.49 39.16
C LYS X 22 4.89 -0.51 37.71
N GLY X 23 6.21 -0.62 37.51
CA GLY X 23 6.75 -0.63 36.17
C GLY X 23 7.68 0.54 35.92
N GLY X 24 7.65 1.51 36.83
CA GLY X 24 8.50 2.67 36.69
C GLY X 24 7.75 3.95 36.33
N ARG X 25 6.64 3.82 35.60
CA ARG X 25 5.86 5.00 35.20
C ARG X 25 5.47 5.83 36.41
N GLU X 26 5.26 7.11 36.17
CA GLU X 26 4.92 8.04 37.22
C GLU X 26 3.92 9.05 36.66
N PHE X 27 3.03 9.54 37.51
CA PHE X 27 2.08 10.55 37.10
C PHE X 27 2.25 11.71 38.05
N ARG X 28 1.89 12.90 37.57
CA ARG X 28 1.97 14.14 38.35
C ARG X 28 0.79 14.98 37.92
N GLY X 29 0.00 15.43 38.88
CA GLY X 29 -1.16 16.24 38.56
C GLY X 29 -1.91 16.50 39.83
N THR X 30 -3.06 17.15 39.71
CA THR X 30 -3.87 17.48 40.87
C THR X 30 -4.76 16.31 41.28
N LEU X 31 -4.66 15.90 42.55
CA LEU X 31 -5.48 14.81 43.09
C LEU X 31 -6.93 15.27 43.13
N ASP X 32 -7.80 14.65 42.35
CA ASP X 32 -9.22 15.05 42.32
C ASP X 32 -10.14 14.06 43.02
N GLY X 33 -9.65 12.82 43.19
CA GLY X 33 -10.44 11.82 43.87
C GLY X 33 -9.63 10.58 44.21
N TYR X 34 -10.24 9.72 45.00
CA TYR X 34 -9.63 8.47 45.42
C TYR X 34 -10.73 7.72 46.14
N ASP X 35 -10.57 6.42 46.28
CA ASP X 35 -11.53 5.60 47.00
C ASP X 35 -10.71 4.68 47.86
N ILE X 36 -11.39 3.82 48.63
CA ILE X 36 -10.72 2.89 49.55
C ILE X 36 -9.88 1.78 48.92
N HIS X 37 -9.89 1.69 47.59
CA HIS X 37 -9.10 0.69 46.88
C HIS X 37 -7.83 1.36 46.41
N MET X 38 -7.80 2.67 46.61
CA MET X 38 -6.70 3.55 46.25
C MET X 38 -6.74 3.85 44.75
N ASN X 39 -7.93 3.82 44.18
CA ASN X 39 -8.09 4.19 42.79
C ASN X 39 -7.97 5.70 42.91
N LEU X 40 -7.44 6.34 41.88
CA LEU X 40 -7.24 7.76 41.98
C LEU X 40 -7.73 8.49 40.75
N VAL X 41 -7.88 9.80 40.90
CA VAL X 41 -8.31 10.64 39.80
C VAL X 41 -7.41 11.85 39.87
N LEU X 42 -6.65 12.07 38.80
CA LEU X 42 -5.77 13.22 38.74
C LEU X 42 -6.28 14.12 37.65
N LEU X 43 -6.11 15.42 37.86
CA LEU X 43 -6.51 16.42 36.87
C LEU X 43 -5.24 17.10 36.42
N ASP X 44 -5.17 17.45 35.14
CA ASP X 44 -4.01 18.09 34.53
C ASP X 44 -2.74 17.35 34.91
N ALA X 45 -2.73 16.07 34.58
CA ALA X 45 -1.62 15.23 34.90
C ALA X 45 -0.70 15.03 33.71
N GLU X 46 0.52 14.58 33.99
CA GLU X 46 1.49 14.30 32.97
C GLU X 46 2.04 12.92 33.29
N GLU X 47 2.16 12.09 32.27
CA GLU X 47 2.70 10.75 32.48
C GLU X 47 4.20 10.91 32.25
N ILE X 48 5.01 10.58 33.26
CA ILE X 48 6.45 10.70 33.14
C ILE X 48 7.07 9.31 32.97
N GLN X 49 8.05 9.21 32.09
CA GLN X 49 8.69 7.94 31.86
C GLN X 49 10.16 8.22 31.56
N ASN X 50 11.00 7.96 32.54
CA ASN X 50 12.44 8.17 32.39
C ASN X 50 12.81 9.63 32.12
N GLY X 51 12.23 10.55 32.88
CA GLY X 51 12.53 11.96 32.72
C GLY X 51 11.78 12.67 31.60
N GLU X 52 10.90 11.95 30.93
CA GLU X 52 10.11 12.54 29.83
C GLU X 52 8.61 12.48 30.06
N VAL X 53 7.90 13.45 29.49
CA VAL X 53 6.45 13.51 29.60
C VAL X 53 5.84 12.89 28.34
N VAL X 54 5.58 11.59 28.41
CA VAL X 54 5.02 10.86 27.28
C VAL X 54 3.56 11.20 26.96
N ARG X 55 2.95 12.02 27.81
CA ARG X 55 1.56 12.42 27.61
C ARG X 55 1.02 13.43 28.63
N LYS X 56 0.12 14.29 28.14
CA LYS X 56 -0.55 15.29 28.96
C LYS X 56 -2.05 15.03 28.82
N VAL X 57 -2.73 14.91 29.95
CA VAL X 57 -4.17 14.65 29.95
C VAL X 57 -4.89 15.51 30.99
N GLY X 58 -6.11 15.92 30.65
CA GLY X 58 -6.91 16.73 31.55
C GLY X 58 -7.39 15.99 32.79
N SER X 59 -7.48 14.67 32.67
CA SER X 59 -7.89 13.81 33.76
C SER X 59 -7.55 12.36 33.41
N VAL X 60 -7.37 11.55 34.45
CA VAL X 60 -7.05 10.13 34.37
C VAL X 60 -7.53 9.39 35.62
N VAL X 61 -8.00 8.17 35.43
CA VAL X 61 -8.43 7.33 36.54
C VAL X 61 -7.38 6.23 36.62
N ILE X 62 -6.67 6.17 37.74
CA ILE X 62 -5.63 5.17 37.95
C ILE X 62 -6.09 4.06 38.90
N ARG X 63 -5.88 2.81 38.50
CA ARG X 63 -6.27 1.66 39.30
C ARG X 63 -5.36 1.45 40.48
N GLY X 64 -5.94 1.43 41.68
CA GLY X 64 -5.17 1.21 42.90
C GLY X 64 -4.17 0.07 42.79
N ASP X 65 -4.62 -1.03 42.19
CA ASP X 65 -3.79 -2.21 41.99
C ASP X 65 -2.40 -1.84 41.47
N THR X 66 -2.37 -0.82 40.60
CA THR X 66 -1.13 -0.36 39.96
C THR X 66 -0.29 0.61 40.80
N VAL X 67 -0.90 1.22 41.81
CA VAL X 67 -0.20 2.19 42.64
C VAL X 67 0.87 1.66 43.59
N VAL X 68 2.03 2.30 43.57
CA VAL X 68 3.15 1.93 44.43
C VAL X 68 3.11 2.80 45.67
N PHE X 69 3.04 4.10 45.46
CA PHE X 69 2.97 5.07 46.55
C PHE X 69 2.53 6.44 46.02
N VAL X 70 2.01 7.27 46.92
CA VAL X 70 1.59 8.60 46.53
C VAL X 70 2.15 9.62 47.51
N SER X 71 2.72 10.70 47.00
CA SER X 71 3.27 11.72 47.87
C SER X 71 2.83 13.11 47.45
N PRO X 72 2.33 13.91 48.42
CA PRO X 72 1.87 15.28 48.16
C PRO X 72 3.08 16.11 47.77
N ALA X 73 3.02 16.73 46.61
CA ALA X 73 4.14 17.53 46.12
C ALA X 73 3.70 18.71 45.26
N PRO Y 3 -0.19 -12.69 69.85
CA PRO Y 3 -0.10 -11.27 69.46
C PRO Y 3 -0.44 -11.09 67.99
N ARG Y 4 -0.64 -9.85 67.57
CA ARG Y 4 -0.96 -9.57 66.17
C ARG Y 4 -0.13 -8.44 65.55
N PRO Y 5 0.37 -8.66 64.31
CA PRO Y 5 1.20 -7.75 63.51
C PRO Y 5 0.82 -6.28 63.50
N LEU Y 6 -0.47 -5.99 63.36
CA LEU Y 6 -0.93 -4.62 63.33
C LEU Y 6 -0.59 -3.83 64.60
N ASP Y 7 -0.54 -4.53 65.73
CA ASP Y 7 -0.22 -3.88 66.99
C ASP Y 7 1.23 -3.44 67.08
N VAL Y 8 2.11 -4.17 66.41
CA VAL Y 8 3.52 -3.79 66.42
C VAL Y 8 3.66 -2.57 65.52
N LEU Y 9 2.68 -2.38 64.64
CA LEU Y 9 2.68 -1.22 63.74
C LEU Y 9 2.24 -0.01 64.55
N ASN Y 10 1.28 -0.23 65.44
CA ASN Y 10 0.78 0.84 66.29
C ASN Y 10 1.86 1.16 67.32
N ARG Y 11 2.61 0.12 67.68
CA ARG Y 11 3.69 0.23 68.65
C ARG Y 11 4.91 0.91 68.03
N SER Y 12 4.73 1.55 66.88
CA SER Y 12 5.84 2.22 66.22
C SER Y 12 5.46 3.59 65.64
N LEU Y 13 4.24 4.03 65.94
CA LEU Y 13 3.77 5.33 65.47
C LEU Y 13 4.69 6.42 66.00
N LYS Y 14 5.04 7.36 65.12
CA LYS Y 14 5.91 8.48 65.46
C LYS Y 14 7.34 8.03 65.75
N SER Y 15 7.71 6.89 65.18
CA SER Y 15 9.06 6.34 65.33
C SER Y 15 9.66 6.05 63.96
N PRO Y 16 10.99 5.90 63.89
CA PRO Y 16 11.62 5.62 62.61
C PRO Y 16 11.44 4.16 62.19
N VAL Y 17 11.15 3.95 60.90
CA VAL Y 17 10.98 2.60 60.38
C VAL Y 17 11.59 2.41 59.00
N ILE Y 18 11.97 1.16 58.73
CA ILE Y 18 12.54 0.78 57.45
C ILE Y 18 11.49 -0.07 56.76
N VAL Y 19 11.13 0.33 55.54
CA VAL Y 19 10.12 -0.39 54.75
C VAL Y 19 10.71 -0.82 53.42
N ARG Y 20 10.57 -2.10 53.10
CA ARG Y 20 11.09 -2.61 51.83
C ARG Y 20 9.94 -3.01 50.91
N LEU Y 21 9.91 -2.40 49.72
CA LEU Y 21 8.87 -2.68 48.74
C LEU Y 21 9.34 -3.75 47.79
N LYS Y 22 8.47 -4.15 46.87
CA LYS Y 22 8.85 -5.15 45.89
C LYS Y 22 9.73 -4.50 44.83
N GLY Y 23 10.76 -5.23 44.40
CA GLY Y 23 11.68 -4.71 43.40
C GLY Y 23 12.98 -4.27 44.05
N GLY Y 24 13.04 -4.41 45.38
CA GLY Y 24 14.22 -4.02 46.12
C GLY Y 24 14.11 -2.65 46.77
N ARG Y 25 13.40 -1.75 46.10
CA ARG Y 25 13.22 -0.39 46.59
C ARG Y 25 12.98 -0.39 48.10
N GLU Y 26 13.49 0.64 48.77
CA GLU Y 26 13.37 0.74 50.22
C GLU Y 26 13.01 2.16 50.64
N PHE Y 27 12.34 2.29 51.78
CA PHE Y 27 11.94 3.60 52.28
C PHE Y 27 12.30 3.75 53.75
N ARG Y 28 12.63 4.98 54.14
CA ARG Y 28 12.96 5.29 55.53
C ARG Y 28 12.20 6.53 55.96
N GLY Y 29 11.55 6.45 57.11
CA GLY Y 29 10.79 7.59 57.58
C GLY Y 29 10.10 7.29 58.90
N THR Y 30 9.33 8.26 59.36
CA THR Y 30 8.60 8.15 60.62
C THR Y 30 7.17 7.64 60.40
N LEU Y 31 6.88 6.46 60.93
CA LEU Y 31 5.55 5.88 60.81
C LEU Y 31 4.48 6.77 61.44
N ASP Y 32 3.72 7.46 60.59
CA ASP Y 32 2.68 8.38 61.03
C ASP Y 32 1.28 7.83 60.78
N GLY Y 33 1.20 6.61 60.24
CA GLY Y 33 -0.11 6.03 59.97
C GLY Y 33 -0.09 4.69 59.25
N TYR Y 34 -1.20 3.97 59.37
CA TYR Y 34 -1.34 2.66 58.73
C TYR Y 34 -2.81 2.27 58.79
N ASP Y 35 -3.19 1.25 58.02
CA ASP Y 35 -4.57 0.78 58.03
C ASP Y 35 -4.60 -0.71 57.84
N ILE Y 36 -5.81 -1.28 57.87
CA ILE Y 36 -6.03 -2.72 57.72
C ILE Y 36 -5.20 -3.39 56.62
N HIS Y 37 -5.22 -2.78 55.43
CA HIS Y 37 -4.49 -3.28 54.26
C HIS Y 37 -2.97 -3.20 54.41
N MET Y 38 -2.52 -2.45 55.42
CA MET Y 38 -1.09 -2.25 55.67
C MET Y 38 -0.56 -1.11 54.81
N ASN Y 39 -1.44 -0.20 54.41
CA ASN Y 39 -1.02 0.97 53.66
C ASN Y 39 -0.27 1.72 54.72
N LEU Y 40 0.77 2.43 54.32
CA LEU Y 40 1.57 3.18 55.29
C LEU Y 40 1.68 4.65 54.93
N VAL Y 41 1.95 5.45 55.95
CA VAL Y 41 2.14 6.87 55.77
C VAL Y 41 3.44 7.18 56.50
N LEU Y 42 4.46 7.58 55.76
CA LEU Y 42 5.74 7.93 56.35
C LEU Y 42 5.94 9.43 56.24
N LEU Y 43 6.48 10.03 57.29
CA LEU Y 43 6.74 11.45 57.31
C LEU Y 43 8.24 11.67 57.32
N ASP Y 44 8.69 12.69 56.60
CA ASP Y 44 10.12 13.00 56.54
C ASP Y 44 10.83 11.71 56.13
N ALA Y 45 10.38 11.14 55.03
CA ALA Y 45 10.94 9.90 54.52
C ALA Y 45 11.90 10.14 53.37
N GLU Y 46 12.76 9.15 53.12
CA GLU Y 46 13.74 9.19 52.05
C GLU Y 46 13.69 7.86 51.32
N GLU Y 47 13.61 7.92 50.00
CA GLU Y 47 13.53 6.71 49.17
C GLU Y 47 14.92 6.20 48.81
N ILE Y 48 15.18 4.93 49.11
CA ILE Y 48 16.46 4.30 48.80
C ILE Y 48 16.31 3.20 47.74
N GLN Y 49 17.32 3.06 46.88
CA GLN Y 49 17.31 2.02 45.84
C GLN Y 49 18.73 1.51 45.66
N ASN Y 50 18.99 0.32 46.20
CA ASN Y 50 20.30 -0.32 46.14
C ASN Y 50 21.35 0.46 46.91
N GLY Y 51 21.37 0.27 48.23
CA GLY Y 51 22.36 0.94 49.05
C GLY Y 51 22.07 2.36 49.50
N GLU Y 52 21.94 3.28 48.55
CA GLU Y 52 21.70 4.67 48.91
C GLU Y 52 20.45 5.35 48.31
N VAL Y 53 20.22 6.58 48.76
CA VAL Y 53 19.10 7.43 48.36
C VAL Y 53 18.84 7.52 46.86
N VAL Y 54 17.61 7.88 46.51
CA VAL Y 54 17.17 8.06 45.13
C VAL Y 54 16.33 9.33 45.08
N ARG Y 55 15.78 9.70 46.23
CA ARG Y 55 14.97 10.91 46.35
C ARG Y 55 14.64 11.11 47.82
N LYS Y 56 13.93 12.19 48.11
CA LYS Y 56 13.53 12.49 49.48
C LYS Y 56 12.29 13.37 49.51
N VAL Y 57 11.12 12.73 49.54
CA VAL Y 57 9.85 13.43 49.60
C VAL Y 57 9.35 13.49 51.04
N GLY Y 58 8.46 14.44 51.32
CA GLY Y 58 7.94 14.56 52.67
C GLY Y 58 7.14 13.34 53.07
N SER Y 59 5.82 13.49 53.05
CA SER Y 59 4.93 12.40 53.41
C SER Y 59 4.81 11.44 52.23
N VAL Y 60 4.58 10.16 52.53
CA VAL Y 60 4.48 9.14 51.51
C VAL Y 60 3.48 8.03 51.84
N VAL Y 61 2.33 8.02 51.17
CA VAL Y 61 1.37 6.95 51.41
C VAL Y 61 1.79 5.79 50.52
N ILE Y 62 2.15 4.66 51.12
CA ILE Y 62 2.58 3.49 50.37
C ILE Y 62 1.50 2.40 50.43
N ARG Y 63 1.18 1.79 49.28
CA ARG Y 63 0.19 0.71 49.23
C ARG Y 63 0.74 -0.53 49.94
N GLY Y 64 -0.06 -1.14 50.80
CA GLY Y 64 0.41 -2.34 51.49
C GLY Y 64 0.87 -3.41 50.51
N ASP Y 65 0.12 -3.52 49.42
CA ASP Y 65 0.40 -4.49 48.37
C ASP Y 65 1.89 -4.63 48.00
N THR Y 66 2.59 -3.50 47.91
CA THR Y 66 4.02 -3.50 47.55
C THR Y 66 5.00 -3.68 48.71
N VAL Y 67 4.50 -3.60 49.95
CA VAL Y 67 5.36 -3.73 51.11
C VAL Y 67 5.77 -5.20 51.34
N VAL Y 68 7.06 -5.42 51.54
CA VAL Y 68 7.56 -6.76 51.79
C VAL Y 68 7.63 -6.96 53.32
N PHE Y 69 7.95 -5.89 54.03
CA PHE Y 69 8.04 -5.92 55.49
C PHE Y 69 8.38 -4.54 56.03
N VAL Y 70 8.19 -4.36 57.35
CA VAL Y 70 8.49 -3.10 58.02
C VAL Y 70 9.27 -3.42 59.31
N SER Y 71 10.17 -2.53 59.70
CA SER Y 71 10.96 -2.75 60.92
C SER Y 71 11.46 -1.43 61.51
N PRO Y 72 11.53 -1.36 62.85
CA PRO Y 72 12.00 -0.13 63.49
C PRO Y 72 13.49 0.04 63.23
N ALA Y 73 13.93 1.28 63.14
CA ALA Y 73 15.33 1.58 62.88
C ALA Y 73 16.12 1.75 64.19
N PRO Z 3 -5.82 -30.77 60.51
CA PRO Z 3 -4.98 -29.72 61.13
C PRO Z 3 -4.81 -28.50 60.23
N ARG Z 4 -5.34 -27.37 60.66
CA ARG Z 4 -5.24 -26.15 59.89
C ARG Z 4 -3.79 -25.68 59.91
N PRO Z 5 -3.25 -25.36 58.72
CA PRO Z 5 -1.87 -24.88 58.58
C PRO Z 5 -1.62 -23.61 59.40
N LEU Z 6 -2.71 -22.92 59.74
CA LEU Z 6 -2.64 -21.68 60.51
C LEU Z 6 -2.44 -22.00 62.00
N ASP Z 7 -2.98 -23.13 62.44
CA ASP Z 7 -2.84 -23.55 63.83
C ASP Z 7 -1.41 -24.01 64.04
N VAL Z 8 -0.88 -24.66 63.02
CA VAL Z 8 0.50 -25.16 63.05
C VAL Z 8 1.47 -24.00 63.18
N LEU Z 9 1.06 -22.83 62.68
CA LEU Z 9 1.88 -21.63 62.76
C LEU Z 9 1.78 -21.05 64.18
N ASN Z 10 0.65 -21.30 64.82
CA ASN Z 10 0.39 -20.81 66.17
C ASN Z 10 1.29 -21.45 67.21
N ARG Z 11 1.27 -22.78 67.26
CA ARG Z 11 2.08 -23.54 68.21
C ARG Z 11 3.59 -23.38 68.00
N SER Z 12 3.98 -22.30 67.32
CA SER Z 12 5.38 -21.99 67.04
C SER Z 12 5.74 -20.58 67.54
N LEU Z 13 4.90 -20.03 68.41
CA LEU Z 13 5.17 -18.71 68.97
C LEU Z 13 6.24 -18.84 70.04
N LYS Z 14 7.14 -17.85 70.08
CA LYS Z 14 8.24 -17.84 71.05
C LYS Z 14 9.23 -18.97 70.74
N SER Z 15 9.23 -19.41 69.48
CA SER Z 15 10.12 -20.46 69.01
C SER Z 15 10.92 -19.95 67.81
N PRO Z 16 12.00 -20.67 67.44
CA PRO Z 16 12.84 -20.28 66.30
C PRO Z 16 12.22 -20.73 64.98
N VAL Z 17 11.89 -19.77 64.12
CA VAL Z 17 11.29 -20.09 62.83
C VAL Z 17 12.10 -19.55 61.67
N ILE Z 18 11.95 -20.18 60.51
CA ILE Z 18 12.63 -19.76 59.29
C ILE Z 18 11.56 -19.32 58.31
N VAL Z 19 11.70 -18.09 57.79
CA VAL Z 19 10.73 -17.56 56.86
C VAL Z 19 11.31 -17.25 55.49
N ARG Z 20 10.96 -18.06 54.50
CA ARG Z 20 11.42 -17.86 53.13
C ARG Z 20 10.47 -16.93 52.38
N LEU Z 21 10.98 -15.77 51.95
CA LEU Z 21 10.18 -14.80 51.22
C LEU Z 21 10.36 -15.00 49.72
N LYS Z 22 9.26 -14.98 48.97
CA LYS Z 22 9.35 -15.17 47.52
C LYS Z 22 10.35 -14.16 46.96
N GLY Z 23 11.36 -14.68 46.26
CA GLY Z 23 12.37 -13.82 45.69
C GLY Z 23 13.73 -14.12 46.30
N GLY Z 24 13.87 -15.33 46.83
CA GLY Z 24 15.11 -15.73 47.44
C GLY Z 24 15.28 -15.27 48.87
N ARG Z 25 15.39 -13.96 49.09
CA ARG Z 25 15.59 -13.41 50.42
C ARG Z 25 14.92 -14.25 51.51
N GLU Z 26 15.64 -14.44 52.60
CA GLU Z 26 15.15 -15.27 53.70
C GLU Z 26 15.24 -14.54 55.04
N PHE Z 27 14.48 -15.03 56.03
CA PHE Z 27 14.47 -14.47 57.37
C PHE Z 27 14.52 -15.57 58.42
N ARG Z 28 15.22 -15.29 59.51
CA ARG Z 28 15.38 -16.24 60.61
C ARG Z 28 15.19 -15.50 61.93
N GLY Z 29 14.22 -15.94 62.72
CA GLY Z 29 13.97 -15.28 63.99
C GLY Z 29 12.95 -15.96 64.88
N THR Z 30 12.44 -15.19 65.83
CA THR Z 30 11.46 -15.68 66.80
C THR Z 30 10.06 -15.21 66.41
N LEU Z 31 9.12 -16.15 66.34
CA LEU Z 31 7.75 -15.83 66.00
C LEU Z 31 7.05 -15.23 67.21
N ASP Z 32 6.70 -13.95 67.11
CA ASP Z 32 6.03 -13.27 68.20
C ASP Z 32 4.52 -13.23 68.00
N GLY Z 33 4.11 -13.17 66.73
CA GLY Z 33 2.69 -13.13 66.42
C GLY Z 33 2.45 -13.30 64.93
N TYR Z 34 1.17 -13.29 64.53
CA TYR Z 34 0.80 -13.45 63.12
C TYR Z 34 -0.71 -13.24 62.99
N ASP Z 35 -1.18 -13.14 61.75
CA ASP Z 35 -2.62 -12.99 61.50
C ASP Z 35 -3.10 -14.00 60.47
N ILE Z 36 -4.39 -13.93 60.15
CA ILE Z 36 -5.06 -14.83 59.20
C ILE Z 36 -4.49 -14.79 57.79
N HIS Z 37 -4.00 -13.62 57.39
CA HIS Z 37 -3.43 -13.43 56.05
C HIS Z 37 -1.96 -13.81 56.08
N MET Z 38 -1.54 -14.36 57.21
CA MET Z 38 -0.17 -14.81 57.45
C MET Z 38 0.89 -13.71 57.57
N ASN Z 39 0.49 -12.50 57.93
CA ASN Z 39 1.49 -11.45 58.13
C ASN Z 39 2.24 -11.98 59.34
N LEU Z 40 3.51 -11.59 59.49
CA LEU Z 40 4.30 -12.11 60.58
C LEU Z 40 5.03 -11.06 61.35
N VAL Z 41 5.45 -11.45 62.55
CA VAL Z 41 6.20 -10.57 63.43
C VAL Z 41 7.32 -11.40 64.02
N LEU Z 42 8.54 -11.14 63.58
CA LEU Z 42 9.70 -11.87 64.09
C LEU Z 42 10.54 -10.92 64.93
N LEU Z 43 11.21 -11.46 65.93
CA LEU Z 43 12.09 -10.63 66.78
C LEU Z 43 13.48 -11.22 66.76
N ASP Z 44 14.48 -10.36 66.99
CA ASP Z 44 15.87 -10.78 66.98
C ASP Z 44 16.10 -11.58 65.70
N ALA Z 45 15.57 -11.04 64.60
CA ALA Z 45 15.67 -11.70 63.31
C ALA Z 45 16.85 -11.24 62.47
N GLU Z 46 17.31 -12.14 61.60
CA GLU Z 46 18.44 -11.88 60.72
C GLU Z 46 18.04 -12.04 59.25
N GLU Z 47 18.34 -11.02 58.44
CA GLU Z 47 18.04 -11.03 57.02
C GLU Z 47 19.07 -11.94 56.35
N ILE Z 48 18.68 -12.59 55.25
CA ILE Z 48 19.59 -13.49 54.56
C ILE Z 48 19.41 -13.51 53.04
N GLN Z 49 20.45 -13.06 52.33
CA GLN Z 49 20.43 -13.03 50.87
C GLN Z 49 21.57 -13.87 50.31
N ASN Z 50 21.29 -14.56 49.20
CA ASN Z 50 22.30 -15.38 48.54
C ASN Z 50 22.84 -16.52 49.40
N GLY Z 51 22.58 -16.48 50.70
CA GLY Z 51 23.06 -17.53 51.58
C GLY Z 51 23.65 -17.05 52.88
N GLU Z 52 23.81 -15.73 53.03
CA GLU Z 52 24.38 -15.16 54.25
C GLU Z 52 23.62 -13.90 54.67
N VAL Z 53 23.84 -13.49 55.92
CA VAL Z 53 23.19 -12.32 56.49
C VAL Z 53 23.52 -10.99 55.81
N VAL Z 54 22.51 -10.12 55.74
CA VAL Z 54 22.64 -8.79 55.16
C VAL Z 54 22.62 -7.78 56.30
N ARG Z 55 21.75 -8.04 57.27
CA ARG Z 55 21.61 -7.19 58.44
C ARG Z 55 20.65 -7.82 59.43
N LYS Z 56 20.76 -7.43 60.70
CA LYS Z 56 19.90 -7.95 61.75
C LYS Z 56 18.98 -6.84 62.23
N VAL Z 57 17.84 -7.22 62.80
CA VAL Z 57 16.87 -6.26 63.31
C VAL Z 57 16.24 -6.73 64.61
N GLY Z 58 15.79 -5.79 65.43
CA GLY Z 58 15.16 -6.15 66.68
C GLY Z 58 13.79 -6.74 66.43
N SER Z 59 13.16 -6.33 65.34
CA SER Z 59 11.83 -6.82 64.98
C SER Z 59 11.46 -6.51 63.53
N VAL Z 60 10.52 -7.29 63.01
CA VAL Z 60 10.04 -7.11 61.64
C VAL Z 60 8.62 -7.58 61.43
N VAL Z 61 7.81 -6.73 60.79
CA VAL Z 61 6.45 -7.10 60.43
C VAL Z 61 6.60 -7.52 58.97
N ILE Z 62 6.23 -8.76 58.65
CA ILE Z 62 6.35 -9.24 57.28
C ILE Z 62 4.98 -9.45 56.65
N ARG Z 63 4.83 -9.00 55.40
CA ARG Z 63 3.58 -9.14 54.66
C ARG Z 63 3.48 -10.59 54.22
N GLY Z 64 2.36 -11.24 54.51
CA GLY Z 64 2.20 -12.63 54.12
C GLY Z 64 2.24 -12.82 52.62
N ASP Z 65 1.92 -11.75 51.90
CA ASP Z 65 1.91 -11.75 50.46
C ASP Z 65 3.23 -12.27 49.88
N THR Z 66 4.33 -11.89 50.53
CA THR Z 66 5.65 -12.30 50.10
C THR Z 66 6.22 -13.54 50.80
N VAL Z 67 5.38 -14.25 51.54
CA VAL Z 67 5.86 -15.43 52.25
C VAL Z 67 5.65 -16.70 51.43
N VAL Z 68 6.70 -17.50 51.26
CA VAL Z 68 6.61 -18.75 50.52
C VAL Z 68 6.38 -19.91 51.48
N PHE Z 69 7.09 -19.89 52.61
CA PHE Z 69 6.95 -20.94 53.61
C PHE Z 69 7.57 -20.53 54.93
N VAL Z 70 7.16 -21.23 55.98
CA VAL Z 70 7.67 -21.00 57.32
C VAL Z 70 7.96 -22.37 57.93
N SER Z 71 9.07 -22.47 58.65
CA SER Z 71 9.45 -23.73 59.30
C SER Z 71 10.30 -23.48 60.52
N PRO Z 72 10.28 -24.43 61.48
CA PRO Z 72 11.08 -24.29 62.70
C PRO Z 72 12.56 -24.49 62.39
N ALA Z 73 13.41 -23.72 63.06
CA ALA Z 73 14.85 -23.80 62.84
C ALA Z 73 15.40 -25.18 63.20
N PRO AA 2 -19.23 -35.28 40.19
CA PRO AA 2 -18.06 -34.38 39.98
C PRO AA 2 -17.17 -34.27 41.23
N PRO AA 3 -16.13 -35.12 41.32
CA PRO AA 3 -15.21 -35.12 42.46
C PRO AA 3 -14.60 -33.75 42.78
N ARG AA 4 -14.21 -33.55 44.03
CA ARG AA 4 -13.64 -32.27 44.48
C ARG AA 4 -12.15 -32.45 44.78
N PRO AA 5 -11.30 -31.56 44.24
CA PRO AA 5 -9.84 -31.58 44.43
C PRO AA 5 -9.37 -31.50 45.89
N LEU AA 6 -10.10 -30.79 46.73
CA LEU AA 6 -9.72 -30.68 48.14
C LEU AA 6 -9.87 -32.04 48.81
N ASP AA 7 -10.91 -32.77 48.44
CA ASP AA 7 -11.17 -34.11 48.99
C ASP AA 7 -10.06 -35.10 48.58
N VAL AA 8 -9.61 -34.97 47.34
CA VAL AA 8 -8.56 -35.85 46.83
C VAL AA 8 -7.26 -35.53 47.57
N LEU AA 9 -7.16 -34.31 48.06
CA LEU AA 9 -5.99 -33.84 48.78
C LEU AA 9 -6.02 -34.43 50.19
N ASN AA 10 -7.23 -34.61 50.72
CA ASN AA 10 -7.42 -35.16 52.05
C ASN AA 10 -7.02 -36.63 52.07
N ARG AA 11 -7.40 -37.35 51.01
CA ARG AA 11 -7.10 -38.77 50.88
C ARG AA 11 -5.60 -39.04 50.81
N SER AA 12 -4.82 -37.96 50.92
CA SER AA 12 -3.37 -38.07 50.88
C SER AA 12 -2.72 -37.65 52.18
N LEU AA 13 -3.55 -37.36 53.19
CA LEU AA 13 -3.06 -36.97 54.51
C LEU AA 13 -2.36 -38.15 55.20
N LYS AA 14 -1.24 -37.85 55.86
CA LYS AA 14 -0.46 -38.86 56.59
C LYS AA 14 0.25 -39.77 55.59
N SER AA 15 0.24 -39.35 54.33
CA SER AA 15 0.88 -40.08 53.24
C SER AA 15 1.94 -39.18 52.61
N PRO AA 16 2.86 -39.76 51.82
CA PRO AA 16 3.92 -38.98 51.17
C PRO AA 16 3.37 -38.23 49.95
N VAL AA 17 3.92 -37.04 49.69
CA VAL AA 17 3.47 -36.21 48.58
C VAL AA 17 4.58 -35.36 47.99
N ILE AA 18 4.34 -34.85 46.79
CA ILE AA 18 5.29 -33.98 46.11
C ILE AA 18 4.56 -32.67 45.90
N VAL AA 19 5.21 -31.57 46.26
CA VAL AA 19 4.61 -30.25 46.12
C VAL AA 19 5.56 -29.38 45.31
N ARG AA 20 5.07 -28.85 44.19
CA ARG AA 20 5.87 -27.96 43.35
C ARG AA 20 5.31 -26.55 43.48
N LEU AA 21 6.21 -25.58 43.63
CA LEU AA 21 5.84 -24.17 43.78
C LEU AA 21 6.39 -23.33 42.62
N LYS AA 22 6.20 -22.02 42.74
CA LYS AA 22 6.71 -21.08 41.75
C LYS AA 22 8.22 -21.07 41.93
N GLY AA 23 8.95 -20.65 40.90
CA GLY AA 23 10.39 -20.62 40.98
C GLY AA 23 11.00 -21.91 40.48
N GLY AA 24 10.31 -23.02 40.69
CA GLY AA 24 10.81 -24.31 40.25
C GLY AA 24 11.29 -25.21 41.37
N ARG AA 25 11.14 -24.74 42.61
CA ARG AA 25 11.56 -25.52 43.77
C ARG AA 25 10.49 -26.54 44.15
N GLU AA 26 10.89 -27.80 44.31
CA GLU AA 26 9.98 -28.88 44.67
C GLU AA 26 10.16 -29.29 46.13
N PHE AA 27 9.13 -29.94 46.69
CA PHE AA 27 9.17 -30.40 48.07
C PHE AA 27 8.69 -31.84 48.24
N ARG AA 28 9.32 -32.53 49.17
CA ARG AA 28 8.99 -33.91 49.49
C ARG AA 28 8.78 -34.01 51.01
N GLY AA 29 7.67 -34.63 51.41
CA GLY AA 29 7.37 -34.76 52.83
C GLY AA 29 5.99 -35.36 53.05
N THR AA 30 5.55 -35.41 54.30
CA THR AA 30 4.24 -35.95 54.60
C THR AA 30 3.23 -34.84 54.81
N LEU AA 31 2.12 -34.95 54.07
CA LEU AA 31 1.05 -33.98 54.15
C LEU AA 31 0.33 -34.12 55.48
N ASP AA 32 0.49 -33.14 56.35
CA ASP AA 32 -0.16 -33.17 57.65
C ASP AA 32 -1.47 -32.40 57.58
N GLY AA 33 -1.43 -31.21 56.99
CA GLY AA 33 -2.63 -30.41 56.89
C GLY AA 33 -2.70 -29.44 55.73
N TYR AA 34 -3.91 -28.96 55.47
CA TYR AA 34 -4.16 -28.01 54.40
C TYR AA 34 -5.51 -27.35 54.67
N ASP AA 35 -5.90 -26.41 53.81
CA ASP AA 35 -7.18 -25.75 53.94
C ASP AA 35 -7.68 -25.36 52.56
N ILE AA 36 -8.80 -24.63 52.54
CA ILE AA 36 -9.43 -24.15 51.31
C ILE AA 36 -8.48 -23.32 50.42
N HIS AA 37 -7.63 -22.52 51.05
CA HIS AA 37 -6.66 -21.67 50.34
C HIS AA 37 -5.49 -22.45 49.73
N MET AA 38 -5.36 -23.72 50.11
CA MET AA 38 -4.30 -24.59 49.62
C MET AA 38 -3.01 -24.41 50.42
N ASN AA 39 -3.09 -23.80 51.60
CA ASN AA 39 -1.90 -23.66 52.43
C ASN AA 39 -1.61 -25.08 52.92
N LEU AA 40 -0.32 -25.44 52.95
CA LEU AA 40 0.08 -26.78 53.33
C LEU AA 40 0.89 -26.86 54.61
N VAL AA 41 1.01 -28.09 55.11
CA VAL AA 41 1.78 -28.40 56.31
C VAL AA 41 2.49 -29.71 56.00
N LEU AA 42 3.81 -29.67 55.88
CA LEU AA 42 4.55 -30.89 55.57
C LEU AA 42 5.46 -31.31 56.72
N LEU AA 43 5.54 -32.61 56.94
CA LEU AA 43 6.35 -33.17 58.01
C LEU AA 43 7.50 -33.96 57.40
N ASP AA 44 8.66 -33.94 58.06
CA ASP AA 44 9.85 -34.65 57.56
C ASP AA 44 10.02 -34.35 56.09
N ALA AA 45 10.23 -33.09 55.77
CA ALA AA 45 10.36 -32.66 54.39
C ALA AA 45 11.73 -32.15 53.97
N GLU AA 46 12.05 -32.42 52.71
CA GLU AA 46 13.30 -32.01 52.10
C GLU AA 46 12.98 -31.48 50.70
N GLU AA 47 13.83 -30.58 50.20
CA GLU AA 47 13.64 -29.99 48.89
C GLU AA 47 14.26 -30.86 47.80
N ILE AA 48 13.53 -31.09 46.69
CA ILE AA 48 13.93 -31.98 45.55
C ILE AA 48 14.22 -31.31 44.21
N GLN AA 49 15.46 -31.38 43.75
CA GLN AA 49 15.76 -30.92 42.44
C GLN AA 49 16.43 -32.06 41.76
N ASN AA 50 15.59 -32.76 41.06
CA ASN AA 50 15.97 -33.90 40.33
C ASN AA 50 17.17 -34.63 40.90
N GLY AA 51 17.14 -35.34 42.00
CA GLY AA 51 18.40 -36.03 42.33
C GLY AA 51 18.77 -36.03 43.79
N GLU AA 52 18.37 -35.00 44.48
CA GLU AA 52 18.70 -34.93 45.89
C GLU AA 52 17.94 -33.86 46.67
N VAL AA 53 18.27 -33.80 47.99
CA VAL AA 53 17.76 -32.81 48.96
C VAL AA 53 18.76 -31.68 48.91
N VAL AA 54 18.24 -30.47 48.87
CA VAL AA 54 19.08 -29.27 48.79
C VAL AA 54 18.93 -28.51 50.09
N ARG AA 55 17.96 -28.92 50.91
CA ARG AA 55 17.72 -28.30 52.19
C ARG AA 55 16.86 -29.26 53.01
N LYS AA 56 16.82 -29.08 54.32
CA LYS AA 56 16.01 -29.94 55.18
C LYS AA 56 15.23 -29.15 56.22
N VAL AA 57 14.03 -29.64 56.51
CA VAL AA 57 13.17 -29.01 57.51
C VAL AA 57 12.23 -30.03 58.13
N GLY AA 58 12.17 -30.06 59.45
CA GLY AA 58 11.31 -31.00 60.14
C GLY AA 58 9.87 -30.81 59.73
N SER AA 59 9.50 -29.56 59.46
CA SER AA 59 8.14 -29.24 59.07
C SER AA 59 8.05 -27.85 58.46
N VAL AA 60 7.11 -27.69 57.55
CA VAL AA 60 6.90 -26.40 56.90
C VAL AA 60 5.43 -26.08 56.70
N VAL AA 61 5.16 -24.79 56.59
CA VAL AA 61 3.83 -24.29 56.31
C VAL AA 61 4.03 -23.50 55.03
N ILE AA 62 3.51 -24.05 53.94
CA ILE AA 62 3.62 -23.42 52.62
C ILE AA 62 2.33 -22.67 52.24
N ARG AA 63 2.49 -21.45 51.78
CA ARG AA 63 1.37 -20.64 51.34
C ARG AA 63 0.85 -21.26 50.03
N GLY AA 64 -0.45 -21.53 49.96
CA GLY AA 64 -1.02 -22.11 48.75
C GLY AA 64 -0.80 -21.13 47.60
N ASP AA 65 -0.69 -19.87 47.98
CA ASP AA 65 -0.47 -18.77 47.05
C ASP AA 65 0.70 -19.07 46.12
N THR AA 66 1.62 -19.92 46.59
CA THR AA 66 2.82 -20.28 45.83
C THR AA 66 2.78 -21.70 45.28
N VAL AA 67 1.70 -22.42 45.55
CA VAL AA 67 1.60 -23.81 45.10
C VAL AA 67 1.04 -23.99 43.69
N VAL AA 68 1.68 -24.87 42.92
CA VAL AA 68 1.26 -25.17 41.56
C VAL AA 68 0.49 -26.49 41.59
N PHE AA 69 1.03 -27.49 42.27
CA PHE AA 69 0.35 -28.77 42.35
C PHE AA 69 0.88 -29.66 43.48
N VAL AA 70 0.06 -30.63 43.87
CA VAL AA 70 0.39 -31.59 44.90
C VAL AA 70 0.03 -32.98 44.39
N SER AA 71 0.98 -33.91 44.43
CA SER AA 71 0.71 -35.27 43.98
C SER AA 71 1.35 -36.29 44.92
N PRO AA 72 0.62 -37.36 45.23
CA PRO AA 72 1.21 -38.37 46.13
C PRO AA 72 2.42 -39.01 45.45
N ALA AA 73 3.57 -38.92 46.11
CA ALA AA 73 4.80 -39.49 45.57
C ALA AA 73 4.72 -41.01 45.45
N PRO BA 2 -24.71 -17.61 28.19
CA PRO BA 2 -25.44 -18.53 29.09
C PRO BA 2 -24.83 -19.93 29.19
N PRO BA 3 -24.42 -20.54 28.06
CA PRO BA 3 -23.85 -21.87 28.20
C PRO BA 3 -22.63 -21.82 29.15
N ARG BA 4 -22.65 -22.64 30.19
CA ARG BA 4 -21.61 -22.67 31.20
C ARG BA 4 -20.33 -23.42 30.83
N PRO BA 5 -19.15 -22.83 31.14
CA PRO BA 5 -17.80 -23.34 30.88
C PRO BA 5 -17.40 -24.55 31.73
N LEU BA 6 -18.01 -24.69 32.89
CA LEU BA 6 -17.67 -25.80 33.77
C LEU BA 6 -18.38 -27.10 33.36
N ASP BA 7 -19.50 -26.97 32.65
CA ASP BA 7 -20.22 -28.14 32.21
C ASP BA 7 -19.35 -28.86 31.19
N VAL BA 8 -18.65 -28.07 30.38
CA VAL BA 8 -17.76 -28.63 29.37
C VAL BA 8 -16.69 -29.41 30.11
N LEU BA 9 -16.21 -28.81 31.19
CA LEU BA 9 -15.19 -29.42 32.03
C LEU BA 9 -15.77 -30.75 32.54
N ASN BA 10 -17.04 -30.74 32.87
CA ASN BA 10 -17.73 -31.92 33.38
C ASN BA 10 -17.73 -33.03 32.35
N ARG BA 11 -18.37 -32.78 31.21
CA ARG BA 11 -18.47 -33.75 30.12
C ARG BA 11 -17.11 -34.36 29.78
N SER BA 12 -16.05 -33.77 30.31
CA SER BA 12 -14.70 -34.24 30.06
C SER BA 12 -14.16 -35.12 31.19
N LEU BA 13 -15.00 -35.45 32.17
CA LEU BA 13 -14.56 -36.31 33.28
C LEU BA 13 -14.21 -37.67 32.72
N LYS BA 14 -13.14 -38.27 33.29
CA LYS BA 14 -12.75 -39.61 32.85
C LYS BA 14 -12.14 -39.65 31.46
N SER BA 15 -12.18 -38.57 30.75
CA SER BA 15 -11.61 -38.48 29.42
C SER BA 15 -10.29 -37.68 29.48
N PRO BA 16 -9.39 -37.94 28.50
CA PRO BA 16 -8.11 -37.21 28.41
C PRO BA 16 -8.24 -35.75 28.29
N VAL BA 17 -7.29 -35.01 28.85
CA VAL BA 17 -7.28 -33.57 28.69
C VAL BA 17 -5.86 -33.03 28.66
N ILE BA 18 -5.72 -31.76 28.28
CA ILE BA 18 -4.43 -31.08 28.28
C ILE BA 18 -4.64 -29.78 29.06
N VAL BA 19 -3.72 -29.52 29.98
CA VAL BA 19 -3.80 -28.33 30.81
C VAL BA 19 -2.52 -27.53 30.67
N ARG BA 20 -2.65 -26.24 30.40
CA ARG BA 20 -1.47 -25.40 30.29
C ARG BA 20 -1.49 -24.54 31.54
N LEU BA 21 -0.31 -24.35 32.12
CA LEU BA 21 -0.19 -23.56 33.34
C LEU BA 21 0.66 -22.34 33.05
N LYS BA 22 0.75 -21.44 34.02
CA LYS BA 22 1.57 -20.24 33.89
C LYS BA 22 3.02 -20.70 33.90
N GLY BA 23 3.82 -20.12 33.01
CA GLY BA 23 5.22 -20.49 32.94
C GLY BA 23 5.48 -21.42 31.78
N GLY BA 24 4.51 -21.52 30.88
CA GLY BA 24 4.66 -22.39 29.73
C GLY BA 24 4.57 -23.87 30.05
N ARG BA 25 4.33 -24.19 31.31
CA ARG BA 25 4.21 -25.58 31.73
C ARG BA 25 2.93 -26.22 31.17
N GLU BA 26 2.97 -27.54 30.97
CA GLU BA 26 1.80 -28.23 30.42
C GLU BA 26 1.59 -29.61 31.02
N PHE BA 27 0.36 -30.10 30.93
CA PHE BA 27 0.00 -31.39 31.47
C PHE BA 27 -0.93 -32.19 30.60
N ARG BA 28 -0.58 -33.45 30.39
CA ARG BA 28 -1.41 -34.35 29.62
C ARG BA 28 -1.80 -35.40 30.64
N GLY BA 29 -3.10 -35.56 30.84
CA GLY BA 29 -3.55 -36.55 31.81
C GLY BA 29 -5.04 -36.77 31.69
N THR BA 30 -5.60 -37.54 32.60
CA THR BA 30 -7.03 -37.81 32.58
C THR BA 30 -7.70 -36.92 33.60
N LEU BA 31 -8.61 -36.06 33.15
CA LEU BA 31 -9.33 -35.18 34.06
C LEU BA 31 -10.10 -36.08 35.01
N ASP BA 32 -10.26 -35.68 36.25
CA ASP BA 32 -10.97 -36.50 37.22
C ASP BA 32 -11.83 -35.65 38.16
N GLY BA 33 -11.35 -34.45 38.44
CA GLY BA 33 -12.09 -33.58 39.33
C GLY BA 33 -11.77 -32.13 39.05
N TYR BA 34 -12.59 -31.24 39.57
CA TYR BA 34 -12.40 -29.81 39.39
C TYR BA 34 -13.40 -29.11 40.28
N ASP BA 35 -13.20 -27.81 40.52
CA ASP BA 35 -14.12 -27.02 41.32
C ASP BA 35 -14.34 -25.67 40.66
N ILE BA 36 -15.24 -24.87 41.22
CA ILE BA 36 -15.58 -23.56 40.66
C ILE BA 36 -14.37 -22.62 40.47
N HIS BA 37 -13.28 -22.89 41.19
CA HIS BA 37 -12.04 -22.08 41.09
C HIS BA 37 -11.17 -22.58 39.95
N MET BA 38 -11.58 -23.70 39.36
CA MET BA 38 -10.85 -24.34 38.27
C MET BA 38 -9.63 -25.10 38.81
N ASN BA 39 -9.74 -25.58 40.05
CA ASN BA 39 -8.68 -26.40 40.65
C ASN BA 39 -8.95 -27.72 39.99
N LEU BA 40 -7.90 -28.46 39.63
CA LEU BA 40 -8.08 -29.72 38.94
C LEU BA 40 -7.41 -30.93 39.56
N VAL BA 41 -7.90 -32.09 39.17
CA VAL BA 41 -7.35 -33.37 39.60
C VAL BA 41 -7.20 -34.25 38.33
N LEU BA 42 -5.97 -34.54 37.96
CA LEU BA 42 -5.70 -35.39 36.81
C LEU BA 42 -5.16 -36.75 37.27
N LEU BA 43 -5.52 -37.81 36.56
CA LEU BA 43 -5.06 -39.16 36.89
C LEU BA 43 -4.16 -39.72 35.79
N ASP BA 44 -3.06 -40.37 36.19
CA ASP BA 44 -2.11 -40.93 35.24
C ASP BA 44 -1.79 -39.85 34.20
N ALA BA 45 -0.95 -38.89 34.61
CA ALA BA 45 -0.59 -37.78 33.76
C ALA BA 45 0.91 -37.54 33.66
N GLU BA 46 1.32 -36.95 32.54
CA GLU BA 46 2.71 -36.63 32.30
C GLU BA 46 2.85 -35.12 32.44
N GLU BA 47 3.99 -34.68 32.94
CA GLU BA 47 4.22 -33.26 33.06
C GLU BA 47 5.06 -32.88 31.86
N ILE BA 48 4.40 -32.45 30.79
CA ILE BA 48 5.11 -32.06 29.57
C ILE BA 48 5.80 -30.71 29.79
N GLN BA 49 6.71 -30.36 28.89
CA GLN BA 49 7.44 -29.09 28.96
C GLN BA 49 8.43 -29.03 27.80
N ASN BA 50 8.00 -28.43 26.70
CA ASN BA 50 8.80 -28.30 25.49
C ASN BA 50 8.83 -29.61 24.71
N GLY BA 51 7.66 -30.15 24.44
CA GLY BA 51 7.54 -31.39 23.69
C GLY BA 51 8.34 -32.52 24.30
N GLU BA 52 8.19 -32.72 25.61
CA GLU BA 52 8.93 -33.78 26.29
C GLU BA 52 8.43 -34.07 27.70
N VAL BA 53 8.00 -35.31 27.92
CA VAL BA 53 7.50 -35.74 29.22
C VAL BA 53 8.61 -35.65 30.26
N VAL BA 54 8.64 -34.55 31.02
CA VAL BA 54 9.65 -34.34 32.05
C VAL BA 54 9.58 -35.36 33.17
N ARG BA 55 8.35 -35.74 33.54
CA ARG BA 55 8.15 -36.72 34.61
C ARG BA 55 6.75 -37.29 34.51
N LYS BA 56 6.39 -38.16 35.44
CA LYS BA 56 5.07 -38.79 35.43
C LYS BA 56 4.51 -38.91 36.84
N VAL BA 57 3.19 -38.94 36.96
CA VAL BA 57 2.53 -39.06 38.27
C VAL BA 57 1.28 -39.93 38.21
N GLY BA 58 0.98 -40.62 39.30
CA GLY BA 58 -0.19 -41.47 39.34
C GLY BA 58 -1.45 -40.63 39.51
N SER BA 59 -1.27 -39.40 39.99
CA SER BA 59 -2.37 -38.47 40.21
C SER BA 59 -1.77 -37.10 40.46
N VAL BA 60 -2.60 -36.07 40.45
CA VAL BA 60 -2.10 -34.73 40.68
C VAL BA 60 -3.19 -33.69 40.90
N VAL BA 61 -3.05 -32.92 41.96
CA VAL BA 61 -4.00 -31.87 42.27
C VAL BA 61 -3.38 -30.57 41.76
N ILE BA 62 -4.10 -29.87 40.90
CA ILE BA 62 -3.58 -28.63 40.34
C ILE BA 62 -4.32 -27.40 40.87
N ARG BA 63 -3.57 -26.38 41.26
CA ARG BA 63 -4.15 -25.14 41.76
C ARG BA 63 -4.70 -24.37 40.57
N GLY BA 64 -6.00 -24.08 40.60
CA GLY BA 64 -6.63 -23.37 39.50
C GLY BA 64 -5.97 -22.05 39.15
N ASP BA 65 -5.39 -21.42 40.16
CA ASP BA 65 -4.70 -20.14 40.04
C ASP BA 65 -3.59 -20.15 39.00
N THR BA 66 -2.96 -21.31 38.83
CA THR BA 66 -1.86 -21.49 37.87
C THR BA 66 -2.37 -21.89 36.49
N VAL BA 67 -3.62 -22.34 36.44
CA VAL BA 67 -4.25 -22.79 35.21
C VAL BA 67 -4.56 -21.73 34.16
N VAL BA 68 -4.04 -21.94 32.95
CA VAL BA 68 -4.31 -21.03 31.85
C VAL BA 68 -5.54 -21.57 31.13
N PHE BA 69 -5.46 -22.82 30.68
CA PHE BA 69 -6.59 -23.44 30.02
C PHE BA 69 -6.59 -24.96 30.07
N VAL BA 70 -7.74 -25.53 29.71
CA VAL BA 70 -7.95 -26.97 29.71
C VAL BA 70 -8.71 -27.37 28.45
N SER BA 71 -8.21 -28.37 27.74
CA SER BA 71 -8.89 -28.86 26.55
C SER BA 71 -8.65 -30.37 26.36
N PRO BA 72 -9.68 -31.09 25.92
CA PRO BA 72 -9.55 -32.54 25.70
C PRO BA 72 -8.53 -32.87 24.60
N ALA BA 73 -7.81 -33.98 24.77
CA ALA BA 73 -6.80 -34.40 23.79
C ALA BA 73 -7.30 -35.63 23.04
C1 CIT CA . -14.74 8.34 -6.34
O1 CIT CA . -14.21 8.96 -7.07
O2 CIT CA . -15.85 7.91 -6.39
C2 CIT CA . -14.06 7.86 -5.03
C3 CIT CA . -12.80 6.92 -5.02
O7 CIT CA . -13.11 5.66 -5.70
C4 CIT CA . -11.64 7.58 -5.84
C5 CIT CA . -10.33 6.77 -5.93
O3 CIT CA . -9.37 7.39 -6.64
O4 CIT CA . -10.10 5.68 -5.47
C6 CIT CA . -12.42 6.65 -3.56
O5 CIT CA . -12.30 7.67 -2.79
O6 CIT CA . -12.24 5.45 -3.18
C1 CIT DA . -12.74 -13.50 -25.76
O1 CIT DA . -12.81 -14.48 -26.26
O2 CIT DA . -11.85 -13.02 -25.16
C2 CIT DA . -13.96 -12.53 -25.78
C3 CIT DA . -13.84 -11.09 -26.40
O7 CIT DA . -12.84 -10.29 -25.68
C4 CIT DA . -13.33 -11.19 -27.89
C5 CIT DA . -13.15 -9.87 -28.63
O3 CIT DA . -12.71 -9.99 -29.87
O4 CIT DA . -13.38 -8.77 -28.21
C6 CIT DA . -15.20 -10.42 -26.27
O5 CIT DA . -16.18 -10.97 -26.86
O6 CIT DA . -15.28 -9.35 -25.56
#